data_4RJE
#
_entry.id   4RJE
#
_cell.length_a   122.593
_cell.length_b   124.355
_cell.length_c   106.885
_cell.angle_alpha   90.00
_cell.angle_beta   124.29
_cell.angle_gamma   90.00
#
_symmetry.space_group_name_H-M   'C 1 2 1'
#
loop_
_entity.id
_entity.type
_entity.pdbx_description
1 polymer 'Lactate oxidase'
2 non-polymer 1-DEOXY-1-(7,8-DIMETHYL-2,4-DIOXO-3,4-DIHYDRO-2H-BENZO[G]PTERIDIN-1-ID-10(5H)-YL)-5-O-PHOSPHONATO-D-RIBITOL
3 non-polymer 'PYRUVIC ACID'
4 non-polymer 1,2-ETHANEDIOL
5 water water
#
_entity_poly.entity_id   1
_entity_poly.type   'polypeptide(L)'
_entity_poly.pdbx_seq_one_letter_code
;MNNNDIEYNAPSEIKYIDVVNTYDLEEEASKVVPHGGFNYIAGASGDEWTKRANDRAWKHKLLYPRLAQDVEAPDTSTEI
LGHKIKAPFIMAPIGAHGLAHATKEAGTARAVSEFGTIMSISAYSGATFEEISEGLNGGPRWFQIYMAKDDQQNRDILDE
AKGDGATAIILTADSTVSGNRDRDVKNKFVYPFGMPIVQRYLRGTAEGMSLNNIYGASKQKISPRDIEEIAAHSGLPVFV
KGIQHPEDADMAIKAGASGIWVSNHGARQLYEAPGSFDTLPAIAERVNKRVPIVFDSGVRRGEHVAKALASGADVVALGR
PVLFGLALGGWQGAYSVLDYFQKDLTRVMQLTGSQNVEDLKGLDLFDNPYGYEY
;
_entity_poly.pdbx_strand_id   A,B,C,D
#
loop_
_chem_comp.id
_chem_comp.type
_chem_comp.name
_chem_comp.formula
EDO non-polymer 1,2-ETHANEDIOL 'C2 H6 O2'
FNR non-polymer 1-DEOXY-1-(7,8-DIMETHYL-2,4-DIOXO-3,4-DIHYDRO-2H-BENZO[G]PTERIDIN-1-ID-10(5H)-YL)-5-O-PHOSPHONATO-D-RIBITOL 'C17 H23 N4 O9 P'
PYR non-polymer 'PYRUVIC ACID' 'C3 H4 O3'
#
# COMPACT_ATOMS: atom_id res chain seq x y z
N ILE A 6 29.62 6.89 31.37
CA ILE A 6 28.91 8.18 31.16
C ILE A 6 29.69 9.25 30.35
N GLU A 7 30.78 8.86 29.69
CA GLU A 7 31.48 9.77 28.75
C GLU A 7 30.45 10.30 27.78
N TYR A 8 30.42 11.60 27.56
CA TYR A 8 29.46 12.19 26.60
C TYR A 8 29.91 13.54 26.09
N ASN A 9 30.09 13.63 24.78
CA ASN A 9 30.68 14.75 24.11
C ASN A 9 29.73 15.36 23.06
N ALA A 10 28.77 16.15 23.54
CA ALA A 10 27.83 16.81 22.66
C ALA A 10 28.56 17.86 21.82
N PRO A 11 28.04 18.14 20.62
CA PRO A 11 28.63 19.19 19.84
C PRO A 11 28.51 20.57 20.52
N SER A 12 29.39 21.50 20.17
CA SER A 12 29.42 22.80 20.83
C SER A 12 29.41 23.98 19.90
N GLU A 13 29.40 23.77 18.60
CA GLU A 13 29.52 24.93 17.72
C GLU A 13 28.19 25.67 17.58
N ILE A 14 28.26 27.00 17.45
CA ILE A 14 27.06 27.82 17.38
C ILE A 14 27.04 28.50 16.01
N LYS A 15 26.01 28.24 15.22
CA LYS A 15 25.94 28.81 13.86
C LYS A 15 24.53 28.67 13.36
N TYR A 16 24.15 29.57 12.45
CA TYR A 16 22.89 29.43 11.73
C TYR A 16 23.08 28.35 10.69
N ILE A 17 22.00 27.67 10.33
CA ILE A 17 22.05 26.59 9.35
C ILE A 17 21.02 26.87 8.24
N ASP A 18 21.31 26.41 7.03
CA ASP A 18 20.38 26.58 5.92
C ASP A 18 19.48 25.34 5.87
N VAL A 19 18.22 25.49 6.27
CA VAL A 19 17.32 24.36 6.35
C VAL A 19 16.54 24.30 5.05
N VAL A 20 16.74 23.24 4.29
CA VAL A 20 16.00 23.01 3.03
C VAL A 20 14.71 22.27 3.38
N ASN A 21 14.86 21.26 4.26
CA ASN A 21 13.74 20.61 4.89
C ASN A 21 14.20 20.06 6.24
N THR A 22 13.26 19.74 7.11
CA THR A 22 13.66 19.23 8.44
C THR A 22 14.07 17.76 8.46
N TYR A 23 13.71 16.99 7.45
CA TYR A 23 14.00 15.57 7.47
C TYR A 23 15.51 15.37 7.38
N ASP A 24 16.12 16.19 6.54
CA ASP A 24 17.54 16.10 6.32
C ASP A 24 18.37 16.39 7.58
N LEU A 25 17.82 17.14 8.54
CA LEU A 25 18.53 17.43 9.82
C LEU A 25 18.84 16.19 10.64
N GLU A 26 18.06 15.12 10.45
CA GLU A 26 18.25 13.91 11.24
C GLU A 26 19.61 13.27 10.91
N GLU A 27 19.85 12.95 9.63
CA GLU A 27 21.15 12.41 9.17
C GLU A 27 22.28 13.38 9.50
N GLU A 28 22.04 14.68 9.31
CA GLU A 28 23.11 15.67 9.56
C GLU A 28 23.51 15.66 11.04
N ALA A 29 22.51 15.70 11.92
CA ALA A 29 22.79 15.60 13.38
C ALA A 29 23.48 14.31 13.79
N SER A 30 23.20 13.19 13.11
CA SER A 30 23.83 11.92 13.45
C SER A 30 25.33 11.93 13.30
N LYS A 31 25.83 12.81 12.44
CA LYS A 31 27.27 12.94 12.24
C LYS A 31 28.04 13.53 13.42
N VAL A 32 27.36 14.29 14.27
CA VAL A 32 27.99 15.06 15.34
C VAL A 32 27.50 14.76 16.76
N VAL A 33 26.35 14.11 16.90
CA VAL A 33 25.85 13.74 18.22
C VAL A 33 26.34 12.34 18.59
N PRO A 34 26.84 12.13 19.84
CA PRO A 34 27.24 10.77 20.21
C PRO A 34 26.16 9.71 19.95
N HIS A 35 26.61 8.55 19.50
CA HIS A 35 25.70 7.45 19.07
C HIS A 35 24.49 7.18 20.00
N GLY A 36 24.76 6.90 21.27
CA GLY A 36 23.68 6.57 22.18
C GLY A 36 22.67 7.67 22.31
N GLY A 37 23.14 8.88 22.53
CA GLY A 37 22.23 10.01 22.72
C GLY A 37 21.49 10.35 21.42
N PHE A 38 22.19 10.25 20.30
CA PHE A 38 21.53 10.52 19.02
C PHE A 38 20.34 9.56 18.82
N ASN A 39 20.59 8.28 19.08
CA ASN A 39 19.57 7.25 18.90
C ASN A 39 18.48 7.33 19.99
N TYR A 40 18.83 7.84 21.16
CA TYR A 40 17.80 8.19 22.16
C TYR A 40 16.86 9.28 21.64
N ILE A 41 17.42 10.31 20.98
CA ILE A 41 16.59 11.38 20.41
C ILE A 41 15.79 10.92 19.23
N ALA A 42 16.42 10.19 18.32
CA ALA A 42 15.80 9.89 17.02
C ALA A 42 14.81 8.73 17.11
N GLY A 43 15.09 7.80 18.02
CA GLY A 43 14.35 6.55 18.00
C GLY A 43 12.97 6.56 18.60
N ALA A 44 12.30 5.44 18.45
CA ALA A 44 10.93 5.28 18.90
C ALA A 44 10.66 3.80 19.27
N SER A 45 9.43 3.49 19.65
CA SER A 45 9.12 2.18 20.15
C SER A 45 9.06 1.13 19.06
N GLY A 46 9.36 -0.08 19.49
CA GLY A 46 9.32 -1.25 18.62
C GLY A 46 10.19 -1.10 17.40
N ASP A 47 9.64 -1.46 16.22
CA ASP A 47 10.31 -1.22 14.95
C ASP A 47 9.98 0.16 14.35
N GLU A 48 9.45 1.05 15.18
CA GLU A 48 9.18 2.43 14.81
C GLU A 48 8.03 2.60 13.81
N TRP A 49 7.21 1.56 13.64
CA TRP A 49 6.04 1.67 12.75
C TRP A 49 5.11 2.86 13.11
N THR A 50 4.95 3.14 14.41
CA THR A 50 4.09 4.26 14.82
C THR A 50 4.77 5.62 14.60
N LYS A 51 6.12 5.68 14.65
CA LYS A 51 6.81 6.90 14.24
C LYS A 51 6.58 7.16 12.76
N ARG A 52 6.63 6.08 11.97
CA ARG A 52 6.37 6.18 10.56
C ARG A 52 4.92 6.61 10.35
N ALA A 53 4.02 6.10 11.18
CA ALA A 53 2.61 6.44 11.05
C ALA A 53 2.39 7.92 11.34
N ASN A 54 3.07 8.44 12.36
CA ASN A 54 3.00 9.85 12.66
C ASN A 54 3.34 10.65 11.40
N ASP A 55 4.37 10.23 10.66
CA ASP A 55 4.79 10.95 9.47
C ASP A 55 3.86 10.77 8.27
N ARG A 56 3.42 9.55 8.06
CA ARG A 56 2.60 9.28 6.90
C ARG A 56 1.15 9.73 7.07
N ALA A 57 0.72 9.98 8.32
CA ALA A 57 -0.65 10.47 8.56
C ALA A 57 -0.94 11.78 7.83
N TRP A 58 0.08 12.61 7.67
CA TRP A 58 -0.03 13.87 6.96
C TRP A 58 -0.52 13.72 5.53
N LYS A 59 -0.34 12.55 4.93
CA LYS A 59 -0.78 12.34 3.55
C LYS A 59 -2.25 11.88 3.49
N HIS A 60 -2.86 11.67 4.66
CA HIS A 60 -4.30 11.27 4.70
C HIS A 60 -5.26 12.37 4.40
N LYS A 61 -4.83 13.59 4.68
CA LYS A 61 -5.62 14.77 4.48
C LYS A 61 -4.72 15.76 3.71
N LEU A 62 -5.15 16.16 2.53
CA LEU A 62 -4.30 16.97 1.65
C LEU A 62 -4.81 18.41 1.46
N LEU A 63 -3.89 19.34 1.34
CA LEU A 63 -4.22 20.78 1.18
C LEU A 63 -4.62 21.11 -0.25
N TYR A 64 -5.58 22.00 -0.41
CA TYR A 64 -5.93 22.53 -1.74
C TYR A 64 -5.21 23.85 -1.97
N PRO A 65 -4.51 24.00 -3.12
CA PRO A 65 -4.18 25.38 -3.50
C PRO A 65 -5.46 26.16 -3.84
N ARG A 66 -5.51 27.45 -3.50
CA ARG A 66 -6.68 28.28 -3.85
C ARG A 66 -6.18 29.53 -4.54
N LEU A 67 -6.98 29.99 -5.52
CA LEU A 67 -6.58 31.02 -6.48
C LEU A 67 -7.44 32.29 -6.38
N ALA A 68 -6.84 33.43 -6.71
CA ALA A 68 -7.52 34.74 -6.71
C ALA A 68 -8.21 34.99 -5.36
N GLN A 69 -7.51 34.69 -4.27
CA GLN A 69 -8.06 34.78 -2.96
C GLN A 69 -7.90 36.17 -2.34
N ASP A 70 -7.26 37.10 -3.03
CA ASP A 70 -7.04 38.47 -2.53
C ASP A 70 -6.24 38.40 -1.20
N VAL A 71 -5.19 37.60 -1.23
CA VAL A 71 -4.33 37.36 -0.09
C VAL A 71 -2.89 37.77 -0.43
N GLU A 72 -2.24 38.42 0.52
CA GLU A 72 -0.83 38.77 0.41
C GLU A 72 -0.28 38.95 1.83
N ALA A 73 0.98 38.59 2.03
CA ALA A 73 1.66 38.81 3.31
C ALA A 73 0.89 38.16 4.47
N PRO A 74 0.75 36.83 4.43
CA PRO A 74 0.01 36.13 5.50
C PRO A 74 0.61 36.41 6.85
N ASP A 75 -0.26 36.49 7.85
CA ASP A 75 0.11 36.84 9.23
C ASP A 75 0.03 35.54 10.04
N THR A 76 1.18 35.09 10.52
CA THR A 76 1.25 33.83 11.28
C THR A 76 1.03 34.03 12.77
N SER A 77 0.79 35.27 13.22
CA SER A 77 0.73 35.51 14.67
C SER A 77 -0.53 34.91 15.27
N THR A 78 -0.47 34.53 16.54
CA THR A 78 -1.66 34.01 17.20
C THR A 78 -1.52 34.24 18.71
N GLU A 79 -2.49 33.74 19.46
CA GLU A 79 -2.52 33.91 20.91
C GLU A 79 -3.06 32.65 21.54
N ILE A 80 -2.47 32.25 22.66
CA ILE A 80 -2.96 31.08 23.38
C ILE A 80 -2.79 31.38 24.87
N LEU A 81 -3.90 31.20 25.58
CA LEU A 81 -4.01 31.50 27.02
C LEU A 81 -3.32 32.82 27.35
N GLY A 82 -3.66 33.86 26.59
CA GLY A 82 -3.09 35.19 26.79
C GLY A 82 -1.66 35.48 26.34
N HIS A 83 -0.94 34.49 25.83
CA HIS A 83 0.39 34.74 25.27
C HIS A 83 0.25 35.01 23.79
N LYS A 84 0.77 36.14 23.36
CA LYS A 84 0.82 36.46 21.94
C LYS A 84 2.11 35.94 21.39
N ILE A 85 2.02 35.05 20.40
CA ILE A 85 3.20 34.39 19.84
C ILE A 85 3.31 34.62 18.34
N LYS A 86 4.53 34.50 17.84
CA LYS A 86 4.84 34.99 16.49
C LYS A 86 4.28 34.05 15.41
N ALA A 87 4.09 32.80 15.81
CA ALA A 87 3.60 31.76 14.90
C ALA A 87 2.86 30.71 15.72
N PRO A 88 1.99 29.89 15.08
CA PRO A 88 1.18 28.94 15.85
C PRO A 88 1.89 27.64 16.20
N PHE A 89 3.10 27.80 16.71
CA PHE A 89 3.84 26.67 17.21
C PHE A 89 4.64 27.10 18.42
N ILE A 90 4.84 26.14 19.32
CA ILE A 90 5.60 26.28 20.55
C ILE A 90 6.62 25.16 20.67
N MET A 91 7.54 25.28 21.63
CA MET A 91 8.50 24.24 21.83
C MET A 91 7.93 23.15 22.71
N ALA A 92 7.99 21.90 22.27
CA ALA A 92 7.56 20.78 23.13
C ALA A 92 8.49 20.58 24.31
N PRO A 93 7.95 20.06 25.41
CA PRO A 93 8.82 19.71 26.51
C PRO A 93 9.63 18.49 26.22
N ILE A 94 10.94 18.64 26.35
CA ILE A 94 11.91 17.58 26.05
C ILE A 94 13.02 17.69 27.12
N GLY A 95 13.33 16.59 27.78
CA GLY A 95 14.41 16.60 28.75
C GLY A 95 15.78 16.46 28.13
N ALA A 96 16.81 16.60 28.94
CA ALA A 96 18.18 16.25 28.53
C ALA A 96 18.64 16.86 27.20
N HIS A 97 18.42 18.17 26.99
CA HIS A 97 18.84 18.78 25.74
C HIS A 97 20.36 18.70 25.60
N GLY A 98 21.08 18.55 26.71
CA GLY A 98 22.53 18.33 26.63
C GLY A 98 22.95 17.10 25.85
N LEU A 99 22.03 16.19 25.58
CA LEU A 99 22.37 15.12 24.64
C LEU A 99 22.58 15.64 23.22
N ALA A 100 21.90 16.71 22.87
CA ALA A 100 22.02 17.31 21.54
C ALA A 100 23.14 18.35 21.42
N HIS A 101 23.31 19.18 22.45
CA HIS A 101 24.31 20.28 22.40
C HIS A 101 24.78 20.67 23.77
N ALA A 102 26.06 21.05 23.86
CA ALA A 102 26.68 21.44 25.14
C ALA A 102 25.99 22.57 25.87
N THR A 103 25.31 23.46 25.15
CA THR A 103 24.64 24.61 25.72
C THR A 103 23.28 24.19 26.30
N LYS A 104 22.84 22.97 26.00
CA LYS A 104 21.70 22.33 26.71
C LYS A 104 20.42 23.16 26.60
N GLU A 105 19.57 23.10 27.62
CA GLU A 105 18.26 23.71 27.54
C GLU A 105 18.35 25.25 27.44
N ALA A 106 19.45 25.82 27.93
CA ALA A 106 19.59 27.30 27.84
C ALA A 106 19.76 27.71 26.38
N GLY A 107 20.41 26.86 25.59
CA GLY A 107 20.54 27.08 24.15
C GLY A 107 19.17 27.12 23.51
N THR A 108 18.36 26.08 23.71
CA THR A 108 17.04 26.05 23.11
C THR A 108 16.17 27.20 23.58
N ALA A 109 16.27 27.50 24.88
CA ALA A 109 15.50 28.59 25.47
C ALA A 109 15.77 29.95 24.79
N ARG A 110 17.05 30.21 24.52
CA ARG A 110 17.43 31.44 23.85
C ARG A 110 16.79 31.52 22.47
N ALA A 111 16.85 30.43 21.73
CA ALA A 111 16.24 30.43 20.39
C ALA A 111 14.74 30.67 20.45
N VAL A 112 14.08 29.97 21.37
CA VAL A 112 12.64 30.04 21.48
C VAL A 112 12.21 31.43 21.91
N SER A 113 12.91 31.95 22.92
CA SER A 113 12.62 33.30 23.42
C SER A 113 12.83 34.40 22.35
N GLU A 114 13.98 34.36 21.69
CA GLU A 114 14.30 35.34 20.64
C GLU A 114 13.39 35.23 19.44
N PHE A 115 12.99 34.03 19.10
CA PHE A 115 12.02 33.85 18.02
C PHE A 115 10.66 34.46 18.33
N GLY A 116 10.21 34.31 19.57
CA GLY A 116 8.97 34.88 20.05
C GLY A 116 7.86 33.87 20.25
N THR A 117 8.18 32.71 20.84
CA THR A 117 7.14 31.76 21.20
C THR A 117 7.44 31.22 22.61
N ILE A 118 6.68 30.23 23.04
CA ILE A 118 6.68 29.69 24.41
C ILE A 118 7.67 28.53 24.50
N MET A 119 8.48 28.56 25.54
CA MET A 119 9.35 27.46 25.89
C MET A 119 8.65 26.51 26.87
N SER A 120 8.60 25.23 26.54
CA SER A 120 8.11 24.23 27.51
C SER A 120 9.29 23.54 28.16
N ILE A 121 9.34 23.61 29.48
CA ILE A 121 10.45 23.11 30.25
C ILE A 121 10.10 21.74 30.81
N SER A 122 10.88 20.73 30.42
CA SER A 122 10.70 19.36 30.96
C SER A 122 11.18 19.23 32.37
N ALA A 123 10.44 18.48 33.21
CA ALA A 123 10.93 18.15 34.56
C ALA A 123 12.25 17.38 34.50
N TYR A 124 12.51 16.69 33.38
CA TYR A 124 13.73 15.94 33.19
C TYR A 124 14.82 16.74 32.44
N SER A 125 14.74 18.06 32.53
CA SER A 125 15.78 18.91 31.97
C SER A 125 17.12 18.60 32.63
N GLY A 126 18.20 18.67 31.86
CA GLY A 126 19.54 18.58 32.42
C GLY A 126 20.04 19.94 32.88
N ALA A 127 19.16 20.82 33.29
CA ALA A 127 19.53 22.22 33.63
C ALA A 127 18.60 22.66 34.72
N THR A 128 19.06 23.59 35.55
CA THR A 128 18.24 24.10 36.62
C THR A 128 17.30 25.16 36.08
N PHE A 129 16.27 25.51 36.84
CA PHE A 129 15.44 26.65 36.50
C PHE A 129 16.28 27.92 36.25
N GLU A 130 17.26 28.16 37.11
CA GLU A 130 18.11 29.34 36.99
C GLU A 130 18.85 29.36 35.64
N GLU A 131 19.39 28.21 35.22
CA GLU A 131 20.14 28.17 33.98
C GLU A 131 19.24 28.38 32.77
N ILE A 132 18.03 27.80 32.82
CA ILE A 132 17.10 28.00 31.71
C ILE A 132 16.64 29.45 31.63
N SER A 133 16.34 30.01 32.79
CA SER A 133 15.85 31.38 32.90
C SER A 133 16.85 32.39 32.33
N GLU A 134 18.14 32.14 32.51
CA GLU A 134 19.17 32.96 31.89
C GLU A 134 19.03 32.92 30.35
N GLY A 135 18.84 31.74 29.78
CA GLY A 135 18.64 31.64 28.34
C GLY A 135 17.37 32.32 27.87
N LEU A 136 16.30 32.19 28.63
CA LEU A 136 15.03 32.79 28.28
C LEU A 136 15.02 34.32 28.31
N ASN A 137 15.79 34.92 29.22
CA ASN A 137 15.85 36.39 29.30
C ASN A 137 14.43 36.99 29.34
N GLY A 138 13.59 36.46 30.22
CA GLY A 138 12.25 36.97 30.42
C GLY A 138 11.19 36.42 29.49
N GLY A 139 11.56 35.52 28.58
CA GLY A 139 10.57 34.98 27.65
C GLY A 139 9.57 34.07 28.34
N PRO A 140 8.41 33.83 27.69
CA PRO A 140 7.39 33.02 28.32
C PRO A 140 7.78 31.53 28.41
N ARG A 141 7.26 30.90 29.45
CA ARG A 141 7.57 29.49 29.73
C ARG A 141 6.39 28.77 30.37
N TRP A 142 6.27 27.50 29.97
CA TRP A 142 5.32 26.57 30.56
C TRP A 142 6.17 25.44 31.15
N PHE A 143 5.74 24.89 32.27
CA PHE A 143 6.49 23.82 32.91
C PHE A 143 5.76 22.48 32.81
N GLN A 144 6.50 21.47 32.39
CA GLN A 144 5.97 20.13 32.21
C GLN A 144 6.44 19.24 33.36
N ILE A 145 5.45 18.79 34.13
CA ILE A 145 5.70 17.93 35.26
C ILE A 145 5.58 16.46 34.94
N TYR A 146 6.57 15.73 35.42
CA TYR A 146 6.48 14.32 35.62
C TYR A 146 6.32 14.18 37.12
N MET A 147 5.13 13.73 37.53
CA MET A 147 4.77 13.72 38.94
C MET A 147 5.62 12.77 39.78
N ALA A 148 6.03 13.25 40.94
CA ALA A 148 6.43 12.39 42.05
C ALA A 148 5.26 11.57 42.59
N LYS A 149 5.58 10.48 43.27
CA LYS A 149 4.58 9.78 44.11
C LYS A 149 4.27 10.56 45.40
N ASP A 150 5.23 11.33 45.91
CA ASP A 150 5.05 12.10 47.14
C ASP A 150 4.35 13.43 46.88
N ASP A 151 3.22 13.70 47.53
CA ASP A 151 2.45 14.91 47.31
C ASP A 151 3.24 16.19 47.61
N GLN A 152 3.99 16.20 48.72
CA GLN A 152 4.80 17.39 49.05
C GLN A 152 5.84 17.71 47.96
N GLN A 153 6.48 16.68 47.40
CA GLN A 153 7.45 16.90 46.35
C GLN A 153 6.80 17.47 45.11
N ASN A 154 5.58 17.04 44.78
CA ASN A 154 4.84 17.72 43.69
C ASN A 154 4.54 19.18 44.02
N ARG A 155 4.11 19.47 45.25
CA ARG A 155 3.83 20.85 45.62
C ARG A 155 5.11 21.69 45.50
N ASP A 156 6.24 21.16 45.92
CA ASP A 156 7.55 21.85 45.88
C ASP A 156 8.00 22.15 44.43
N ILE A 157 7.94 21.11 43.59
CA ILE A 157 8.24 21.25 42.16
C ILE A 157 7.36 22.31 41.52
N LEU A 158 6.05 22.26 41.75
CA LEU A 158 5.14 23.19 41.16
C LEU A 158 5.38 24.64 41.68
N ASP A 159 5.68 24.73 42.97
CA ASP A 159 6.04 26.01 43.54
C ASP A 159 7.28 26.62 42.91
N GLU A 160 8.30 25.81 42.69
CA GLU A 160 9.53 26.29 42.10
C GLU A 160 9.27 26.71 40.66
N ALA A 161 8.51 25.89 39.93
CA ALA A 161 8.20 26.22 38.55
C ALA A 161 7.44 27.55 38.43
N LYS A 162 6.46 27.75 39.29
CA LYS A 162 5.65 28.97 39.27
C LYS A 162 6.50 30.17 39.69
N GLY A 163 7.36 29.98 40.68
CA GLY A 163 8.28 31.03 41.10
C GLY A 163 9.24 31.43 39.99
N ASP A 164 9.62 30.45 39.18
CA ASP A 164 10.50 30.72 38.07
C ASP A 164 9.80 31.49 36.96
N GLY A 165 8.48 31.53 36.96
CA GLY A 165 7.74 32.28 35.95
C GLY A 165 6.82 31.46 35.08
N ALA A 166 6.69 30.16 35.34
CA ALA A 166 5.74 29.38 34.54
C ALA A 166 4.34 30.00 34.57
N THR A 167 3.71 30.04 33.40
CA THR A 167 2.35 30.49 33.27
C THR A 167 1.35 29.41 32.88
N ALA A 168 1.81 28.18 32.78
CA ALA A 168 0.93 27.03 32.62
C ALA A 168 1.71 25.80 33.03
N ILE A 169 0.99 24.76 33.36
CA ILE A 169 1.58 23.52 33.77
C ILE A 169 1.11 22.44 32.82
N ILE A 170 2.03 21.59 32.37
CA ILE A 170 1.73 20.53 31.45
C ILE A 170 1.93 19.21 32.19
N LEU A 171 0.87 18.44 32.37
CA LEU A 171 0.99 17.12 33.01
C LEU A 171 1.14 16.08 31.90
N THR A 172 2.32 15.47 31.78
CA THR A 172 2.54 14.41 30.80
C THR A 172 2.18 13.11 31.49
N ALA A 173 1.11 12.50 30.98
CA ALA A 173 0.53 11.35 31.66
C ALA A 173 0.64 10.08 30.85
N ASP A 174 1.35 10.12 29.70
CA ASP A 174 1.45 8.96 28.82
C ASP A 174 2.74 8.13 28.97
N SER A 175 3.48 8.36 30.06
CA SER A 175 4.79 7.77 30.30
C SER A 175 4.87 7.19 31.70
N THR A 176 3.77 6.64 32.18
CA THR A 176 3.77 6.04 33.51
C THR A 176 4.76 4.87 33.63
N VAL A 177 5.00 4.22 32.51
CA VAL A 177 6.17 3.39 32.27
C VAL A 177 6.73 3.69 30.89
N SER A 178 7.97 3.27 30.64
CA SER A 178 8.61 3.57 29.38
C SER A 178 8.01 2.80 28.21
N GLY A 179 8.05 3.40 27.04
CA GLY A 179 7.88 2.61 25.82
C GLY A 179 9.01 1.61 25.63
N ASN A 180 8.76 0.69 24.72
CA ASN A 180 9.70 -0.35 24.32
C ASN A 180 10.64 0.18 23.22
N ARG A 181 11.65 0.93 23.67
CA ARG A 181 12.53 1.67 22.74
C ARG A 181 13.71 0.80 22.37
N ASP A 182 13.55 -0.01 21.33
CA ASP A 182 14.57 -0.98 20.93
C ASP A 182 15.96 -0.37 20.76
N ARG A 183 16.08 0.85 20.19
CA ARG A 183 17.46 1.37 19.96
C ARG A 183 18.18 1.52 21.32
N ASP A 184 17.46 2.03 22.31
CA ASP A 184 18.06 2.31 23.62
C ASP A 184 18.40 1.03 24.33
N VAL A 185 17.58 0.00 24.16
CA VAL A 185 17.89 -1.30 24.74
C VAL A 185 19.16 -1.85 24.12
N LYS A 186 19.21 -1.85 22.78
CA LYS A 186 20.36 -2.37 22.05
C LYS A 186 21.63 -1.57 22.34
N ASN A 187 21.48 -0.28 22.56
CA ASN A 187 22.62 0.59 22.84
C ASN A 187 22.95 0.67 24.35
N LYS A 188 22.15 0.06 25.21
CA LYS A 188 22.29 0.17 26.67
C LYS A 188 22.38 1.62 27.11
N PHE A 189 21.52 2.45 26.55
CA PHE A 189 21.58 3.89 26.83
C PHE A 189 21.32 4.23 28.31
N VAL A 190 22.18 5.09 28.87
CA VAL A 190 21.94 5.73 30.17
C VAL A 190 22.24 7.20 30.05
N TYR A 191 21.58 8.03 30.87
CA TYR A 191 21.88 9.45 30.91
C TYR A 191 23.27 9.70 31.44
N PRO A 192 24.00 10.61 30.79
CA PRO A 192 25.35 10.94 31.23
C PRO A 192 25.42 12.14 32.18
N PHE A 193 24.29 12.65 32.63
CA PHE A 193 24.27 13.78 33.55
C PHE A 193 22.98 13.75 34.37
N GLY A 194 22.87 14.65 35.35
CA GLY A 194 21.74 14.62 36.27
C GLY A 194 20.53 15.37 35.79
N MET A 195 19.43 15.22 36.53
CA MET A 195 18.19 15.95 36.30
C MET A 195 17.85 16.72 37.59
N PRO A 196 18.35 17.96 37.69
CA PRO A 196 18.24 18.68 39.01
C PRO A 196 16.81 18.92 39.53
N ILE A 197 15.85 19.07 38.65
CA ILE A 197 14.47 19.36 39.08
C ILE A 197 13.74 18.16 39.72
N VAL A 198 14.09 16.95 39.30
CA VAL A 198 13.45 15.74 39.85
C VAL A 198 14.40 14.91 40.71
N GLN A 199 15.63 15.39 40.92
CA GLN A 199 16.63 14.62 41.70
C GLN A 199 16.06 14.16 43.06
N ARG A 200 15.26 15.04 43.66
CA ARG A 200 14.62 14.80 44.97
C ARG A 200 13.90 13.46 45.10
N TYR A 201 13.39 12.90 44.00
CA TYR A 201 12.71 11.59 44.11
C TYR A 201 13.37 10.39 43.42
N LEU A 202 14.64 10.52 43.05
CA LEU A 202 15.32 9.45 42.27
C LEU A 202 16.19 8.48 43.09
N THR A 205 20.98 10.41 41.62
CA THR A 205 20.43 11.20 40.52
C THR A 205 20.35 10.41 39.20
N ALA A 206 19.89 11.09 38.16
CA ALA A 206 19.62 10.50 36.84
C ALA A 206 20.91 10.08 36.09
N GLU A 207 22.04 10.65 36.50
CA GLU A 207 23.32 10.28 35.93
C GLU A 207 23.58 8.79 36.08
N GLY A 208 23.72 8.08 34.97
CA GLY A 208 23.99 6.64 34.98
C GLY A 208 22.72 5.80 35.05
N MET A 209 21.55 6.45 35.10
CA MET A 209 20.27 5.75 35.16
C MET A 209 19.69 5.55 33.77
N SER A 210 18.87 4.51 33.63
CA SER A 210 18.12 4.25 32.40
C SER A 210 16.81 5.02 32.53
N LEU A 211 16.22 5.45 31.40
CA LEU A 211 14.90 6.11 31.47
C LEU A 211 13.80 5.22 32.10
N ASN A 212 13.80 3.91 31.84
CA ASN A 212 12.73 3.12 32.47
C ASN A 212 12.73 3.27 34.01
N ASN A 213 13.91 3.36 34.63
CA ASN A 213 13.95 3.58 36.10
C ASN A 213 13.64 5.02 36.59
N ILE A 214 13.80 6.02 35.72
CA ILE A 214 13.41 7.40 36.02
C ILE A 214 11.89 7.49 35.92
N TYR A 215 11.33 7.02 34.81
CA TYR A 215 9.86 6.95 34.68
C TYR A 215 9.29 6.15 35.84
N GLY A 216 10.01 5.08 36.21
CA GLY A 216 9.59 4.19 37.26
C GLY A 216 9.53 4.89 38.61
N ALA A 217 10.33 5.94 38.81
CA ALA A 217 10.30 6.69 40.08
C ALA A 217 9.13 7.72 40.12
N SER A 218 8.79 8.22 38.94
CA SER A 218 7.66 9.09 38.81
C SER A 218 6.36 8.29 39.07
N LYS A 219 5.24 9.01 39.15
CA LYS A 219 3.96 8.39 39.55
C LYS A 219 3.35 7.51 38.46
N GLN A 220 3.04 6.25 38.79
CA GLN A 220 2.29 5.33 37.89
C GLN A 220 0.79 5.51 37.97
N LYS A 221 0.28 5.64 39.18
CA LYS A 221 -1.16 5.62 39.43
C LYS A 221 -1.76 7.01 39.33
N ILE A 222 -1.44 7.71 38.24
CA ILE A 222 -2.07 8.99 37.95
C ILE A 222 -3.57 8.78 37.74
N SER A 223 -4.38 9.64 38.34
CA SER A 223 -5.84 9.56 38.21
C SER A 223 -6.38 10.97 37.97
N PRO A 224 -7.69 11.12 37.72
CA PRO A 224 -8.21 12.46 37.43
C PRO A 224 -8.03 13.40 38.61
N ARG A 225 -8.01 12.86 39.83
CA ARG A 225 -7.73 13.68 41.01
C ARG A 225 -6.39 14.41 40.92
N ASP A 226 -5.41 13.83 40.24
CA ASP A 226 -4.13 14.51 40.10
C ASP A 226 -4.26 15.77 39.25
N ILE A 227 -5.07 15.72 38.21
CA ILE A 227 -5.31 16.90 37.40
C ILE A 227 -5.95 17.99 38.29
N GLU A 228 -6.96 17.59 39.05
CA GLU A 228 -7.67 18.52 39.94
C GLU A 228 -6.72 19.18 40.93
N GLU A 229 -5.87 18.35 41.54
CA GLU A 229 -4.94 18.83 42.55
C GLU A 229 -3.84 19.72 42.01
N ILE A 230 -3.35 19.42 40.82
CA ILE A 230 -2.37 20.29 40.20
C ILE A 230 -3.00 21.63 39.88
N ALA A 231 -4.19 21.63 39.30
CA ALA A 231 -4.87 22.87 38.96
C ALA A 231 -5.12 23.68 40.24
N ALA A 232 -5.60 23.01 41.30
CA ALA A 232 -5.94 23.71 42.57
C ALA A 232 -4.71 24.29 43.24
N HIS A 233 -3.65 23.50 43.28
CA HIS A 233 -2.42 23.93 43.94
C HIS A 233 -1.69 25.08 43.22
N SER A 234 -1.55 24.94 41.90
CA SER A 234 -0.75 25.86 41.13
C SER A 234 -1.47 27.16 40.86
N GLY A 235 -2.79 27.09 40.69
CA GLY A 235 -3.59 28.22 40.25
C GLY A 235 -3.26 28.66 38.83
N LEU A 236 -2.61 27.75 38.08
CA LEU A 236 -2.25 28.00 36.70
C LEU A 236 -3.02 27.06 35.77
N PRO A 237 -3.19 27.46 34.50
CA PRO A 237 -3.88 26.57 33.59
C PRO A 237 -3.08 25.29 33.43
N VAL A 238 -3.78 24.16 33.43
CA VAL A 238 -3.14 22.85 33.28
C VAL A 238 -3.51 22.22 31.95
N PHE A 239 -2.48 21.85 31.18
CA PHE A 239 -2.65 20.97 30.02
C PHE A 239 -2.47 19.54 30.41
N VAL A 240 -3.29 18.63 29.85
CA VAL A 240 -3.05 17.21 29.98
C VAL A 240 -2.49 16.69 28.64
N LYS A 241 -1.27 16.16 28.71
CA LYS A 241 -0.47 15.82 27.52
C LYS A 241 -0.31 14.31 27.32
N GLY A 242 -0.50 13.89 26.07
CA GLY A 242 -0.44 12.51 25.63
C GLY A 242 -1.78 11.92 25.18
N ILE A 243 -2.79 12.78 25.07
CA ILE A 243 -4.12 12.31 24.72
C ILE A 243 -4.18 11.88 23.27
N GLN A 244 -4.76 10.69 23.05
CA GLN A 244 -5.08 10.15 21.75
C GLN A 244 -6.53 9.66 21.58
N HIS A 245 -7.26 9.56 22.68
CA HIS A 245 -8.63 9.03 22.69
C HIS A 245 -9.52 10.15 23.21
N PRO A 246 -10.64 10.40 22.52
CA PRO A 246 -11.48 11.54 22.90
C PRO A 246 -12.06 11.48 24.32
N GLU A 247 -12.35 10.29 24.83
CA GLU A 247 -12.82 10.20 26.23
C GLU A 247 -11.84 10.84 27.23
N ASP A 248 -10.52 10.78 26.97
CA ASP A 248 -9.61 11.37 27.89
C ASP A 248 -9.68 12.89 27.84
N ALA A 249 -10.10 13.46 26.71
CA ALA A 249 -10.32 14.89 26.65
C ALA A 249 -11.53 15.29 27.55
N ASP A 250 -12.60 14.51 27.49
CA ASP A 250 -13.75 14.76 28.39
C ASP A 250 -13.30 14.67 29.84
N MET A 251 -12.58 13.59 30.15
CA MET A 251 -12.04 13.33 31.49
C MET A 251 -11.20 14.51 31.96
N ALA A 252 -10.25 14.98 31.14
CA ALA A 252 -9.36 16.01 31.58
C ALA A 252 -10.06 17.34 31.85
N ILE A 253 -11.04 17.71 31.00
CA ILE A 253 -11.75 18.95 31.16
C ILE A 253 -12.61 18.86 32.44
N LYS A 254 -13.28 17.73 32.62
CA LYS A 254 -14.10 17.51 33.84
C LYS A 254 -13.26 17.65 35.11
N ALA A 255 -12.00 17.25 35.02
CA ALA A 255 -11.08 17.29 36.13
C ALA A 255 -10.41 18.65 36.34
N GLY A 256 -10.73 19.63 35.49
CA GLY A 256 -10.26 21.01 35.66
C GLY A 256 -9.08 21.44 34.76
N ALA A 257 -8.73 20.63 33.77
CA ALA A 257 -7.74 21.04 32.78
C ALA A 257 -8.24 22.25 31.99
N SER A 258 -7.28 23.12 31.66
CA SER A 258 -7.51 24.34 30.85
C SER A 258 -7.02 24.17 29.43
N GLY A 259 -6.59 22.95 29.06
CA GLY A 259 -6.10 22.71 27.69
C GLY A 259 -5.81 21.22 27.50
N ILE A 260 -5.89 20.80 26.25
CA ILE A 260 -5.74 19.41 25.83
C ILE A 260 -4.55 19.36 24.90
N TRP A 261 -3.60 18.49 25.20
CA TRP A 261 -2.38 18.41 24.40
C TRP A 261 -2.32 17.00 23.78
N VAL A 262 -2.76 16.97 22.53
CA VAL A 262 -2.82 15.76 21.73
C VAL A 262 -1.43 15.36 21.32
N SER A 263 -1.03 14.13 21.64
CA SER A 263 0.36 13.69 21.49
C SER A 263 0.44 12.20 21.63
N ASN A 264 1.34 11.55 20.92
CA ASN A 264 1.77 10.20 21.34
C ASN A 264 3.25 10.18 21.72
N HIS A 265 3.76 11.30 22.18
CA HIS A 265 5.11 11.36 22.73
C HIS A 265 6.10 11.04 21.64
N GLY A 266 5.82 11.49 20.43
CA GLY A 266 6.84 11.25 19.40
C GLY A 266 6.99 9.78 19.02
N ALA A 267 5.96 8.98 19.28
CA ALA A 267 5.99 7.50 19.10
C ALA A 267 6.98 6.79 20.01
N ARG A 268 7.36 7.44 21.09
CA ARG A 268 8.35 6.90 22.03
C ARG A 268 7.70 6.07 23.12
N GLN A 269 6.37 6.04 23.14
CA GLN A 269 5.64 5.36 24.18
C GLN A 269 4.84 4.16 23.61
N LEU A 270 3.49 4.14 23.64
CA LEU A 270 2.79 2.94 23.17
C LEU A 270 2.98 2.70 21.69
N TYR A 271 3.36 1.48 21.40
CA TYR A 271 3.65 0.95 20.09
C TYR A 271 2.37 0.42 19.46
N GLU A 272 2.32 0.42 18.14
CA GLU A 272 1.21 -0.23 17.41
C GLU A 272 -0.11 0.50 17.68
N ALA A 273 0.04 1.80 17.78
CA ALA A 273 -0.98 2.81 18.00
C ALA A 273 -1.09 3.68 16.73
N PRO A 274 -2.16 4.47 16.61
CA PRO A 274 -2.33 5.30 15.44
C PRO A 274 -1.29 6.41 15.32
N GLY A 275 -1.10 6.87 14.10
CA GLY A 275 -0.38 8.13 13.90
C GLY A 275 -1.13 9.28 14.57
N SER A 276 -0.42 10.15 15.29
CA SER A 276 -1.08 11.15 16.11
C SER A 276 -2.08 12.05 15.36
N PHE A 277 -1.74 12.48 14.15
CA PHE A 277 -2.62 13.36 13.39
C PHE A 277 -3.96 12.68 13.11
N ASP A 278 -3.95 11.36 12.93
CA ASP A 278 -5.22 10.64 12.66
C ASP A 278 -6.19 10.71 13.83
N THR A 279 -5.68 10.97 15.04
CA THR A 279 -6.53 11.00 16.24
C THR A 279 -7.12 12.36 16.54
N LEU A 280 -6.61 13.38 15.84
CA LEU A 280 -6.90 14.75 16.24
C LEU A 280 -8.37 15.11 15.99
N PRO A 281 -8.93 14.75 14.81
CA PRO A 281 -10.30 15.22 14.60
C PRO A 281 -11.31 14.76 15.62
N ALA A 282 -11.25 13.50 16.06
CA ALA A 282 -12.21 13.01 17.06
C ALA A 282 -12.02 13.70 18.38
N ILE A 283 -10.79 14.00 18.73
CA ILE A 283 -10.53 14.74 19.98
C ILE A 283 -11.07 16.15 19.86
N ALA A 284 -10.75 16.81 18.76
CA ALA A 284 -11.21 18.19 18.56
C ALA A 284 -12.75 18.24 18.58
N GLU A 285 -13.41 17.26 17.99
CA GLU A 285 -14.89 17.23 17.96
C GLU A 285 -15.41 17.10 19.40
N ARG A 286 -14.77 16.26 20.20
CA ARG A 286 -15.20 16.09 21.61
C ARG A 286 -14.92 17.34 22.45
N VAL A 287 -13.73 17.92 22.29
CA VAL A 287 -13.39 19.16 23.01
C VAL A 287 -14.38 20.29 22.69
N ASN A 288 -14.74 20.40 21.42
CA ASN A 288 -15.75 21.40 20.99
C ASN A 288 -15.38 22.85 21.37
N LYS A 289 -14.09 23.17 21.25
CA LYS A 289 -13.54 24.49 21.58
C LYS A 289 -13.72 24.94 23.05
N ARG A 290 -14.02 24.01 23.95
CA ARG A 290 -14.11 24.34 25.38
C ARG A 290 -12.79 24.85 25.96
N VAL A 291 -11.68 24.32 25.48
CA VAL A 291 -10.35 24.71 25.90
C VAL A 291 -9.43 24.63 24.66
N PRO A 292 -8.32 25.31 24.69
CA PRO A 292 -7.38 25.20 23.56
C PRO A 292 -6.76 23.81 23.40
N ILE A 293 -6.40 23.48 22.18
CA ILE A 293 -5.70 22.23 21.85
C ILE A 293 -4.32 22.54 21.29
N VAL A 294 -3.31 21.94 21.92
CA VAL A 294 -1.94 21.83 21.38
C VAL A 294 -1.86 20.46 20.71
N PHE A 295 -1.30 20.39 19.51
CA PHE A 295 -1.06 19.12 18.84
C PHE A 295 0.43 18.90 18.65
N ASP A 296 0.88 17.68 18.93
CA ASP A 296 2.21 17.26 18.49
C ASP A 296 2.28 15.81 18.10
N SER A 297 3.48 15.50 17.61
CA SER A 297 4.02 14.16 17.26
C SER A 297 4.02 13.99 15.74
N GLY A 298 5.11 14.46 15.14
CA GLY A 298 5.36 14.30 13.71
C GLY A 298 5.33 15.52 12.87
N VAL A 299 5.20 16.69 13.48
CA VAL A 299 5.22 17.92 12.69
C VAL A 299 6.61 18.16 12.12
N ARG A 300 6.69 18.29 10.79
CA ARG A 300 7.99 18.49 10.10
C ARG A 300 8.00 19.59 9.04
N ARG A 301 6.81 20.08 8.65
CA ARG A 301 6.64 21.02 7.54
C ARG A 301 5.61 22.05 7.92
N GLY A 302 5.64 23.19 7.25
CA GLY A 302 4.54 24.14 7.35
C GLY A 302 3.21 23.57 6.98
N GLU A 303 3.18 22.64 6.01
CA GLU A 303 1.95 21.99 5.61
C GLU A 303 1.32 21.25 6.78
N HIS A 304 2.14 20.69 7.65
CA HIS A 304 1.67 19.94 8.79
C HIS A 304 1.09 20.86 9.82
N VAL A 305 1.73 21.98 10.03
CA VAL A 305 1.17 23.00 10.92
C VAL A 305 -0.21 23.42 10.40
N ALA A 306 -0.29 23.71 9.11
CA ALA A 306 -1.59 24.06 8.53
C ALA A 306 -2.65 22.98 8.69
N LYS A 307 -2.29 21.74 8.41
CA LYS A 307 -3.25 20.65 8.50
C LYS A 307 -3.71 20.41 9.93
N ALA A 308 -2.80 20.53 10.88
CA ALA A 308 -3.19 20.40 12.29
C ALA A 308 -4.20 21.48 12.71
N LEU A 309 -3.92 22.74 12.36
CA LEU A 309 -4.89 23.82 12.63
C LEU A 309 -6.24 23.60 11.92
N ALA A 310 -6.22 23.25 10.62
CA ALA A 310 -7.44 22.93 9.91
C ALA A 310 -8.28 21.79 10.50
N SER A 311 -7.63 20.93 11.28
CA SER A 311 -8.24 19.74 11.84
C SER A 311 -8.62 19.89 13.32
N GLY A 312 -8.43 21.08 13.89
CA GLY A 312 -8.92 21.38 15.21
C GLY A 312 -7.91 21.81 16.27
N ALA A 313 -6.62 21.82 15.93
CA ALA A 313 -5.60 22.31 16.85
C ALA A 313 -5.54 23.83 16.84
N ASP A 314 -5.09 24.39 17.93
CA ASP A 314 -4.89 25.85 18.01
C ASP A 314 -3.43 26.20 17.75
N VAL A 315 -2.53 25.37 18.27
CA VAL A 315 -1.13 25.50 17.97
C VAL A 315 -0.55 24.10 17.87
N VAL A 316 0.65 23.99 17.32
CA VAL A 316 1.38 22.74 17.36
C VAL A 316 2.64 22.88 18.22
N ALA A 317 3.22 21.76 18.66
CA ALA A 317 4.48 21.81 19.38
C ALA A 317 5.53 21.08 18.60
N LEU A 318 6.72 21.67 18.58
CA LEU A 318 7.84 21.15 17.82
C LEU A 318 8.82 20.44 18.72
N GLY A 319 9.40 19.34 18.22
CA GLY A 319 10.32 18.57 19.02
C GLY A 319 11.60 18.19 18.34
N ARG A 320 11.62 17.00 17.75
CA ARG A 320 12.85 16.50 17.16
C ARG A 320 13.57 17.50 16.23
N PRO A 321 12.83 18.15 15.29
CA PRO A 321 13.59 18.99 14.36
C PRO A 321 14.33 20.14 15.06
N VAL A 322 13.74 20.69 16.11
CA VAL A 322 14.43 21.75 16.86
C VAL A 322 15.69 21.18 17.56
N LEU A 323 15.57 20.01 18.16
CA LEU A 323 16.76 19.39 18.79
C LEU A 323 17.84 19.09 17.82
N PHE A 324 17.48 18.59 16.64
CA PHE A 324 18.50 18.37 15.59
C PHE A 324 19.17 19.72 15.20
N GLY A 325 18.38 20.78 15.10
CA GLY A 325 18.94 22.11 14.83
C GLY A 325 19.89 22.56 15.93
N LEU A 326 19.50 22.29 17.18
CA LEU A 326 20.35 22.59 18.31
C LEU A 326 21.65 21.87 18.18
N ALA A 327 21.58 20.61 17.79
CA ALA A 327 22.80 19.81 17.68
C ALA A 327 23.75 20.43 16.65
N LEU A 328 23.18 20.88 15.53
CA LEU A 328 23.97 21.35 14.43
C LEU A 328 24.51 22.78 14.60
N GLY A 329 23.87 23.57 15.43
CA GLY A 329 24.22 24.97 15.58
C GLY A 329 23.92 25.66 16.88
N GLY A 330 23.67 24.92 17.97
CA GLY A 330 23.32 25.57 19.22
C GLY A 330 22.08 26.42 19.09
N TRP A 331 22.02 27.53 19.82
CA TRP A 331 20.79 28.31 19.83
C TRP A 331 20.48 28.85 18.40
N GLN A 332 21.53 29.14 17.64
CA GLN A 332 21.37 29.70 16.31
C GLN A 332 20.81 28.65 15.34
N GLY A 333 21.27 27.42 15.53
CA GLY A 333 20.77 26.28 14.76
C GLY A 333 19.32 26.02 15.07
N ALA A 334 18.99 25.96 16.35
CA ALA A 334 17.58 25.86 16.75
C ALA A 334 16.74 27.02 16.21
N TYR A 335 17.26 28.24 16.31
CA TYR A 335 16.56 29.40 15.75
C TYR A 335 16.29 29.18 14.25
N SER A 336 17.28 28.68 13.53
CA SER A 336 17.12 28.41 12.08
C SER A 336 15.94 27.52 11.80
N VAL A 337 15.74 26.53 12.67
CA VAL A 337 14.60 25.61 12.53
C VAL A 337 13.28 26.30 12.79
N LEU A 338 13.22 27.13 13.83
CA LEU A 338 11.99 27.88 14.05
C LEU A 338 11.63 28.84 12.89
N ASP A 339 12.64 29.54 12.44
CA ASP A 339 12.51 30.44 11.29
C ASP A 339 12.06 29.67 10.05
N TYR A 340 12.67 28.52 9.79
CA TYR A 340 12.25 27.66 8.69
C TYR A 340 10.76 27.38 8.81
N PHE A 341 10.30 26.97 9.99
CA PHE A 341 8.86 26.67 10.14
C PHE A 341 8.01 27.89 9.84
N GLN A 342 8.42 29.06 10.33
CA GLN A 342 7.60 30.26 10.07
C GLN A 342 7.50 30.58 8.58
N LYS A 343 8.63 30.46 7.89
CA LYS A 343 8.67 30.74 6.46
C LYS A 343 7.91 29.66 5.65
N ASP A 344 8.04 28.42 6.08
CA ASP A 344 7.38 27.29 5.40
C ASP A 344 5.87 27.49 5.56
N LEU A 345 5.44 27.85 6.75
CA LEU A 345 4.04 28.05 6.96
C LEU A 345 3.52 29.25 6.13
N THR A 346 4.28 30.34 6.08
CA THR A 346 3.90 31.52 5.33
C THR A 346 3.64 31.17 3.85
N ARG A 347 4.52 30.36 3.25
CA ARG A 347 4.31 29.93 1.88
C ARG A 347 2.99 29.19 1.77
N VAL A 348 2.77 28.25 2.67
CA VAL A 348 1.57 27.44 2.65
C VAL A 348 0.31 28.31 2.80
N MET A 349 0.37 29.29 3.68
CA MET A 349 -0.76 30.18 3.87
C MET A 349 -1.06 30.94 2.56
N GLN A 350 -0.04 31.45 1.91
CA GLN A 350 -0.25 32.19 0.64
C GLN A 350 -0.94 31.31 -0.41
N LEU A 351 -0.46 30.08 -0.55
CA LEU A 351 -0.93 29.20 -1.61
C LEU A 351 -2.29 28.59 -1.32
N THR A 352 -2.65 28.46 -0.04
CA THR A 352 -3.96 27.95 0.37
C THR A 352 -5.02 29.01 0.53
N GLY A 353 -4.65 30.28 0.40
CA GLY A 353 -5.61 31.37 0.54
C GLY A 353 -5.88 31.82 1.97
N SER A 354 -4.89 31.62 2.83
CA SER A 354 -5.04 31.87 4.25
C SER A 354 -4.35 33.16 4.65
N GLN A 355 -5.12 34.18 5.01
CA GLN A 355 -4.54 35.49 5.38
C GLN A 355 -4.00 35.49 6.78
N ASN A 356 -4.58 34.66 7.63
CA ASN A 356 -4.25 34.66 9.05
C ASN A 356 -4.47 33.28 9.62
N VAL A 357 -4.13 33.14 10.91
CA VAL A 357 -4.16 31.81 11.55
C VAL A 357 -5.58 31.28 11.64
N GLU A 358 -6.55 32.17 11.88
CA GLU A 358 -7.94 31.73 11.92
C GLU A 358 -8.39 31.15 10.57
N ASP A 359 -7.92 31.72 9.44
CA ASP A 359 -8.25 31.13 8.13
C ASP A 359 -7.70 29.71 7.99
N LEU A 360 -6.51 29.45 8.53
CA LEU A 360 -5.98 28.07 8.52
C LEU A 360 -6.92 27.11 9.14
N LYS A 361 -7.52 27.53 10.26
CA LYS A 361 -8.34 26.64 11.05
C LYS A 361 -9.62 26.26 10.31
N GLY A 362 -9.96 27.06 9.28
CA GLY A 362 -11.16 26.87 8.50
C GLY A 362 -11.00 26.18 7.16
N LEU A 363 -9.80 25.73 6.83
CA LEU A 363 -9.48 25.15 5.54
C LEU A 363 -10.17 23.81 5.28
N ASP A 364 -10.71 23.68 4.07
CA ASP A 364 -11.17 22.39 3.56
C ASP A 364 -9.96 21.52 3.36
N LEU A 365 -10.07 20.22 3.66
CA LEU A 365 -8.99 19.26 3.36
C LEU A 365 -9.51 18.20 2.44
N PHE A 366 -8.66 17.72 1.56
CA PHE A 366 -9.01 16.67 0.62
C PHE A 366 -8.72 15.35 1.27
N ASP A 367 -9.73 14.48 1.40
CA ASP A 367 -9.55 13.20 2.05
C ASP A 367 -8.90 12.22 1.08
N ASN A 368 -7.78 11.63 1.47
CA ASN A 368 -7.07 10.69 0.64
C ASN A 368 -7.19 9.29 1.21
N PRO A 369 -8.17 8.49 0.75
CA PRO A 369 -8.34 7.18 1.33
C PRO A 369 -7.28 6.16 0.90
N TYR A 370 -6.47 6.51 -0.09
CA TYR A 370 -5.38 5.66 -0.50
C TYR A 370 -4.16 5.71 0.39
N GLY A 371 -4.06 6.71 1.26
CA GLY A 371 -2.88 6.80 2.12
C GLY A 371 -1.60 7.04 1.36
N TYR A 372 -0.49 6.56 1.92
CA TYR A 372 0.84 7.02 1.49
C TYR A 372 1.21 6.58 0.09
N GLU A 373 0.92 5.34 -0.28
CA GLU A 373 1.38 4.88 -1.59
C GLU A 373 0.48 5.36 -2.73
N TYR A 374 -0.67 5.93 -2.39
CA TYR A 374 -1.58 6.61 -3.34
C TYR A 374 -2.08 5.63 -4.39
N GLU B 7 15.54 -17.83 -39.00
CA GLU B 7 15.88 -18.81 -37.92
C GLU B 7 15.18 -18.42 -36.61
N TYR B 8 14.20 -19.21 -36.21
CA TYR B 8 13.78 -19.24 -34.80
C TYR B 8 14.00 -20.66 -34.32
N ASN B 9 14.78 -20.77 -33.26
CA ASN B 9 15.23 -22.04 -32.75
C ASN B 9 14.68 -22.30 -31.36
N ALA B 10 13.48 -22.88 -31.31
CA ALA B 10 12.82 -23.20 -30.06
C ALA B 10 13.41 -24.44 -29.42
N PRO B 11 13.26 -24.61 -28.09
CA PRO B 11 13.68 -25.89 -27.50
C PRO B 11 12.86 -27.05 -28.00
N SER B 12 13.41 -28.26 -27.90
CA SER B 12 12.74 -29.44 -28.40
C SER B 12 12.61 -30.63 -27.42
N GLU B 13 13.24 -30.53 -26.26
CA GLU B 13 13.22 -31.63 -25.31
C GLU B 13 11.84 -31.89 -24.79
N ILE B 14 11.50 -33.17 -24.70
CA ILE B 14 10.27 -33.60 -24.10
C ILE B 14 10.55 -34.27 -22.75
N LYS B 15 9.99 -33.73 -21.68
CA LYS B 15 10.12 -34.33 -20.36
C LYS B 15 9.04 -33.86 -19.41
N TYR B 16 8.71 -34.68 -18.41
CA TYR B 16 7.89 -34.22 -17.29
C TYR B 16 8.71 -33.28 -16.40
N ILE B 17 8.03 -32.38 -15.68
CA ILE B 17 8.71 -31.46 -14.77
C ILE B 17 8.02 -31.47 -13.42
N ASP B 18 8.77 -31.27 -12.34
CA ASP B 18 8.19 -31.29 -11.00
C ASP B 18 7.86 -29.86 -10.60
N VAL B 19 6.61 -29.46 -10.75
CA VAL B 19 6.19 -28.08 -10.54
C VAL B 19 5.94 -27.86 -9.06
N VAL B 20 6.64 -26.89 -8.48
CA VAL B 20 6.43 -26.48 -7.09
C VAL B 20 5.36 -25.37 -7.06
N ASN B 21 5.47 -24.45 -8.01
CA ASN B 21 4.50 -23.41 -8.27
C ASN B 21 4.69 -22.95 -9.70
N THR B 22 3.68 -22.35 -10.31
CA THR B 22 3.81 -21.92 -11.69
C THR B 22 4.57 -20.63 -11.87
N TYR B 23 4.77 -19.84 -10.83
CA TYR B 23 5.49 -18.58 -10.98
C TYR B 23 6.95 -18.85 -11.33
N ASP B 24 7.52 -19.85 -10.69
CA ASP B 24 8.93 -20.18 -10.92
C ASP B 24 9.15 -20.67 -12.37
N LEU B 25 8.11 -21.12 -13.05
CA LEU B 25 8.25 -21.57 -14.44
C LEU B 25 8.61 -20.46 -15.41
N GLU B 26 8.24 -19.23 -15.08
CA GLU B 26 8.59 -18.11 -15.92
C GLU B 26 10.11 -17.95 -16.04
N GLU B 27 10.79 -17.78 -14.92
CA GLU B 27 12.22 -17.61 -14.99
C GLU B 27 12.89 -18.88 -15.54
N GLU B 28 12.40 -20.06 -15.18
CA GLU B 28 13.00 -21.31 -15.69
C GLU B 28 12.88 -21.38 -17.20
N ALA B 29 11.69 -21.08 -17.72
CA ALA B 29 11.51 -21.07 -19.14
C ALA B 29 12.37 -20.06 -19.86
N SER B 30 12.68 -18.93 -19.20
CA SER B 30 13.53 -17.94 -19.82
C SER B 30 14.91 -18.47 -20.14
N LYS B 31 15.34 -19.54 -19.47
CA LYS B 31 16.68 -20.11 -19.72
C LYS B 31 16.72 -20.91 -21.01
N VAL B 32 15.56 -21.39 -21.47
CA VAL B 32 15.53 -22.29 -22.64
C VAL B 32 14.89 -21.72 -23.88
N VAL B 33 14.17 -20.60 -23.78
CA VAL B 33 13.47 -20.00 -24.93
C VAL B 33 14.26 -18.80 -25.44
N PRO B 34 14.37 -18.63 -26.77
CA PRO B 34 15.05 -17.44 -27.32
C PRO B 34 14.52 -16.13 -26.72
N HIS B 35 15.42 -15.18 -26.43
CA HIS B 35 15.04 -13.91 -25.74
C HIS B 35 13.77 -13.24 -26.30
N GLY B 36 13.77 -13.01 -27.61
CA GLY B 36 12.68 -12.31 -28.28
C GLY B 36 11.34 -12.99 -28.09
N GLY B 37 11.29 -14.28 -28.42
CA GLY B 37 10.08 -15.06 -28.22
C GLY B 37 9.62 -15.18 -26.79
N PHE B 38 10.57 -15.35 -25.89
CA PHE B 38 10.23 -15.47 -24.49
C PHE B 38 9.50 -14.21 -24.04
N ASN B 39 10.09 -13.07 -24.37
CA ASN B 39 9.50 -11.83 -23.91
C ASN B 39 8.21 -11.49 -24.63
N TYR B 40 8.04 -11.98 -25.84
CA TYR B 40 6.77 -11.88 -26.52
C TYR B 40 5.68 -12.63 -25.70
N ILE B 41 6.04 -13.82 -25.19
CA ILE B 41 5.07 -14.62 -24.41
C ILE B 41 4.82 -13.99 -23.04
N ALA B 42 5.89 -13.62 -22.37
CA ALA B 42 5.84 -13.20 -20.98
C ALA B 42 5.28 -11.79 -20.80
N GLY B 43 5.55 -10.92 -21.78
CA GLY B 43 5.30 -9.50 -21.63
C GLY B 43 3.84 -9.10 -21.74
N ALA B 44 3.61 -7.84 -21.40
CA ALA B 44 2.31 -7.24 -21.42
C ALA B 44 2.37 -5.76 -21.79
N SER B 45 1.22 -5.11 -21.77
CA SER B 45 1.14 -3.75 -22.23
C SER B 45 1.71 -2.73 -21.23
N GLY B 46 2.24 -1.66 -21.79
CA GLY B 46 2.85 -0.57 -21.01
C GLY B 46 3.95 -1.03 -20.09
N ASP B 47 3.94 -0.59 -18.83
CA ASP B 47 4.88 -1.10 -17.82
C ASP B 47 4.37 -2.33 -17.10
N GLU B 48 3.35 -2.97 -17.67
CA GLU B 48 2.80 -4.22 -17.15
C GLU B 48 2.04 -4.09 -15.81
N TRP B 49 1.68 -2.87 -15.42
CA TRP B 49 0.85 -2.67 -14.23
C TRP B 49 -0.47 -3.48 -14.25
N THR B 50 -1.11 -3.65 -15.41
CA THR B 50 -2.34 -4.40 -15.42
C THR B 50 -2.06 -5.93 -15.37
N LYS B 51 -0.90 -6.38 -15.85
CA LYS B 51 -0.53 -7.78 -15.66
C LYS B 51 -0.32 -8.03 -14.16
N ARG B 52 0.32 -7.08 -13.47
CA ARG B 52 0.47 -7.23 -12.03
C ARG B 52 -0.88 -7.18 -11.35
N ALA B 53 -1.77 -6.34 -11.87
CA ALA B 53 -3.13 -6.23 -11.31
C ALA B 53 -3.87 -7.57 -11.46
N ASN B 54 -3.71 -8.23 -12.62
CA ASN B 54 -4.33 -9.55 -12.81
C ASN B 54 -3.87 -10.51 -11.69
N ASP B 55 -2.59 -10.41 -11.33
CA ASP B 55 -2.04 -11.28 -10.30
C ASP B 55 -2.49 -10.90 -8.89
N ARG B 56 -2.42 -9.64 -8.59
CA ARG B 56 -2.71 -9.16 -7.26
C ARG B 56 -4.19 -9.18 -6.91
N ALA B 57 -5.06 -9.20 -7.93
CA ALA B 57 -6.50 -9.24 -7.69
C ALA B 57 -6.90 -10.44 -6.86
N TRP B 58 -6.15 -11.52 -6.97
CA TRP B 58 -6.43 -12.73 -6.22
C TRP B 58 -6.38 -12.50 -4.71
N LYS B 59 -5.64 -11.49 -4.27
CA LYS B 59 -5.57 -11.21 -2.83
C LYS B 59 -6.72 -10.34 -2.34
N HIS B 60 -7.60 -9.92 -3.24
CA HIS B 60 -8.75 -9.10 -2.85
C HIS B 60 -9.91 -9.87 -2.23
N LYS B 61 -9.97 -11.16 -2.55
CA LYS B 61 -10.97 -12.09 -2.03
C LYS B 61 -10.25 -13.32 -1.59
N LEU B 62 -10.36 -13.66 -0.29
CA LEU B 62 -9.51 -14.70 0.31
C LEU B 62 -10.37 -15.91 0.71
N LEU B 63 -9.79 -17.08 0.57
CA LEU B 63 -10.52 -18.31 0.88
C LEU B 63 -10.51 -18.56 2.37
N TYR B 64 -11.58 -19.16 2.86
CA TYR B 64 -11.60 -19.67 4.25
C TYR B 64 -11.26 -21.16 4.32
N PRO B 65 -10.37 -21.57 5.25
CA PRO B 65 -10.35 -22.98 5.61
C PRO B 65 -11.65 -23.33 6.36
N ARG B 66 -12.18 -24.53 6.12
CA ARG B 66 -13.37 -25.00 6.82
C ARG B 66 -13.09 -26.39 7.36
N LEU B 67 -13.65 -26.66 8.54
CA LEU B 67 -13.28 -27.79 9.35
C LEU B 67 -14.46 -28.73 9.59
N ALA B 68 -14.14 -29.99 9.80
CA ALA B 68 -15.14 -31.04 10.10
C ALA B 68 -16.21 -31.02 9.04
N GLN B 69 -15.80 -30.95 7.78
CA GLN B 69 -16.74 -30.78 6.67
C GLN B 69 -17.17 -32.11 6.03
N ASP B 70 -16.74 -33.22 6.60
CA ASP B 70 -17.07 -34.52 6.07
C ASP B 70 -16.69 -34.67 4.57
N VAL B 71 -15.46 -34.28 4.26
CA VAL B 71 -14.93 -34.26 2.90
C VAL B 71 -13.71 -35.15 2.79
N GLU B 72 -13.65 -35.93 1.72
CA GLU B 72 -12.49 -36.75 1.40
C GLU B 72 -12.50 -37.06 -0.11
N ALA B 73 -11.30 -37.05 -0.70
CA ALA B 73 -11.10 -37.31 -2.13
C ALA B 73 -11.98 -36.44 -2.98
N PRO B 74 -11.75 -35.11 -2.92
CA PRO B 74 -12.56 -34.23 -3.74
C PRO B 74 -12.51 -34.56 -5.21
N ASP B 75 -13.63 -34.34 -5.88
CA ASP B 75 -13.81 -34.63 -7.30
C ASP B 75 -13.73 -33.34 -8.08
N THR B 76 -12.69 -33.25 -8.90
CA THR B 76 -12.47 -32.01 -9.70
C THR B 76 -13.22 -32.03 -11.03
N SER B 77 -13.91 -33.13 -11.36
CA SER B 77 -14.54 -33.19 -12.69
C SER B 77 -15.71 -32.24 -12.86
N THR B 78 -15.95 -31.81 -14.11
CA THR B 78 -17.10 -30.98 -14.38
C THR B 78 -17.51 -31.18 -15.82
N GLU B 79 -18.53 -30.45 -16.26
CA GLU B 79 -19.02 -30.56 -17.62
C GLU B 79 -19.33 -29.16 -18.12
N ILE B 80 -18.99 -28.87 -19.38
CA ILE B 80 -19.31 -27.56 -19.98
C ILE B 80 -19.79 -27.79 -21.41
N LEU B 81 -20.99 -27.29 -21.70
CA LEU B 81 -21.64 -27.47 -23.01
C LEU B 81 -21.53 -28.92 -23.47
N GLY B 82 -21.82 -29.84 -22.56
CA GLY B 82 -21.82 -31.25 -22.86
C GLY B 82 -20.47 -31.96 -22.95
N HIS B 83 -19.39 -31.24 -22.65
CA HIS B 83 -18.08 -31.87 -22.58
C HIS B 83 -17.70 -32.19 -21.15
N LYS B 84 -17.42 -33.46 -20.88
CA LYS B 84 -17.00 -33.89 -19.57
C LYS B 84 -15.49 -33.72 -19.49
N ILE B 85 -15.03 -32.92 -18.52
CA ILE B 85 -13.59 -32.61 -18.42
C ILE B 85 -13.10 -32.94 -17.01
N LYS B 86 -11.79 -33.23 -16.91
CA LYS B 86 -11.22 -33.80 -15.69
C LYS B 86 -11.17 -32.79 -14.52
N ALA B 87 -11.10 -31.52 -14.89
CA ALA B 87 -10.97 -30.44 -13.94
C ALA B 87 -11.62 -29.20 -14.55
N PRO B 88 -11.96 -28.19 -13.72
CA PRO B 88 -12.69 -27.03 -14.26
C PRO B 88 -11.75 -25.97 -14.88
N PHE B 89 -10.85 -26.43 -15.72
CA PHE B 89 -10.05 -25.56 -16.54
C PHE B 89 -9.85 -26.12 -17.94
N ILE B 90 -9.73 -25.20 -18.90
CA ILE B 90 -9.45 -25.52 -20.29
C ILE B 90 -8.19 -24.78 -20.76
N MET B 91 -7.69 -25.11 -21.94
CA MET B 91 -6.56 -24.36 -22.51
C MET B 91 -7.05 -23.11 -23.26
N ALA B 92 -6.50 -21.95 -22.91
CA ALA B 92 -6.81 -20.73 -23.61
C ALA B 92 -6.26 -20.76 -25.01
N PRO B 93 -6.95 -20.08 -25.95
CA PRO B 93 -6.47 -19.97 -27.33
C PRO B 93 -5.28 -19.04 -27.38
N ILE B 94 -4.14 -19.54 -27.86
CA ILE B 94 -2.88 -18.80 -27.97
C ILE B 94 -2.23 -19.21 -29.28
N GLY B 95 -1.85 -18.23 -30.10
CA GLY B 95 -1.18 -18.54 -31.38
C GLY B 95 0.32 -18.74 -31.20
N ALA B 96 0.98 -19.21 -32.24
CA ALA B 96 2.44 -19.25 -32.22
C ALA B 96 3.08 -19.97 -30.97
N HIS B 97 2.57 -21.17 -30.66
CA HIS B 97 3.12 -21.94 -29.54
C HIS B 97 4.57 -22.31 -29.90
N GLY B 98 4.87 -22.24 -31.18
CA GLY B 98 6.21 -22.49 -31.68
C GLY B 98 7.27 -21.56 -31.12
N LEU B 99 6.87 -20.45 -30.51
CA LEU B 99 7.84 -19.60 -29.83
C LEU B 99 8.34 -20.27 -28.55
N ALA B 100 7.52 -21.15 -27.96
CA ALA B 100 7.87 -21.84 -26.74
C ALA B 100 8.61 -23.15 -26.99
N HIS B 101 8.17 -23.90 -27.99
CA HIS B 101 8.69 -25.26 -28.22
C HIS B 101 8.51 -25.67 -29.69
N ALA B 102 9.45 -26.46 -30.21
CA ALA B 102 9.42 -26.88 -31.59
C ALA B 102 8.18 -27.66 -31.98
N THR B 103 7.57 -28.40 -31.05
CA THR B 103 6.36 -29.20 -31.34
C THR B 103 5.08 -28.31 -31.40
N LYS B 104 5.26 -27.05 -31.01
CA LYS B 104 4.27 -26.02 -31.20
C LYS B 104 2.87 -26.48 -30.72
N GLU B 105 1.81 -26.14 -31.43
CA GLU B 105 0.44 -26.32 -30.93
C GLU B 105 0.13 -27.82 -30.81
N ALA B 106 0.80 -28.65 -31.61
CA ALA B 106 0.57 -30.09 -31.53
C ALA B 106 1.00 -30.61 -30.17
N GLY B 107 2.09 -30.06 -29.64
CA GLY B 107 2.56 -30.49 -28.31
C GLY B 107 1.60 -30.10 -27.22
N THR B 108 1.13 -28.85 -27.25
CA THR B 108 0.14 -28.45 -26.26
C THR B 108 -1.12 -29.32 -26.39
N ALA B 109 -1.53 -29.55 -27.62
CA ALA B 109 -2.73 -30.34 -27.91
C ALA B 109 -2.63 -31.72 -27.28
N ARG B 110 -1.46 -32.37 -27.42
CA ARG B 110 -1.30 -33.69 -26.88
C ARG B 110 -1.44 -33.66 -25.36
N ALA B 111 -0.80 -32.68 -24.71
CA ALA B 111 -0.93 -32.54 -23.26
C ALA B 111 -2.37 -32.38 -22.81
N VAL B 112 -3.06 -31.48 -23.49
CA VAL B 112 -4.45 -31.15 -23.12
C VAL B 112 -5.37 -32.38 -23.30
N SER B 113 -5.26 -33.03 -24.46
CA SER B 113 -6.04 -34.22 -24.78
C SER B 113 -5.75 -35.38 -23.80
N GLU B 114 -4.48 -35.67 -23.59
CA GLU B 114 -4.10 -36.75 -22.61
C GLU B 114 -4.55 -36.44 -21.18
N PHE B 115 -4.48 -35.19 -20.77
CA PHE B 115 -4.98 -34.78 -19.45
C PHE B 115 -6.48 -34.97 -19.31
N GLY B 116 -7.20 -34.59 -20.36
CA GLY B 116 -8.64 -34.70 -20.36
C GLY B 116 -9.42 -33.40 -20.24
N THR B 117 -8.98 -32.38 -20.94
CA THR B 117 -9.77 -31.18 -21.07
C THR B 117 -9.82 -30.71 -22.52
N ILE B 118 -10.33 -29.51 -22.71
CA ILE B 118 -10.60 -28.96 -24.03
C ILE B 118 -9.47 -28.10 -24.50
N MET B 119 -9.09 -28.30 -25.76
CA MET B 119 -8.06 -27.47 -26.39
C MET B 119 -8.71 -26.33 -27.15
N SER B 120 -8.28 -25.08 -26.95
CA SER B 120 -8.74 -23.96 -27.78
C SER B 120 -7.64 -23.66 -28.76
N ILE B 121 -8.04 -23.67 -30.05
CA ILE B 121 -7.14 -23.45 -31.16
C ILE B 121 -7.25 -22.02 -31.68
N SER B 122 -6.15 -21.30 -31.63
CA SER B 122 -6.10 -19.94 -32.18
C SER B 122 -6.05 -19.93 -33.68
N ALA B 123 -6.77 -18.98 -34.26
CA ALA B 123 -6.69 -18.75 -35.70
C ALA B 123 -5.27 -18.40 -36.13
N TYR B 124 -4.47 -17.87 -35.21
CA TYR B 124 -3.08 -17.49 -35.48
C TYR B 124 -2.09 -18.57 -35.02
N SER B 125 -2.55 -19.83 -34.91
CA SER B 125 -1.63 -20.92 -34.63
C SER B 125 -0.57 -21.06 -35.69
N GLY B 126 0.64 -21.46 -35.29
CA GLY B 126 1.69 -21.73 -36.28
C GLY B 126 1.53 -23.11 -36.91
N ALA B 127 0.51 -23.86 -36.51
CA ALA B 127 0.29 -25.22 -37.02
C ALA B 127 -1.01 -25.23 -37.80
N THR B 128 -1.15 -26.19 -38.72
CA THR B 128 -2.38 -26.41 -39.45
C THR B 128 -3.37 -27.19 -38.59
N PHE B 129 -4.63 -27.19 -39.01
CA PHE B 129 -5.60 -28.02 -38.35
C PHE B 129 -5.13 -29.49 -38.36
N GLU B 130 -4.60 -29.95 -39.50
CA GLU B 130 -4.14 -31.33 -39.62
C GLU B 130 -3.05 -31.66 -38.56
N GLU B 131 -2.06 -30.77 -38.39
CA GLU B 131 -1.00 -30.96 -37.41
C GLU B 131 -1.53 -30.95 -36.00
N ILE B 132 -2.43 -30.03 -35.70
CA ILE B 132 -3.03 -29.96 -34.38
C ILE B 132 -3.86 -31.18 -34.10
N SER B 133 -4.62 -31.62 -35.11
CA SER B 133 -5.45 -32.82 -34.97
C SER B 133 -4.63 -34.11 -34.67
N GLU B 134 -3.45 -34.26 -35.27
CA GLU B 134 -2.55 -35.36 -34.95
C GLU B 134 -2.21 -35.33 -33.45
N GLY B 135 -1.85 -34.16 -32.93
CA GLY B 135 -1.58 -34.05 -31.50
C GLY B 135 -2.79 -34.31 -30.62
N LEU B 136 -3.97 -33.87 -31.05
CA LEU B 136 -5.16 -34.06 -30.21
C LEU B 136 -5.60 -35.51 -30.10
N ASN B 137 -5.32 -36.30 -31.14
CA ASN B 137 -5.69 -37.71 -31.16
C ASN B 137 -7.15 -37.89 -30.72
N GLY B 138 -8.05 -37.08 -31.26
CA GLY B 138 -9.48 -37.15 -30.97
C GLY B 138 -10.02 -36.32 -29.82
N GLY B 139 -9.16 -35.60 -29.12
CA GLY B 139 -9.58 -34.80 -28.01
C GLY B 139 -10.50 -33.65 -28.45
N PRO B 140 -11.34 -33.17 -27.55
CA PRO B 140 -12.26 -32.08 -27.87
C PRO B 140 -11.49 -30.78 -28.12
N ARG B 141 -12.04 -29.97 -29.01
CA ARG B 141 -11.41 -28.72 -29.36
C ARG B 141 -12.47 -27.68 -29.69
N TRP B 142 -12.12 -26.44 -29.35
CA TRP B 142 -12.86 -25.24 -29.69
C TRP B 142 -11.97 -24.36 -30.55
N PHE B 143 -12.57 -23.68 -31.53
CA PHE B 143 -11.76 -22.85 -32.43
C PHE B 143 -11.99 -21.36 -32.14
N GLN B 144 -10.92 -20.63 -32.00
CA GLN B 144 -10.96 -19.19 -31.71
C GLN B 144 -10.68 -18.42 -32.98
N ILE B 145 -11.65 -17.62 -33.41
CA ILE B 145 -11.51 -16.84 -34.60
C ILE B 145 -11.10 -15.42 -34.31
N TYR B 146 -10.18 -14.96 -35.16
CA TYR B 146 -9.92 -13.56 -35.38
C TYR B 146 -10.55 -13.29 -36.73
N MET B 147 -11.63 -12.54 -36.67
CA MET B 147 -12.43 -12.25 -37.87
C MET B 147 -11.67 -11.53 -38.93
N ALA B 148 -11.87 -12.00 -40.15
CA ALA B 148 -11.55 -11.30 -41.38
C ALA B 148 -12.55 -10.20 -41.71
N LYS B 149 -12.08 -9.19 -42.42
CA LYS B 149 -13.00 -8.23 -43.04
C LYS B 149 -13.93 -8.89 -44.08
N ASP B 150 -13.41 -9.84 -44.85
CA ASP B 150 -14.21 -10.51 -45.89
C ASP B 150 -15.11 -11.59 -45.33
N ASP B 151 -16.41 -11.50 -45.60
CA ASP B 151 -17.42 -12.42 -45.08
C ASP B 151 -17.17 -13.87 -45.50
N GLN B 152 -16.84 -14.09 -46.77
CA GLN B 152 -16.63 -15.47 -47.25
C GLN B 152 -15.43 -16.13 -46.56
N GLN B 153 -14.40 -15.34 -46.27
CA GLN B 153 -13.23 -15.86 -45.56
C GLN B 153 -13.61 -16.37 -44.16
N ASN B 154 -14.45 -15.63 -43.46
CA ASN B 154 -14.96 -16.07 -42.17
C ASN B 154 -15.77 -17.35 -42.34
N ARG B 155 -16.64 -17.40 -43.36
CA ARG B 155 -17.41 -18.59 -43.60
C ARG B 155 -16.48 -19.80 -43.85
N ASP B 156 -15.46 -19.58 -44.65
CA ASP B 156 -14.53 -20.64 -45.02
C ASP B 156 -13.75 -21.15 -43.81
N ILE B 157 -13.23 -20.24 -42.99
CA ILE B 157 -12.47 -20.63 -41.81
C ILE B 157 -13.35 -21.38 -40.82
N LEU B 158 -14.57 -20.90 -40.62
CA LEU B 158 -15.48 -21.57 -39.70
C LEU B 158 -15.84 -22.95 -40.23
N ASP B 159 -16.04 -23.07 -41.54
CA ASP B 159 -16.34 -24.39 -42.12
C ASP B 159 -15.20 -25.38 -41.91
N GLU B 160 -13.96 -24.93 -42.10
CA GLU B 160 -12.77 -25.78 -41.89
C GLU B 160 -12.65 -26.18 -40.44
N ALA B 161 -12.88 -25.22 -39.54
CA ALA B 161 -12.81 -25.50 -38.10
C ALA B 161 -13.80 -26.54 -37.67
N LYS B 162 -15.00 -26.44 -38.21
CA LYS B 162 -16.06 -27.34 -37.86
C LYS B 162 -15.80 -28.71 -38.45
N GLY B 163 -15.30 -28.74 -39.68
CA GLY B 163 -14.92 -30.01 -40.32
C GLY B 163 -13.76 -30.70 -39.63
N ASP B 164 -12.88 -29.92 -39.01
CA ASP B 164 -11.84 -30.42 -38.14
C ASP B 164 -12.34 -30.99 -36.80
N GLY B 165 -13.58 -30.75 -36.46
CA GLY B 165 -14.12 -31.28 -35.19
C GLY B 165 -14.45 -30.28 -34.11
N ALA B 166 -14.34 -28.98 -34.41
CA ALA B 166 -14.64 -27.98 -33.41
C ALA B 166 -16.08 -28.06 -32.96
N THR B 167 -16.30 -28.00 -31.65
CA THR B 167 -17.64 -28.01 -31.06
C THR B 167 -18.10 -26.71 -30.42
N ALA B 168 -17.26 -25.68 -30.49
CA ALA B 168 -17.64 -24.31 -30.08
C ALA B 168 -16.71 -23.37 -30.83
N ILE B 169 -17.17 -22.13 -30.98
CA ILE B 169 -16.38 -21.10 -31.58
C ILE B 169 -16.19 -19.98 -30.53
N ILE B 170 -14.97 -19.46 -30.48
CA ILE B 170 -14.60 -18.37 -29.60
C ILE B 170 -14.28 -17.13 -30.47
N LEU B 171 -15.05 -16.07 -30.28
CA LEU B 171 -14.80 -14.80 -30.96
C LEU B 171 -13.99 -13.92 -30.01
N THR B 172 -12.70 -13.75 -30.31
CA THR B 172 -11.89 -12.83 -29.53
C THR B 172 -12.04 -11.46 -30.17
N ALA B 173 -12.59 -10.53 -29.41
CA ALA B 173 -13.01 -9.22 -29.94
C ALA B 173 -12.32 -8.08 -29.23
N ASP B 174 -11.33 -8.39 -28.37
CA ASP B 174 -10.58 -7.37 -27.63
C ASP B 174 -9.22 -6.99 -28.26
N SER B 175 -8.98 -7.41 -29.50
CA SER B 175 -7.70 -7.22 -30.18
C SER B 175 -7.89 -6.58 -31.56
N THR B 176 -8.87 -5.68 -31.68
CA THR B 176 -9.12 -5.03 -32.95
C THR B 176 -7.90 -4.23 -33.41
N VAL B 177 -7.11 -3.75 -32.44
CA VAL B 177 -5.75 -3.31 -32.69
C VAL B 177 -4.88 -3.87 -31.57
N SER B 178 -3.56 -3.86 -31.76
CA SER B 178 -2.66 -4.44 -30.78
C SER B 178 -2.50 -3.59 -29.52
N GLY B 179 -2.25 -4.22 -28.39
CA GLY B 179 -1.82 -3.49 -27.20
C GLY B 179 -0.43 -2.92 -27.39
N ASN B 180 -0.08 -1.96 -26.53
CA ASN B 180 1.21 -1.31 -26.49
C ASN B 180 2.22 -2.15 -25.73
N ARG B 181 2.78 -3.13 -26.40
CA ARG B 181 3.60 -4.14 -25.74
C ARG B 181 5.05 -3.72 -25.77
N ASP B 182 5.49 -2.97 -24.76
CA ASP B 182 6.82 -2.36 -24.80
C ASP B 182 7.98 -3.34 -25.01
N ARG B 183 7.91 -4.53 -24.40
CA ARG B 183 9.05 -5.47 -24.54
C ARG B 183 9.29 -5.79 -26.01
N ASP B 184 8.22 -5.96 -26.80
CA ASP B 184 8.32 -6.35 -28.20
C ASP B 184 8.88 -5.18 -28.99
N VAL B 185 8.47 -3.96 -28.65
CA VAL B 185 9.06 -2.77 -29.29
C VAL B 185 10.58 -2.68 -28.97
N LYS B 186 10.96 -2.80 -27.71
CA LYS B 186 12.36 -2.61 -27.23
C LYS B 186 13.31 -3.72 -27.65
N ASN B 187 12.78 -4.93 -27.74
CA ASN B 187 13.55 -6.07 -28.26
C ASN B 187 13.60 -6.09 -29.77
N LYS B 188 12.81 -5.23 -30.40
CA LYS B 188 12.63 -5.21 -31.84
C LYS B 188 12.25 -6.59 -32.36
N PHE B 189 11.29 -7.23 -31.69
CA PHE B 189 10.83 -8.58 -32.04
C PHE B 189 9.79 -8.58 -33.14
N VAL B 190 9.85 -9.55 -34.05
CA VAL B 190 8.84 -9.75 -35.10
C VAL B 190 8.55 -11.25 -35.32
N TYR B 191 7.37 -11.62 -35.82
CA TYR B 191 6.97 -13.04 -35.97
C TYR B 191 7.84 -13.83 -36.93
N PRO B 192 8.34 -14.98 -36.48
CA PRO B 192 9.28 -15.75 -37.29
C PRO B 192 8.66 -16.83 -38.18
N PHE B 193 7.36 -17.02 -38.09
CA PHE B 193 6.73 -18.02 -38.96
C PHE B 193 5.29 -17.65 -39.27
N GLY B 194 4.71 -18.41 -40.18
CA GLY B 194 3.38 -18.13 -40.72
C GLY B 194 2.21 -18.52 -39.85
N MET B 195 1.04 -18.18 -40.35
CA MET B 195 -0.24 -18.49 -39.72
C MET B 195 -1.09 -19.17 -40.77
N PRO B 196 -0.93 -20.49 -40.90
CA PRO B 196 -1.45 -21.18 -42.07
C PRO B 196 -2.95 -21.31 -42.12
N ILE B 197 -3.63 -21.27 -40.99
CA ILE B 197 -5.08 -21.36 -40.97
C ILE B 197 -5.70 -20.15 -41.62
N VAL B 198 -5.13 -18.98 -41.36
CA VAL B 198 -5.57 -17.76 -41.97
C VAL B 198 -4.81 -17.60 -43.29
N THR B 205 2.41 -13.54 -46.37
CA THR B 205 2.63 -14.44 -45.23
C THR B 205 2.75 -13.70 -43.89
N ALA B 206 2.32 -14.36 -42.80
CA ALA B 206 2.48 -13.82 -41.44
C ALA B 206 3.96 -13.67 -41.03
N GLU B 207 4.82 -14.52 -41.60
CA GLU B 207 6.26 -14.51 -41.31
C GLU B 207 6.88 -13.17 -41.69
N GLY B 208 7.55 -12.52 -40.73
CA GLY B 208 8.11 -11.17 -40.94
C GLY B 208 7.12 -10.04 -40.65
N MET B 209 5.90 -10.38 -40.25
CA MET B 209 4.90 -9.37 -39.87
C MET B 209 4.94 -9.09 -38.37
N SER B 210 4.74 -7.82 -38.01
CA SER B 210 4.43 -7.44 -36.63
C SER B 210 3.00 -7.90 -36.25
N LEU B 211 2.77 -8.20 -34.97
CA LEU B 211 1.40 -8.47 -34.52
C LEU B 211 0.44 -7.29 -34.83
N ASN B 212 0.88 -6.04 -34.66
CA ASN B 212 -0.05 -4.93 -34.92
C ASN B 212 -0.63 -4.92 -36.35
N ASN B 213 0.21 -5.23 -37.35
CA ASN B 213 -0.27 -5.36 -38.73
C ASN B 213 -1.11 -6.63 -38.98
N ILE B 214 -0.81 -7.69 -38.23
CA ILE B 214 -1.60 -8.91 -38.32
C ILE B 214 -3.03 -8.60 -37.85
N TYR B 215 -3.15 -8.08 -36.61
CA TYR B 215 -4.43 -7.59 -36.09
C TYR B 215 -5.09 -6.54 -37.02
N GLY B 216 -4.26 -5.72 -37.67
CA GLY B 216 -4.70 -4.80 -38.71
C GLY B 216 -5.45 -5.44 -39.89
N ALA B 217 -5.03 -6.64 -40.30
CA ALA B 217 -5.69 -7.35 -41.43
C ALA B 217 -7.07 -7.99 -41.02
N SER B 218 -7.20 -8.22 -39.73
CA SER B 218 -8.43 -8.72 -39.20
C SER B 218 -9.48 -7.57 -39.20
N LYS B 219 -10.71 -7.89 -38.82
CA LYS B 219 -11.78 -6.91 -38.78
C LYS B 219 -11.61 -6.01 -37.58
N GLN B 220 -11.60 -4.70 -37.77
CA GLN B 220 -11.67 -3.73 -36.64
C GLN B 220 -13.09 -3.40 -36.24
N LYS B 221 -14.00 -3.31 -37.23
CA LYS B 221 -15.35 -2.82 -37.01
C LYS B 221 -16.29 -3.98 -36.63
N ILE B 222 -15.87 -4.75 -35.65
CA ILE B 222 -16.69 -5.80 -35.12
C ILE B 222 -17.90 -5.15 -34.47
N SER B 223 -19.08 -5.73 -34.72
CA SER B 223 -20.33 -5.23 -34.14
C SER B 223 -21.13 -6.41 -33.63
N PRO B 224 -22.24 -6.15 -32.95
CA PRO B 224 -22.99 -7.30 -32.45
C PRO B 224 -23.49 -8.24 -33.56
N ARG B 225 -23.76 -7.71 -34.75
CA ARG B 225 -24.13 -8.53 -35.90
C ARG B 225 -23.13 -9.63 -36.19
N ASP B 226 -21.84 -9.39 -35.95
CA ASP B 226 -20.83 -10.42 -36.16
C ASP B 226 -21.03 -11.63 -35.26
N ILE B 227 -21.45 -11.41 -34.02
CA ILE B 227 -21.73 -12.50 -33.09
C ILE B 227 -22.89 -13.35 -33.62
N GLU B 228 -23.95 -12.65 -34.06
CA GLU B 228 -25.12 -13.29 -34.64
C GLU B 228 -24.72 -14.11 -35.86
N GLU B 229 -23.91 -13.51 -36.74
CA GLU B 229 -23.46 -14.16 -37.99
C GLU B 229 -22.57 -15.40 -37.79
N ILE B 230 -21.67 -15.32 -36.83
CA ILE B 230 -20.83 -16.47 -36.54
C ILE B 230 -21.65 -17.62 -35.96
N ALA B 231 -22.60 -17.31 -35.10
CA ALA B 231 -23.45 -18.33 -34.45
C ALA B 231 -24.34 -19.01 -35.48
N ALA B 232 -24.99 -18.19 -36.29
CA ALA B 232 -25.87 -18.73 -37.34
C ALA B 232 -25.11 -19.57 -38.35
N HIS B 233 -23.97 -19.08 -38.83
CA HIS B 233 -23.22 -19.80 -39.84
C HIS B 233 -22.65 -21.12 -39.35
N SER B 234 -22.01 -21.07 -38.19
CA SER B 234 -21.33 -22.25 -37.66
C SER B 234 -22.30 -23.29 -37.12
N GLY B 235 -23.44 -22.86 -36.59
CA GLY B 235 -24.39 -23.76 -35.95
C GLY B 235 -23.80 -24.33 -34.67
N LEU B 236 -22.75 -23.65 -34.14
CA LEU B 236 -22.06 -24.09 -32.92
C LEU B 236 -22.22 -23.03 -31.84
N PRO B 237 -22.10 -23.43 -30.58
CA PRO B 237 -22.14 -22.38 -29.55
C PRO B 237 -20.98 -21.42 -29.70
N VAL B 238 -21.26 -20.13 -29.54
CA VAL B 238 -20.25 -19.09 -29.65
C VAL B 238 -19.97 -18.42 -28.28
N PHE B 239 -18.71 -18.38 -27.90
CA PHE B 239 -18.26 -17.61 -26.75
C PHE B 239 -17.73 -16.29 -27.26
N VAL B 240 -18.02 -15.22 -26.54
CA VAL B 240 -17.40 -13.94 -26.84
C VAL B 240 -16.32 -13.69 -25.78
N LYS B 241 -15.08 -13.54 -26.26
CA LYS B 241 -13.90 -13.45 -25.39
C LYS B 241 -13.28 -12.04 -25.35
N GLY B 242 -12.88 -11.62 -24.14
CA GLY B 242 -12.32 -10.30 -23.90
C GLY B 242 -13.18 -9.41 -23.04
N ILE B 243 -14.27 -9.96 -22.53
CA ILE B 243 -15.24 -9.15 -21.81
C ILE B 243 -14.73 -8.79 -20.44
N GLN B 244 -14.83 -7.49 -20.15
CA GLN B 244 -14.52 -6.93 -18.82
C GLN B 244 -15.64 -6.07 -18.25
N HIS B 245 -16.59 -5.64 -19.08
CA HIS B 245 -17.68 -4.74 -18.65
C HIS B 245 -18.99 -5.51 -18.75
N PRO B 246 -19.84 -5.44 -17.73
CA PRO B 246 -21.07 -6.26 -17.75
C PRO B 246 -22.00 -5.98 -18.89
N GLU B 247 -22.05 -4.76 -19.40
CA GLU B 247 -22.93 -4.45 -20.55
C GLU B 247 -22.57 -5.28 -21.78
N ASP B 248 -21.29 -5.60 -21.96
CA ASP B 248 -20.91 -6.41 -23.10
C ASP B 248 -21.37 -7.85 -22.96
N ALA B 249 -21.50 -8.35 -21.71
CA ALA B 249 -22.02 -9.70 -21.50
C ALA B 249 -23.50 -9.71 -21.90
N ASP B 250 -24.22 -8.69 -21.50
CA ASP B 250 -25.60 -8.60 -21.92
C ASP B 250 -25.77 -8.49 -23.46
N MET B 251 -24.99 -7.62 -24.07
CA MET B 251 -24.99 -7.43 -25.52
C MET B 251 -24.68 -8.76 -26.23
N ALA B 252 -23.66 -9.47 -25.73
CA ALA B 252 -23.24 -10.69 -26.39
C ALA B 252 -24.34 -11.74 -26.34
N ILE B 253 -25.01 -11.88 -25.20
CA ILE B 253 -26.06 -12.89 -25.05
C ILE B 253 -27.25 -12.54 -25.95
N LYS B 254 -27.56 -11.25 -25.99
CA LYS B 254 -28.68 -10.78 -26.81
C LYS B 254 -28.42 -11.01 -28.28
N ALA B 255 -27.15 -10.96 -28.65
CA ALA B 255 -26.69 -11.15 -30.02
C ALA B 255 -26.55 -12.63 -30.38
N GLY B 256 -26.78 -13.53 -29.45
CA GLY B 256 -26.78 -14.96 -29.74
C GLY B 256 -25.58 -15.76 -29.23
N ALA B 257 -24.77 -15.18 -28.35
CA ALA B 257 -23.64 -15.93 -27.75
C ALA B 257 -24.17 -17.03 -26.82
N SER B 258 -23.50 -18.16 -26.79
CA SER B 258 -23.87 -19.27 -25.88
C SER B 258 -22.94 -19.33 -24.67
N GLY B 259 -22.00 -18.39 -24.58
CA GLY B 259 -21.11 -18.31 -23.44
C GLY B 259 -20.38 -16.99 -23.40
N ILE B 260 -19.98 -16.60 -22.21
CA ILE B 260 -19.24 -15.37 -21.96
C ILE B 260 -17.83 -15.76 -21.49
N TRP B 261 -16.81 -15.14 -22.09
CA TRP B 261 -15.43 -15.45 -21.72
C TRP B 261 -14.77 -14.17 -21.23
N VAL B 262 -14.69 -14.10 -19.91
CA VAL B 262 -14.19 -12.93 -19.21
C VAL B 262 -12.68 -12.98 -19.30
N SER B 263 -12.08 -11.90 -19.80
CA SER B 263 -10.63 -11.89 -20.14
C SER B 263 -10.17 -10.49 -20.38
N ASN B 264 -8.91 -10.20 -20.04
CA ASN B 264 -8.24 -9.05 -20.60
C ASN B 264 -7.03 -9.44 -21.44
N HIS B 265 -7.05 -10.65 -22.01
CA HIS B 265 -6.01 -11.10 -22.95
C HIS B 265 -4.67 -11.17 -22.23
N GLY B 266 -4.68 -11.62 -20.99
CA GLY B 266 -3.42 -11.72 -20.28
C GLY B 266 -2.71 -10.39 -20.12
N ALA B 267 -3.46 -9.30 -20.06
CA ALA B 267 -2.95 -7.92 -19.97
C ALA B 267 -2.12 -7.47 -21.18
N ARG B 268 -2.28 -8.15 -22.31
CA ARG B 268 -1.53 -7.86 -23.55
C ARG B 268 -2.24 -6.83 -24.42
N GLN B 269 -3.43 -6.38 -24.00
CA GLN B 269 -4.24 -5.48 -24.78
C GLN B 269 -4.40 -4.14 -24.06
N LEU B 270 -5.60 -3.72 -23.62
CA LEU B 270 -5.70 -2.38 -23.06
C LEU B 270 -4.97 -2.27 -21.72
N TYR B 271 -4.15 -1.22 -21.62
CA TYR B 271 -3.36 -0.87 -20.47
C TYR B 271 -4.13 0.01 -19.51
N GLU B 272 -3.77 -0.03 -18.22
CA GLU B 272 -4.38 0.85 -17.22
C GLU B 272 -5.87 0.56 -17.03
N ALA B 273 -6.14 -0.74 -17.11
CA ALA B 273 -7.43 -1.37 -17.00
C ALA B 273 -7.41 -2.23 -15.74
N PRO B 274 -8.59 -2.66 -15.26
CA PRO B 274 -8.58 -3.51 -14.05
C PRO B 274 -7.92 -4.87 -14.18
N GLY B 275 -7.52 -5.42 -13.04
CA GLY B 275 -7.19 -6.85 -13.00
C GLY B 275 -8.42 -7.66 -13.33
N SER B 276 -8.27 -8.68 -14.17
CA SER B 276 -9.43 -9.37 -14.70
C SER B 276 -10.37 -9.94 -13.62
N PHE B 277 -9.80 -10.56 -12.60
CA PHE B 277 -10.64 -11.14 -11.56
C PHE B 277 -11.54 -10.11 -10.86
N ASP B 278 -11.11 -8.85 -10.75
CA ASP B 278 -11.96 -7.84 -10.13
C ASP B 278 -13.23 -7.53 -10.93
N THR B 279 -13.22 -7.83 -12.23
CA THR B 279 -14.34 -7.56 -13.11
C THR B 279 -15.38 -8.67 -13.11
N LEU B 280 -15.00 -9.84 -12.60
CA LEU B 280 -15.81 -11.04 -12.75
C LEU B 280 -17.18 -10.96 -12.02
N PRO B 281 -17.21 -10.52 -10.75
CA PRO B 281 -18.49 -10.56 -10.04
C PRO B 281 -19.58 -9.76 -10.76
N ALA B 282 -19.26 -8.53 -11.20
CA ALA B 282 -20.28 -7.68 -11.87
C ALA B 282 -20.72 -8.35 -13.14
N ILE B 283 -19.82 -9.01 -13.86
CA ILE B 283 -20.20 -9.73 -15.09
C ILE B 283 -21.08 -10.94 -14.74
N ALA B 284 -20.70 -11.70 -13.73
CA ALA B 284 -21.51 -12.88 -13.41
C ALA B 284 -22.91 -12.48 -12.93
N GLU B 285 -23.00 -11.41 -12.17
CA GLU B 285 -24.32 -10.93 -11.69
C GLU B 285 -25.18 -10.56 -12.88
N ARG B 286 -24.60 -9.92 -13.88
CA ARG B 286 -25.36 -9.51 -15.09
C ARG B 286 -25.79 -10.68 -15.95
N VAL B 287 -24.90 -11.65 -16.11
CA VAL B 287 -25.21 -12.87 -16.88
C VAL B 287 -26.36 -13.61 -16.21
N ASN B 288 -26.38 -13.65 -14.88
CA ASN B 288 -27.50 -14.23 -14.13
C ASN B 288 -27.79 -15.67 -14.55
N LYS B 289 -26.71 -16.45 -14.74
CA LYS B 289 -26.76 -17.86 -15.01
C LYS B 289 -27.37 -18.16 -16.39
N ARG B 290 -27.52 -17.17 -17.24
CA ARG B 290 -28.09 -17.42 -18.57
C ARG B 290 -27.26 -18.33 -19.46
N VAL B 291 -25.93 -18.18 -19.41
CA VAL B 291 -25.00 -18.95 -20.21
C VAL B 291 -23.80 -19.26 -19.34
N PRO B 292 -23.03 -20.28 -19.71
CA PRO B 292 -21.78 -20.52 -19.01
C PRO B 292 -20.75 -19.35 -19.11
N ILE B 293 -19.91 -19.26 -18.09
CA ILE B 293 -18.83 -18.28 -18.05
C ILE B 293 -17.50 -18.97 -17.95
N VAL B 294 -16.62 -18.60 -18.87
CA VAL B 294 -15.19 -18.93 -18.83
C VAL B 294 -14.45 -17.72 -18.30
N PHE B 295 -13.53 -17.92 -17.36
CA PHE B 295 -12.72 -16.83 -16.84
C PHE B 295 -11.23 -17.08 -17.13
N ASP B 296 -10.52 -16.03 -17.58
CA ASP B 296 -9.07 -16.08 -17.69
C ASP B 296 -8.43 -14.74 -17.39
N SER B 297 -7.09 -14.81 -17.31
CA SER B 297 -6.14 -13.68 -17.20
C SER B 297 -5.61 -13.62 -15.78
N GLY B 298 -4.58 -14.43 -15.53
CA GLY B 298 -3.87 -14.39 -14.29
C GLY B 298 -3.97 -15.61 -13.44
N VAL B 299 -4.63 -16.66 -13.90
CA VAL B 299 -4.74 -17.87 -13.09
C VAL B 299 -3.37 -18.61 -12.99
N ARG B 300 -2.90 -18.79 -11.77
CA ARG B 300 -1.57 -19.39 -11.52
C ARG B 300 -1.58 -20.49 -10.48
N ARG B 301 -2.69 -20.65 -9.75
CA ARG B 301 -2.79 -21.53 -8.59
C ARG B 301 -4.16 -22.19 -8.53
N GLY B 302 -4.24 -23.34 -7.86
CA GLY B 302 -5.52 -23.90 -7.51
C GLY B 302 -6.43 -22.97 -6.75
N GLU B 303 -5.87 -22.15 -5.87
CA GLU B 303 -6.65 -21.15 -5.16
C GLU B 303 -7.39 -20.21 -6.10
N HIS B 304 -6.76 -19.91 -7.21
CA HIS B 304 -7.32 -18.99 -8.20
C HIS B 304 -8.49 -19.65 -8.94
N VAL B 305 -8.32 -20.92 -9.28
CA VAL B 305 -9.40 -21.68 -9.90
C VAL B 305 -10.59 -21.66 -8.97
N ALA B 306 -10.35 -21.96 -7.70
CA ALA B 306 -11.45 -21.98 -6.74
C ALA B 306 -12.11 -20.59 -6.60
N LYS B 307 -11.32 -19.53 -6.49
CA LYS B 307 -11.88 -18.19 -6.32
C LYS B 307 -12.71 -17.76 -7.53
N ALA B 308 -12.26 -18.13 -8.73
CA ALA B 308 -13.00 -17.78 -9.95
C ALA B 308 -14.35 -18.48 -9.96
N LEU B 309 -14.38 -19.78 -9.67
CA LEU B 309 -15.68 -20.47 -9.58
C LEU B 309 -16.58 -19.94 -8.48
N ALA B 310 -16.01 -19.62 -7.32
CA ALA B 310 -16.78 -19.05 -6.22
C ALA B 310 -17.38 -17.67 -6.57
N SER B 311 -16.79 -17.02 -7.57
CA SER B 311 -17.16 -15.67 -8.01
C SER B 311 -18.02 -15.61 -9.26
N GLY B 312 -18.45 -16.77 -9.76
CA GLY B 312 -19.39 -16.83 -10.87
C GLY B 312 -18.94 -17.52 -12.15
N ALA B 313 -17.67 -17.88 -12.25
CA ALA B 313 -17.19 -18.65 -13.42
C ALA B 313 -17.61 -20.12 -13.29
N ASP B 314 -17.70 -20.76 -14.43
CA ASP B 314 -17.93 -22.18 -14.50
C ASP B 314 -16.64 -22.95 -14.69
N VAL B 315 -15.75 -22.43 -15.53
CA VAL B 315 -14.39 -22.91 -15.66
C VAL B 315 -13.46 -21.73 -15.84
N VAL B 316 -12.16 -22.01 -15.69
CA VAL B 316 -11.18 -21.05 -16.07
C VAL B 316 -10.38 -21.54 -17.29
N ALA B 317 -9.64 -20.63 -17.92
CA ALA B 317 -8.75 -21.00 -18.97
C ALA B 317 -7.33 -20.66 -18.58
N LEU B 318 -6.41 -21.57 -18.96
CA LEU B 318 -4.99 -21.43 -18.62
C LEU B 318 -4.19 -21.00 -19.85
N GLY B 319 -3.14 -20.21 -19.62
CA GLY B 319 -2.34 -19.69 -20.72
C GLY B 319 -0.85 -19.79 -20.46
N ARG B 320 -0.26 -18.68 -19.98
CA ARG B 320 1.21 -18.61 -19.84
C ARG B 320 1.84 -19.79 -19.09
N PRO B 321 1.27 -20.20 -17.94
CA PRO B 321 1.96 -21.31 -17.25
C PRO B 321 2.06 -22.59 -18.10
N VAL B 322 1.08 -22.86 -18.93
CA VAL B 322 1.14 -24.04 -19.77
C VAL B 322 2.17 -23.87 -20.87
N LEU B 323 2.23 -22.68 -21.46
CA LEU B 323 3.29 -22.38 -22.43
C LEU B 323 4.66 -22.50 -21.81
N PHE B 324 4.82 -22.05 -20.56
CA PHE B 324 6.12 -22.16 -19.93
C PHE B 324 6.45 -23.66 -19.72
N GLY B 325 5.48 -24.47 -19.31
CA GLY B 325 5.67 -25.90 -19.22
C GLY B 325 6.04 -26.54 -20.55
N LEU B 326 5.37 -26.10 -21.62
CA LEU B 326 5.68 -26.58 -22.96
C LEU B 326 7.11 -26.24 -23.32
N ALA B 327 7.56 -25.03 -23.00
CA ALA B 327 8.92 -24.64 -23.32
C ALA B 327 9.90 -25.60 -22.61
N LEU B 328 9.62 -25.91 -21.35
CA LEU B 328 10.54 -26.69 -20.52
C LEU B 328 10.54 -28.20 -20.84
N GLY B 329 9.43 -28.71 -21.33
CA GLY B 329 9.28 -30.15 -21.50
C GLY B 329 8.38 -30.63 -22.62
N GLY B 330 8.06 -29.78 -23.59
CA GLY B 330 7.16 -30.21 -24.65
C GLY B 330 5.82 -30.67 -24.08
N TRP B 331 5.17 -31.61 -24.74
CA TRP B 331 3.81 -32.02 -24.26
C TRP B 331 3.85 -32.55 -22.82
N GLN B 332 4.93 -33.20 -22.46
CA GLN B 332 5.07 -33.74 -21.12
C GLN B 332 5.20 -32.62 -20.10
N GLY B 333 5.91 -31.57 -20.46
CA GLY B 333 6.06 -30.38 -19.60
C GLY B 333 4.72 -29.66 -19.43
N ALA B 334 4.04 -29.44 -20.54
CA ALA B 334 2.66 -28.88 -20.47
C ALA B 334 1.72 -29.76 -19.65
N TYR B 335 1.81 -31.08 -19.83
CA TYR B 335 0.99 -32.02 -19.08
C TYR B 335 1.23 -31.88 -17.57
N SER B 336 2.50 -31.74 -17.21
CA SER B 336 2.89 -31.55 -15.82
C SER B 336 2.23 -30.33 -15.21
N VAL B 337 2.09 -29.25 -15.99
CA VAL B 337 1.41 -28.04 -15.50
C VAL B 337 -0.09 -28.30 -15.27
N LEU B 338 -0.74 -28.96 -16.22
CA LEU B 338 -2.14 -29.30 -16.07
C LEU B 338 -2.37 -30.22 -14.85
N ASP B 339 -1.48 -31.18 -14.69
CA ASP B 339 -1.53 -32.08 -13.55
C ASP B 339 -1.33 -31.32 -12.24
N TYR B 340 -0.35 -30.41 -12.22
CA TYR B 340 -0.13 -29.54 -11.08
C TYR B 340 -1.41 -28.82 -10.73
N PHE B 341 -2.06 -28.18 -11.69
CA PHE B 341 -3.30 -27.46 -11.37
C PHE B 341 -4.39 -28.36 -10.78
N GLN B 342 -4.52 -29.57 -11.32
CA GLN B 342 -5.50 -30.52 -10.80
C GLN B 342 -5.19 -30.91 -9.35
N LYS B 343 -3.93 -31.21 -9.06
CA LYS B 343 -3.55 -31.57 -7.69
C LYS B 343 -3.64 -30.34 -6.76
N ASP B 344 -3.28 -29.18 -7.26
CA ASP B 344 -3.29 -27.93 -6.46
C ASP B 344 -4.72 -27.65 -6.08
N LEU B 345 -5.62 -27.77 -7.04
CA LEU B 345 -7.03 -27.56 -6.78
C LEU B 345 -7.59 -28.58 -5.79
N THR B 346 -7.16 -29.83 -5.94
CA THR B 346 -7.60 -30.89 -5.02
C THR B 346 -7.31 -30.55 -3.57
N ARG B 347 -6.10 -30.07 -3.30
CA ARG B 347 -5.73 -29.63 -1.95
C ARG B 347 -6.69 -28.56 -1.46
N VAL B 348 -6.88 -27.54 -2.32
CA VAL B 348 -7.71 -26.39 -1.96
C VAL B 348 -9.15 -26.83 -1.66
N MET B 349 -9.68 -27.74 -2.50
CA MET B 349 -11.01 -28.30 -2.26
C MET B 349 -11.10 -28.96 -0.89
N GLN B 350 -10.11 -29.78 -0.58
CA GLN B 350 -10.11 -30.48 0.69
C GLN B 350 -10.12 -29.48 1.85
N LEU B 351 -9.26 -28.47 1.76
CA LEU B 351 -9.12 -27.55 2.91
C LEU B 351 -10.27 -26.56 3.07
N THR B 352 -10.97 -26.27 1.95
CA THR B 352 -12.11 -25.36 1.94
C THR B 352 -13.46 -26.01 2.19
N GLY B 353 -13.49 -27.35 2.27
CA GLY B 353 -14.71 -28.07 2.51
C GLY B 353 -15.48 -28.35 1.25
N SER B 354 -14.81 -28.40 0.09
CA SER B 354 -15.50 -28.62 -1.18
C SER B 354 -15.35 -30.05 -1.70
N GLN B 355 -16.43 -30.82 -1.74
CA GLN B 355 -16.35 -32.23 -2.19
C GLN B 355 -16.33 -32.28 -3.70
N ASN B 356 -16.94 -31.28 -4.32
CA ASN B 356 -17.07 -31.27 -5.77
C ASN B 356 -17.06 -29.86 -6.36
N VAL B 357 -17.02 -29.76 -7.69
CA VAL B 357 -16.92 -28.46 -8.34
C VAL B 357 -18.11 -27.54 -8.04
N GLU B 358 -19.32 -28.08 -7.90
CA GLU B 358 -20.46 -27.27 -7.58
C GLU B 358 -20.31 -26.65 -6.18
N ASP B 359 -19.68 -27.37 -5.25
CA ASP B 359 -19.38 -26.79 -3.95
C ASP B 359 -18.44 -25.56 -4.06
N LEU B 360 -17.48 -25.61 -4.97
CA LEU B 360 -16.57 -24.45 -5.17
C LEU B 360 -17.35 -23.20 -5.54
N LYS B 361 -18.37 -23.37 -6.35
CA LYS B 361 -19.14 -22.25 -6.83
C LYS B 361 -19.94 -21.57 -5.74
N GLY B 362 -20.12 -22.24 -4.59
CA GLY B 362 -20.87 -21.71 -3.48
C GLY B 362 -20.06 -21.21 -2.30
N LEU B 363 -18.73 -21.17 -2.43
CA LEU B 363 -17.91 -20.76 -1.31
C LEU B 363 -18.08 -19.30 -0.96
N ASP B 364 -18.11 -19.03 0.35
CA ASP B 364 -17.97 -17.67 0.90
C ASP B 364 -16.53 -17.21 0.65
N LEU B 365 -16.31 -15.96 0.28
CA LEU B 365 -14.96 -15.43 0.22
C LEU B 365 -14.84 -14.28 1.21
N PHE B 366 -13.66 -14.11 1.79
CA PHE B 366 -13.38 -13.04 2.73
C PHE B 366 -12.97 -11.81 1.95
N ASP B 367 -13.65 -10.69 2.13
CA ASP B 367 -13.29 -9.46 1.40
C ASP B 367 -12.08 -8.80 2.07
N ASN B 368 -11.00 -8.58 1.31
CA ASN B 368 -9.80 -7.91 1.79
C ASN B 368 -9.68 -6.47 1.23
N PRO B 369 -10.19 -5.48 1.98
CA PRO B 369 -10.14 -4.10 1.46
C PRO B 369 -8.73 -3.50 1.44
N TYR B 370 -7.80 -4.14 2.13
CA TYR B 370 -6.45 -3.69 2.17
C TYR B 370 -5.62 -4.07 0.96
N GLY B 371 -6.09 -4.98 0.11
CA GLY B 371 -5.32 -5.30 -1.11
C GLY B 371 -4.00 -5.95 -0.78
N TYR B 372 -3.02 -5.77 -1.68
CA TYR B 372 -1.85 -6.67 -1.66
C TYR B 372 -0.93 -6.48 -0.49
N GLU B 373 -0.65 -5.24 -0.12
CA GLU B 373 0.24 -4.99 1.00
C GLU B 373 -0.38 -5.26 2.37
N TYR B 374 -1.70 -5.40 2.41
CA TYR B 374 -2.40 -5.78 3.62
C TYR B 374 -2.24 -4.76 4.75
N TYR C 8 25.79 27.84 -20.79
CA TYR C 8 24.78 26.76 -20.62
C TYR C 8 24.73 25.94 -21.90
N ASN C 9 25.19 24.72 -21.82
CA ASN C 9 25.41 23.90 -22.99
C ASN C 9 24.15 23.07 -23.27
N ALA C 10 23.12 23.72 -23.79
CA ALA C 10 21.89 22.98 -24.10
C ALA C 10 22.07 22.09 -25.33
N PRO C 11 21.32 21.00 -25.40
CA PRO C 11 21.23 20.21 -26.62
C PRO C 11 20.92 21.09 -27.81
N SER C 12 21.40 20.69 -28.98
CA SER C 12 21.22 21.48 -30.22
C SER C 12 20.80 20.70 -31.43
N GLU C 13 21.00 19.39 -31.40
CA GLU C 13 20.69 18.55 -32.56
C GLU C 13 19.18 18.39 -32.75
N ILE C 14 18.76 18.17 -34.00
CA ILE C 14 17.34 18.14 -34.34
C ILE C 14 17.07 16.87 -35.13
N LYS C 15 16.20 16.05 -34.61
CA LYS C 15 15.84 14.77 -35.23
C LYS C 15 14.59 14.19 -34.59
N TYR C 16 13.82 13.40 -35.34
CA TYR C 16 12.72 12.66 -34.73
C TYR C 16 13.31 11.62 -33.78
N ILE C 17 12.52 11.24 -32.79
CA ILE C 17 12.96 10.24 -31.83
C ILE C 17 11.93 9.11 -31.75
N ASP C 18 12.38 7.93 -31.27
CA ASP C 18 11.46 6.79 -31.08
C ASP C 18 10.92 6.95 -29.67
N VAL C 19 9.60 7.00 -29.53
CA VAL C 19 9.04 7.11 -28.21
C VAL C 19 8.35 5.79 -27.90
N VAL C 20 8.92 4.95 -27.04
CA VAL C 20 8.21 3.72 -26.67
C VAL C 20 7.19 4.09 -25.62
N ASN C 21 7.59 4.96 -24.70
CA ASN C 21 6.66 5.51 -23.74
C ASN C 21 7.28 6.83 -23.33
N THR C 22 6.53 7.74 -22.72
CA THR C 22 7.12 9.02 -22.35
C THR C 22 7.94 8.99 -21.06
N TYR C 23 7.75 7.98 -20.23
CA TYR C 23 8.45 7.93 -18.92
C TYR C 23 9.95 7.81 -19.17
N ASP C 24 10.31 6.99 -20.14
CA ASP C 24 11.72 6.75 -20.47
C ASP C 24 12.43 8.01 -21.01
N LEU C 25 11.67 9.02 -21.46
CA LEU C 25 12.31 10.25 -21.96
C LEU C 25 13.02 11.01 -20.87
N GLU C 26 12.57 10.85 -19.61
CA GLU C 26 13.14 11.63 -18.51
C GLU C 26 14.61 11.23 -18.31
N GLU C 27 14.83 9.93 -18.18
CA GLU C 27 16.19 9.41 -18.04
C GLU C 27 17.04 9.74 -19.24
N GLU C 28 16.49 9.56 -20.44
CA GLU C 28 17.25 9.88 -21.65
C GLU C 28 17.64 11.35 -21.70
N ALA C 29 16.70 12.22 -21.37
CA ALA C 29 17.02 13.66 -21.37
C ALA C 29 18.09 14.05 -20.34
N SER C 30 18.11 13.33 -19.22
CA SER C 30 19.07 13.59 -18.15
C SER C 30 20.48 13.40 -18.65
N LYS C 31 20.68 12.62 -19.69
CA LYS C 31 22.03 12.36 -20.18
C LYS C 31 22.57 13.49 -21.04
N VAL C 32 21.71 14.38 -21.51
CA VAL C 32 22.07 15.44 -22.46
C VAL C 32 21.82 16.88 -22.00
N VAL C 33 20.96 17.07 -21.00
CA VAL C 33 20.64 18.37 -20.45
C VAL C 33 21.58 18.65 -19.26
N PRO C 34 22.15 19.89 -19.17
CA PRO C 34 22.95 20.22 -18.00
C PRO C 34 22.24 19.94 -16.68
N HIS C 35 23.01 19.48 -15.69
CA HIS C 35 22.43 19.03 -14.42
C HIS C 35 21.42 20.01 -13.81
N GLY C 36 21.81 21.28 -13.63
CA GLY C 36 20.90 22.20 -12.98
C GLY C 36 19.57 22.42 -13.69
N GLY C 37 19.66 22.66 -15.00
CA GLY C 37 18.49 22.87 -15.82
C GLY C 37 17.62 21.62 -15.93
N PHE C 38 18.25 20.47 -16.03
CA PHE C 38 17.50 19.21 -16.07
C PHE C 38 16.63 19.04 -14.82
N ASN C 39 17.26 19.25 -13.68
CA ASN C 39 16.58 19.10 -12.42
C ASN C 39 15.55 20.19 -12.17
N TYR C 40 15.73 21.37 -12.77
CA TYR C 40 14.69 22.42 -12.72
C TYR C 40 13.46 21.96 -13.47
N ILE C 41 13.66 21.31 -14.63
CA ILE C 41 12.53 20.80 -15.42
C ILE C 41 11.87 19.60 -14.74
N ALA C 42 12.67 18.67 -14.25
CA ALA C 42 12.16 17.39 -13.79
C ALA C 42 11.55 17.45 -12.38
N GLY C 43 12.08 18.35 -11.58
CA GLY C 43 11.78 18.34 -10.15
C GLY C 43 10.46 18.97 -9.75
N ALA C 44 10.16 18.82 -8.46
CA ALA C 44 8.88 19.26 -7.92
C ALA C 44 9.07 19.63 -6.44
N SER C 45 7.99 20.04 -5.80
CA SER C 45 8.09 20.52 -4.43
C SER C 45 8.31 19.42 -3.41
N GLY C 46 8.98 19.79 -2.35
CA GLY C 46 9.27 18.91 -1.21
C GLY C 46 10.03 17.69 -1.67
N ASP C 47 9.63 16.51 -1.19
CA ASP C 47 10.17 15.23 -1.63
C ASP C 47 9.46 14.66 -2.86
N GLU C 48 8.63 15.49 -3.52
CA GLU C 48 7.99 15.15 -4.79
C GLU C 48 6.85 14.13 -4.65
N TRP C 49 6.38 13.93 -3.42
CA TRP C 49 5.23 13.06 -3.18
C TRP C 49 4.01 13.43 -4.04
N THR C 50 3.74 14.72 -4.21
CA THR C 50 2.58 15.15 -4.98
C THR C 50 2.84 14.99 -6.47
N LYS C 51 4.10 15.05 -6.94
CA LYS C 51 4.36 14.68 -8.34
C LYS C 51 4.10 13.19 -8.56
N ARG C 52 4.51 12.36 -7.59
CA ARG C 52 4.17 10.95 -7.67
C ARG C 52 2.65 10.75 -7.61
N ALA C 53 1.98 11.55 -6.79
CA ALA C 53 0.54 11.47 -6.72
C ALA C 53 -0.15 11.81 -8.04
N ASN C 54 0.38 12.78 -8.74
CA ASN C 54 -0.15 13.10 -10.08
C ASN C 54 -0.10 11.88 -10.97
N ASP C 55 0.99 11.14 -10.89
CA ASP C 55 1.15 9.94 -11.69
C ASP C 55 0.29 8.77 -11.23
N ARG C 56 0.27 8.52 -9.93
CA ARG C 56 -0.46 7.36 -9.42
C ARG C 56 -1.97 7.53 -9.48
N ALA C 57 -2.41 8.80 -9.53
CA ALA C 57 -3.85 9.08 -9.60
C ALA C 57 -4.51 8.39 -10.79
N TRP C 58 -3.75 8.19 -11.85
CA TRP C 58 -4.31 7.51 -13.06
C TRP C 58 -4.73 6.07 -12.79
N LYS C 59 -4.17 5.46 -11.76
CA LYS C 59 -4.54 4.10 -11.43
C LYS C 59 -5.79 4.04 -10.53
N HIS C 60 -6.33 5.18 -10.09
CA HIS C 60 -7.56 5.19 -9.29
C HIS C 60 -8.84 4.90 -10.06
N LYS C 61 -8.82 5.26 -11.34
CA LYS C 61 -9.91 5.07 -12.28
C LYS C 61 -9.37 4.37 -13.52
N LEU C 62 -9.87 3.18 -13.80
CA LEU C 62 -9.29 2.32 -14.81
C LEU C 62 -10.26 2.16 -16.01
N LEU C 63 -9.67 2.03 -17.18
CA LEU C 63 -10.45 1.93 -18.41
C LEU C 63 -10.94 0.54 -18.64
N TYR C 64 -12.16 0.41 -19.19
CA TYR C 64 -12.65 -0.87 -19.66
C TYR C 64 -12.37 -1.07 -21.14
N PRO C 65 -11.82 -2.23 -21.51
CA PRO C 65 -11.97 -2.60 -22.94
C PRO C 65 -13.43 -2.89 -23.23
N ARG C 66 -13.89 -2.52 -24.42
CA ARG C 66 -15.24 -2.81 -24.85
C ARG C 66 -15.22 -3.46 -26.20
N LEU C 67 -16.20 -4.34 -26.41
CA LEU C 67 -16.19 -5.28 -27.52
C LEU C 67 -17.42 -5.10 -28.39
N ALA C 68 -17.24 -5.41 -29.67
CA ALA C 68 -18.32 -5.34 -30.67
C ALA C 68 -18.99 -3.96 -30.62
N GLN C 69 -18.17 -2.93 -30.56
CA GLN C 69 -18.62 -1.55 -30.42
C GLN C 69 -18.86 -0.89 -31.79
N ASP C 70 -18.65 -1.60 -32.89
CA ASP C 70 -18.88 -1.04 -34.23
C ASP C 70 -18.04 0.24 -34.48
N VAL C 71 -16.76 0.18 -34.11
CA VAL C 71 -15.82 1.27 -34.19
C VAL C 71 -14.63 0.90 -35.08
N GLU C 72 -14.21 1.84 -35.92
CA GLU C 72 -12.98 1.69 -36.70
C GLU C 72 -12.43 3.07 -37.07
N ALA C 73 -11.11 3.19 -37.19
CA ALA C 73 -10.42 4.45 -37.53
C ALA C 73 -10.96 5.62 -36.67
N PRO C 74 -10.72 5.57 -35.37
CA PRO C 74 -11.16 6.65 -34.50
C PRO C 74 -10.65 8.01 -34.88
N ASP C 75 -11.46 9.02 -34.59
CA ASP C 75 -11.17 10.39 -34.97
C ASP C 75 -10.73 11.10 -33.71
N THR C 76 -9.43 11.46 -33.62
CA THR C 76 -8.94 12.16 -32.44
C THR C 76 -9.24 13.65 -32.45
N SER C 77 -9.77 14.19 -33.54
CA SER C 77 -9.86 15.66 -33.68
C SER C 77 -10.91 16.25 -32.76
N THR C 78 -10.75 17.51 -32.39
CA THR C 78 -11.74 18.23 -31.64
C THR C 78 -11.63 19.74 -31.95
N GLU C 79 -12.37 20.54 -31.24
CA GLU C 79 -12.36 21.99 -31.35
C GLU C 79 -12.48 22.58 -29.97
N ILE C 80 -11.76 23.67 -29.74
CA ILE C 80 -11.88 24.38 -28.50
C ILE C 80 -11.83 25.87 -28.83
N LEU C 81 -12.85 26.56 -28.34
CA LEU C 81 -13.05 27.99 -28.61
C LEU C 81 -12.86 28.26 -30.12
N GLY C 82 -13.43 27.38 -30.93
CA GLY C 82 -13.37 27.51 -32.38
C GLY C 82 -12.10 27.08 -33.09
N HIS C 83 -11.02 26.82 -32.35
CA HIS C 83 -9.84 26.23 -32.97
C HIS C 83 -10.00 24.74 -33.22
N LYS C 84 -9.81 24.32 -34.48
CA LYS C 84 -9.77 22.92 -34.81
C LYS C 84 -8.39 22.39 -34.49
N ILE C 85 -8.32 21.34 -33.67
CA ILE C 85 -7.06 20.72 -33.29
C ILE C 85 -7.03 19.23 -33.57
N LYS C 86 -5.86 18.69 -33.83
CA LYS C 86 -5.75 17.34 -34.39
C LYS C 86 -6.09 16.24 -33.39
N ALA C 87 -5.90 16.56 -32.13
CA ALA C 87 -6.13 15.65 -30.98
C ALA C 87 -6.50 16.50 -29.78
N PRO C 88 -7.09 15.93 -28.71
CA PRO C 88 -7.59 16.78 -27.63
C PRO C 88 -6.53 17.11 -26.60
N PHE C 89 -5.44 17.65 -27.10
CA PHE C 89 -4.38 18.12 -26.25
C PHE C 89 -3.72 19.31 -26.86
N ILE C 90 -3.26 20.21 -26.00
CA ILE C 90 -2.53 21.43 -26.35
C ILE C 90 -1.19 21.46 -25.61
N MET C 91 -0.34 22.43 -25.97
CA MET C 91 0.91 22.62 -25.26
C MET C 91 0.69 23.46 -24.03
N ALA C 92 1.10 22.98 -22.86
CA ALA C 92 1.04 23.83 -21.64
C ALA C 92 2.05 24.93 -21.69
N PRO C 93 1.75 26.08 -21.03
CA PRO C 93 2.68 27.20 -20.91
C PRO C 93 3.81 26.83 -19.96
N ILE C 94 5.03 26.86 -20.48
CA ILE C 94 6.24 26.56 -19.72
C ILE C 94 7.28 27.58 -20.16
N GLY C 95 7.92 28.27 -19.21
CA GLY C 95 8.97 29.19 -19.54
C GLY C 95 10.31 28.50 -19.72
N ALA C 96 11.29 29.27 -20.16
CA ALA C 96 12.66 28.79 -20.21
C ALA C 96 12.88 27.45 -20.94
N HIS C 97 12.33 27.31 -22.15
CA HIS C 97 12.53 26.08 -22.96
C HIS C 97 13.99 25.95 -23.34
N GLY C 98 14.70 27.07 -23.34
CA GLY C 98 16.16 27.05 -23.54
C GLY C 98 16.94 26.17 -22.59
N LEU C 99 16.39 25.83 -21.43
CA LEU C 99 17.02 24.85 -20.56
C LEU C 99 17.12 23.46 -21.22
N ALA C 100 16.14 23.15 -22.06
CA ALA C 100 16.07 21.86 -22.72
C ALA C 100 16.79 21.83 -24.07
N HIS C 101 16.71 22.90 -24.82
CA HIS C 101 17.26 22.89 -26.19
C HIS C 101 17.57 24.29 -26.65
N ALA C 102 18.66 24.42 -27.41
CA ALA C 102 19.10 25.71 -27.92
C ALA C 102 18.05 26.47 -28.73
N THR C 103 17.17 25.75 -29.43
CA THR C 103 16.10 26.38 -30.21
C THR C 103 14.91 26.87 -29.40
N LYS C 104 14.90 26.53 -28.11
CA LYS C 104 13.98 27.01 -27.11
C LYS C 104 12.51 27.01 -27.56
N GLU C 105 11.77 28.05 -27.23
CA GLU C 105 10.34 28.05 -27.45
C GLU C 105 10.01 28.05 -28.95
N ALA C 106 10.94 28.53 -29.79
CA ALA C 106 10.68 28.50 -31.25
C ALA C 106 10.65 27.04 -31.74
N GLY C 107 11.48 26.19 -31.12
CA GLY C 107 11.51 24.77 -31.43
C GLY C 107 10.20 24.12 -31.04
N THR C 108 9.79 24.33 -29.80
CA THR C 108 8.50 23.77 -29.37
C THR C 108 7.34 24.26 -30.25
N ALA C 109 7.34 25.57 -30.53
CA ALA C 109 6.29 26.18 -31.36
C ALA C 109 6.23 25.52 -32.75
N ARG C 110 7.37 25.23 -33.35
CA ARG C 110 7.38 24.55 -34.69
C ARG C 110 6.76 23.15 -34.58
N ALA C 111 7.11 22.42 -33.54
CA ALA C 111 6.53 21.10 -33.34
C ALA C 111 5.03 21.17 -33.21
N VAL C 112 4.59 22.11 -32.39
CA VAL C 112 3.18 22.20 -32.03
C VAL C 112 2.35 22.64 -33.27
N SER C 113 2.85 23.63 -33.98
CA SER C 113 2.16 24.10 -35.20
C SER C 113 2.17 23.03 -36.31
N GLU C 114 3.28 22.36 -36.49
CA GLU C 114 3.36 21.28 -37.48
C GLU C 114 2.42 20.16 -37.11
N PHE C 115 2.34 19.81 -35.82
CA PHE C 115 1.41 18.78 -35.39
C PHE C 115 -0.02 19.16 -35.65
N GLY C 116 -0.36 20.41 -35.34
CA GLY C 116 -1.72 20.89 -35.51
C GLY C 116 -2.50 21.04 -34.22
N THR C 117 -1.85 21.61 -33.21
CA THR C 117 -2.57 22.05 -32.01
C THR C 117 -2.17 23.48 -31.60
N ILE C 118 -2.52 23.88 -30.37
CA ILE C 118 -2.37 25.24 -29.89
C ILE C 118 -1.11 25.34 -29.04
N MET C 119 -0.33 26.38 -29.27
CA MET C 119 0.86 26.66 -28.48
C MET C 119 0.50 27.61 -27.35
N SER C 120 0.86 27.29 -26.10
CA SER C 120 0.68 28.25 -25.01
C SER C 120 2.01 28.88 -24.72
N ILE C 121 2.06 30.21 -24.74
CA ILE C 121 3.30 30.95 -24.56
C ILE C 121 3.40 31.45 -23.13
N SER C 122 4.44 31.02 -22.42
CA SER C 122 4.67 31.52 -21.04
C SER C 122 5.21 32.94 -21.05
N ALA C 123 4.74 33.77 -20.13
CA ALA C 123 5.35 35.10 -19.95
C ALA C 123 6.82 35.03 -19.62
N TYR C 124 7.24 33.92 -19.02
CA TYR C 124 8.65 33.68 -18.70
C TYR C 124 9.45 32.94 -19.80
N SER C 125 8.96 32.98 -21.02
CA SER C 125 9.72 32.46 -22.17
C SER C 125 11.08 33.10 -22.30
N GLY C 126 12.06 32.30 -22.69
CA GLY C 126 13.40 32.79 -23.00
C GLY C 126 13.46 33.41 -24.40
N ALA C 127 12.48 33.08 -25.22
CA ALA C 127 12.38 33.62 -26.59
C ALA C 127 11.43 34.83 -26.64
N THR C 128 11.63 35.72 -27.62
CA THR C 128 10.72 36.83 -27.83
C THR C 128 9.48 36.35 -28.59
N PHE C 129 8.41 37.13 -28.58
CA PHE C 129 7.22 36.85 -29.39
C PHE C 129 7.62 36.63 -30.86
N GLU C 130 8.53 37.46 -31.37
CA GLU C 130 8.91 37.34 -32.78
C GLU C 130 9.63 36.01 -33.03
N GLU C 131 10.48 35.58 -32.10
CA GLU C 131 11.19 34.31 -32.26
C GLU C 131 10.21 33.13 -32.24
N ILE C 132 9.22 33.23 -31.36
CA ILE C 132 8.22 32.16 -31.26
C ILE C 132 7.37 32.19 -32.50
N SER C 133 7.03 33.38 -32.97
CA SER C 133 6.13 33.48 -34.14
C SER C 133 6.74 32.89 -35.39
N GLU C 134 8.05 33.03 -35.55
CA GLU C 134 8.64 32.42 -36.72
C GLU C 134 8.58 30.92 -36.64
N GLY C 135 8.61 30.35 -35.43
CA GLY C 135 8.41 28.89 -35.34
C GLY C 135 6.98 28.45 -35.59
N LEU C 136 6.03 29.28 -35.21
CA LEU C 136 4.59 28.97 -35.36
C LEU C 136 4.10 29.08 -36.78
N ASN C 137 4.75 29.91 -37.58
CA ASN C 137 4.31 30.09 -38.96
C ASN C 137 2.81 30.27 -39.15
N GLY C 138 2.23 31.15 -38.33
CA GLY C 138 0.81 31.42 -38.38
C GLY C 138 -0.11 30.54 -37.54
N GLY C 139 0.44 29.53 -36.88
CA GLY C 139 -0.34 28.62 -36.06
C GLY C 139 -0.92 29.32 -34.84
N PRO C 140 -1.97 28.71 -34.23
CA PRO C 140 -2.70 29.35 -33.12
C PRO C 140 -1.88 29.39 -31.86
N ARG C 141 -2.02 30.48 -31.11
CA ARG C 141 -1.34 30.55 -29.82
C ARG C 141 -2.19 31.25 -28.77
N TRP C 142 -1.98 30.83 -27.53
CA TRP C 142 -2.57 31.47 -26.35
C TRP C 142 -1.46 31.96 -25.48
N PHE C 143 -1.69 33.08 -24.78
CA PHE C 143 -0.65 33.70 -24.00
C PHE C 143 -0.90 33.55 -22.51
N GLN C 144 0.10 33.05 -21.79
CA GLN C 144 -0.04 32.86 -20.34
C GLN C 144 0.62 33.98 -19.58
N ILE C 145 -0.17 34.71 -18.83
CA ILE C 145 0.36 35.87 -18.09
C ILE C 145 0.65 35.52 -16.64
N TYR C 146 1.76 36.03 -16.18
CA TYR C 146 2.05 36.15 -14.78
C TYR C 146 1.95 37.66 -14.54
N MET C 147 1.01 38.04 -13.70
CA MET C 147 0.65 39.44 -13.48
C MET C 147 1.67 40.17 -12.68
N ALA C 148 1.87 41.41 -13.09
CA ALA C 148 2.72 42.36 -12.41
C ALA C 148 1.87 43.11 -11.43
N LYS C 149 2.52 43.67 -10.42
CA LYS C 149 1.84 44.57 -9.51
C LYS C 149 1.36 45.83 -10.25
N ASP C 150 2.16 46.32 -11.20
CA ASP C 150 1.83 47.54 -11.98
C ASP C 150 0.80 47.30 -13.11
N ASP C 151 -0.34 47.98 -13.01
CA ASP C 151 -1.42 47.85 -13.98
C ASP C 151 -1.01 48.14 -15.42
N GLN C 152 -0.22 49.19 -15.61
CA GLN C 152 0.24 49.54 -16.97
C GLN C 152 1.13 48.43 -17.58
N GLN C 153 1.98 47.81 -16.77
CA GLN C 153 2.77 46.69 -17.28
C GLN C 153 1.87 45.52 -17.70
N ASN C 154 0.83 45.22 -16.93
CA ASN C 154 -0.15 44.21 -17.38
C ASN C 154 -0.84 44.61 -18.68
N ARG C 155 -1.27 45.85 -18.78
CA ARG C 155 -1.85 46.32 -20.04
C ARG C 155 -0.90 46.16 -21.22
N ASP C 156 0.36 46.49 -21.01
CA ASP C 156 1.33 46.48 -22.10
C ASP C 156 1.62 45.06 -22.56
N ILE C 157 1.86 44.16 -21.60
CA ILE C 157 2.10 42.75 -21.92
C ILE C 157 0.91 42.12 -22.67
N LEU C 158 -0.30 42.42 -22.24
CA LEU C 158 -1.48 41.89 -22.89
C LEU C 158 -1.64 42.47 -24.30
N ASP C 159 -1.31 43.74 -24.46
CA ASP C 159 -1.39 44.33 -25.79
C ASP C 159 -0.38 43.67 -26.71
N GLU C 160 0.81 43.39 -26.21
CA GLU C 160 1.84 42.79 -27.08
C GLU C 160 1.46 41.37 -27.44
N ALA C 161 0.92 40.65 -26.46
CA ALA C 161 0.47 39.29 -26.73
C ALA C 161 -0.65 39.24 -27.77
N LYS C 162 -1.65 40.10 -27.60
CA LYS C 162 -2.73 40.18 -28.56
C LYS C 162 -2.22 40.59 -29.96
N GLY C 163 -1.29 41.56 -29.98
CA GLY C 163 -0.64 41.99 -31.26
C GLY C 163 0.13 40.86 -31.95
N ASP C 164 0.75 40.00 -31.15
CA ASP C 164 1.39 38.80 -31.68
C ASP C 164 0.39 37.76 -32.25
N GLY C 165 -0.85 37.87 -31.84
CA GLY C 165 -1.89 36.98 -32.34
C GLY C 165 -2.53 36.04 -31.34
N ALA C 166 -2.29 36.26 -30.04
CA ALA C 166 -2.97 35.43 -29.03
C ALA C 166 -4.48 35.48 -29.18
N THR C 167 -5.13 34.32 -29.09
CA THR C 167 -6.59 34.22 -29.19
C THR C 167 -7.26 33.82 -27.87
N ALA C 168 -6.46 33.62 -26.85
CA ALA C 168 -6.91 33.48 -25.46
C ALA C 168 -5.76 33.86 -24.55
N ILE C 169 -6.13 34.23 -23.32
CA ILE C 169 -5.19 34.57 -22.26
C ILE C 169 -5.38 33.56 -21.13
N ILE C 170 -4.28 33.06 -20.60
CA ILE C 170 -4.29 32.11 -19.50
C ILE C 170 -3.70 32.86 -18.30
N LEU C 171 -4.52 33.05 -17.26
CA LEU C 171 -4.04 33.63 -16.00
C LEU C 171 -3.60 32.48 -15.08
N THR C 172 -2.30 32.34 -14.90
CA THR C 172 -1.80 31.35 -13.97
C THR C 172 -1.76 32.02 -12.62
N ALA C 173 -2.56 31.51 -11.69
CA ALA C 173 -2.72 32.16 -10.40
C ALA C 173 -2.32 31.31 -9.21
N ASP C 174 -1.68 30.17 -9.49
CA ASP C 174 -1.22 29.26 -8.42
C ASP C 174 0.25 29.42 -8.02
N SER C 175 0.88 30.52 -8.44
CA SER C 175 2.31 30.75 -8.19
C SER C 175 2.57 32.12 -7.65
N THR C 176 1.66 32.61 -6.80
CA THR C 176 1.84 33.92 -6.19
C THR C 176 3.14 33.97 -5.35
N VAL C 177 3.53 32.84 -4.76
CA VAL C 177 4.89 32.58 -4.31
C VAL C 177 5.31 31.21 -4.86
N SER C 178 6.62 30.95 -4.86
CA SER C 178 7.17 29.71 -5.39
C SER C 178 6.90 28.52 -4.50
N GLY C 179 6.76 27.36 -5.13
CA GLY C 179 6.80 26.12 -4.43
C GLY C 179 8.17 25.93 -3.78
N ASN C 180 8.20 25.02 -2.80
CA ASN C 180 9.43 24.58 -2.13
C ASN C 180 10.18 23.50 -2.92
N ARG C 181 10.86 23.95 -3.96
CA ARG C 181 11.51 23.03 -4.91
C ARG C 181 12.91 22.69 -4.45
N ASP C 182 12.99 21.62 -3.65
CA ASP C 182 14.29 21.23 -3.02
C ASP C 182 15.42 21.04 -4.02
N ARG C 183 15.17 20.45 -5.21
CA ARG C 183 16.29 20.22 -6.16
C ARG C 183 16.95 21.55 -6.51
N ASP C 184 16.14 22.57 -6.75
CA ASP C 184 16.64 23.88 -7.17
C ASP C 184 17.33 24.58 -6.06
N VAL C 185 16.83 24.42 -4.82
CA VAL C 185 17.54 24.97 -3.68
C VAL C 185 18.89 24.28 -3.47
N LYS C 186 18.91 22.94 -3.49
CA LYS C 186 20.11 22.16 -3.34
C LYS C 186 21.14 22.42 -4.45
N ASN C 187 20.66 22.64 -5.67
CA ASN C 187 21.56 22.86 -6.80
C ASN C 187 21.94 24.35 -6.95
N LYS C 188 21.40 25.19 -6.09
CA LYS C 188 21.48 26.65 -6.24
C LYS C 188 21.17 27.12 -7.67
N PHE C 189 20.06 26.63 -8.19
CA PHE C 189 19.68 26.95 -9.56
C PHE C 189 19.31 28.43 -9.82
N VAL C 190 19.85 28.95 -10.92
CA VAL C 190 19.58 30.31 -11.36
C VAL C 190 19.43 30.28 -12.87
N TYR C 191 18.54 31.09 -13.44
CA TYR C 191 18.32 31.04 -14.89
C TYR C 191 19.58 31.54 -15.58
N PRO C 192 20.05 30.82 -16.61
CA PRO C 192 21.25 31.19 -17.33
C PRO C 192 21.01 32.22 -18.45
N PHE C 193 19.79 32.73 -18.56
CA PHE C 193 19.43 33.64 -19.66
C PHE C 193 18.22 34.48 -19.27
N GLY C 194 17.90 35.47 -20.10
CA GLY C 194 16.86 36.43 -19.76
C GLY C 194 15.47 35.99 -20.13
N MET C 195 14.48 36.75 -19.66
CA MET C 195 13.08 36.58 -20.00
C MET C 195 12.59 37.87 -20.65
N PRO C 196 12.64 37.93 -21.97
CA PRO C 196 12.44 39.24 -22.61
C PRO C 196 11.01 39.80 -22.55
N ILE C 197 10.01 38.96 -22.41
CA ILE C 197 8.63 39.46 -22.36
C ILE C 197 8.30 40.20 -21.05
N VAL C 198 8.87 39.74 -19.93
CA VAL C 198 8.59 40.34 -18.62
C VAL C 198 9.75 41.17 -18.10
N GLN C 199 10.76 41.38 -18.95
CA GLN C 199 11.97 42.14 -18.59
C GLN C 199 11.64 43.41 -17.78
N ARG C 200 10.70 44.20 -18.33
CA ARG C 200 10.28 45.49 -17.75
C ARG C 200 10.10 45.52 -16.22
N TYR C 201 9.66 44.41 -15.59
CA TYR C 201 9.35 44.44 -14.15
C TYR C 201 10.28 43.67 -13.22
N LEU C 202 11.41 43.18 -13.74
CA LEU C 202 12.32 42.37 -12.91
C LEU C 202 13.54 43.16 -12.40
N THR C 205 17.62 41.85 -15.55
CA THR C 205 17.19 40.72 -16.38
C THR C 205 17.19 39.42 -15.55
N ALA C 206 16.29 38.49 -15.91
CA ALA C 206 16.10 37.22 -15.16
C ALA C 206 17.33 36.29 -15.15
N GLU C 207 18.28 36.55 -16.07
CA GLU C 207 19.60 35.89 -16.05
C GLU C 207 20.28 36.16 -14.72
N GLY C 208 20.61 35.10 -13.99
CA GLY C 208 21.21 35.25 -12.66
C GLY C 208 20.19 35.23 -11.54
N MET C 209 18.91 35.26 -11.88
CA MET C 209 17.83 35.30 -10.88
C MET C 209 17.27 33.90 -10.58
N SER C 210 16.84 33.74 -9.33
CA SER C 210 16.15 32.53 -8.89
C SER C 210 14.67 32.67 -9.24
N LEU C 211 13.96 31.54 -9.41
CA LEU C 211 12.54 31.62 -9.75
C LEU C 211 11.66 32.18 -8.63
N ASN C 212 11.96 31.82 -7.38
CA ASN C 212 11.19 32.38 -6.26
C ASN C 212 11.23 33.92 -6.23
N ASN C 213 12.34 34.54 -6.63
CA ASN C 213 12.36 36.00 -6.85
C ASN C 213 11.70 36.37 -8.18
N SER C 218 6.10 40.94 -9.25
CA SER C 218 5.00 39.94 -9.55
C SER C 218 3.85 40.00 -8.54
N LYS C 219 2.61 39.92 -9.02
CA LYS C 219 1.47 40.22 -8.16
C LYS C 219 1.08 39.05 -7.26
N GLN C 220 1.06 39.27 -5.94
CA GLN C 220 0.63 38.27 -5.00
C GLN C 220 -0.84 38.37 -4.69
N LYS C 221 -1.35 39.60 -4.56
CA LYS C 221 -2.73 39.82 -4.15
C LYS C 221 -3.70 39.75 -5.34
N ILE C 222 -3.60 38.70 -6.14
CA ILE C 222 -4.55 38.45 -7.23
C ILE C 222 -5.93 38.23 -6.62
N SER C 223 -6.96 38.89 -7.19
CA SER C 223 -8.31 38.76 -6.73
C SER C 223 -9.22 38.51 -7.94
N PRO C 224 -10.50 38.23 -7.68
CA PRO C 224 -11.36 37.98 -8.84
C PRO C 224 -11.44 39.16 -9.80
N ARG C 225 -11.24 40.36 -9.28
CA ARG C 225 -11.22 41.56 -10.10
C ARG C 225 -10.16 41.49 -11.21
N ASP C 226 -9.03 40.85 -10.92
CA ASP C 226 -8.00 40.66 -11.96
C ASP C 226 -8.52 39.86 -13.14
N ILE C 227 -9.40 38.88 -12.89
CA ILE C 227 -9.94 38.08 -13.98
C ILE C 227 -10.83 39.00 -14.82
N GLU C 228 -11.63 39.78 -14.13
CA GLU C 228 -12.54 40.73 -14.81
C GLU C 228 -11.80 41.72 -15.66
N GLU C 229 -10.69 42.23 -15.12
CA GLU C 229 -9.93 43.29 -15.77
C GLU C 229 -9.17 42.76 -16.95
N ILE C 230 -8.66 41.53 -16.86
CA ILE C 230 -7.99 40.93 -18.00
C ILE C 230 -8.98 40.70 -19.12
N ALA C 231 -10.13 40.13 -18.81
CA ALA C 231 -11.16 39.92 -19.84
C ALA C 231 -11.57 41.23 -20.51
N ALA C 232 -11.81 42.26 -19.70
CA ALA C 232 -12.23 43.54 -20.22
C ALA C 232 -11.16 44.22 -21.04
N HIS C 233 -9.91 44.15 -20.60
CA HIS C 233 -8.86 44.82 -21.35
C HIS C 233 -8.53 44.15 -22.67
N SER C 234 -8.40 42.82 -22.65
CA SER C 234 -7.92 42.08 -23.80
C SER C 234 -9.02 41.86 -24.82
N GLY C 235 -10.26 41.77 -24.37
CA GLY C 235 -11.38 41.30 -25.19
C GLY C 235 -11.22 39.88 -25.69
N LEU C 236 -10.41 39.09 -24.99
CA LEU C 236 -10.12 37.70 -25.35
C LEU C 236 -10.66 36.78 -24.27
N PRO C 237 -11.00 35.52 -24.64
CA PRO C 237 -11.35 34.55 -23.62
C PRO C 237 -10.23 34.34 -22.63
N VAL C 238 -10.56 34.30 -21.34
CA VAL C 238 -9.58 34.10 -20.28
C VAL C 238 -9.77 32.76 -19.61
N PHE C 239 -8.70 31.98 -19.54
CA PHE C 239 -8.66 30.77 -18.74
C PHE C 239 -8.03 31.08 -17.41
N VAL C 240 -8.57 30.51 -16.32
CA VAL C 240 -7.93 30.63 -15.03
C VAL C 240 -7.26 29.29 -14.72
N LYS C 241 -5.95 29.34 -14.52
CA LYS C 241 -5.11 28.13 -14.47
C LYS C 241 -4.51 27.93 -13.09
N GLY C 242 -4.59 26.67 -12.65
CA GLY C 242 -4.07 26.22 -11.34
C GLY C 242 -5.15 25.75 -10.40
N ILE C 243 -6.37 25.63 -10.92
CA ILE C 243 -7.51 25.26 -10.09
C ILE C 243 -7.48 23.82 -9.70
N GLN C 244 -7.69 23.60 -8.39
CA GLN C 244 -7.83 22.28 -7.76
C GLN C 244 -9.09 22.11 -6.87
N HIS C 245 -9.75 23.22 -6.56
CA HIS C 245 -10.90 23.24 -5.66
C HIS C 245 -12.11 23.77 -6.46
N PRO C 246 -13.27 23.08 -6.35
CA PRO C 246 -14.40 23.47 -7.21
C PRO C 246 -14.90 24.88 -6.96
N GLU C 247 -14.80 25.37 -5.74
CA GLU C 247 -15.22 26.75 -5.48
C GLU C 247 -14.48 27.77 -6.37
N ASP C 248 -13.22 27.50 -6.71
CA ASP C 248 -12.51 28.44 -7.56
C ASP C 248 -13.04 28.44 -9.00
N ALA C 249 -13.61 27.31 -9.44
CA ALA C 249 -14.25 27.27 -10.73
C ALA C 249 -15.47 28.21 -10.72
N ASP C 250 -16.28 28.14 -9.67
CA ASP C 250 -17.45 29.05 -9.54
C ASP C 250 -16.99 30.50 -9.58
N MET C 251 -15.99 30.79 -8.76
CA MET C 251 -15.44 32.14 -8.61
C MET C 251 -14.98 32.64 -9.98
N ALA C 252 -14.24 31.79 -10.72
CA ALA C 252 -13.61 32.22 -11.96
C ALA C 252 -14.69 32.52 -13.00
N ILE C 253 -15.65 31.64 -13.11
CA ILE C 253 -16.78 31.86 -14.07
C ILE C 253 -17.60 33.12 -13.71
N LYS C 254 -17.86 33.32 -12.43
CA LYS C 254 -18.57 34.53 -11.99
C LYS C 254 -17.80 35.80 -12.34
N ALA C 255 -16.46 35.70 -12.35
CA ALA C 255 -15.58 36.82 -12.62
C ALA C 255 -15.32 37.03 -14.10
N GLY C 256 -15.92 36.21 -14.95
CA GLY C 256 -15.85 36.42 -16.40
C GLY C 256 -14.94 35.48 -17.17
N ALA C 257 -14.39 34.46 -16.51
CA ALA C 257 -13.53 33.52 -17.19
C ALA C 257 -14.28 32.75 -18.26
N SER C 258 -13.59 32.51 -19.38
CA SER C 258 -14.16 31.74 -20.49
C SER C 258 -13.74 30.27 -20.48
N GLY C 259 -12.90 29.89 -19.51
CA GLY C 259 -12.41 28.50 -19.40
C GLY C 259 -11.79 28.25 -18.04
N ILE C 260 -11.78 26.99 -17.64
CA ILE C 260 -11.18 26.55 -16.37
C ILE C 260 -10.01 25.62 -16.70
N TRP C 261 -8.85 25.88 -16.14
CA TRP C 261 -7.67 25.08 -16.43
C TRP C 261 -7.21 24.43 -15.09
N VAL C 262 -7.63 23.17 -14.96
CA VAL C 262 -7.35 22.35 -13.78
C VAL C 262 -5.89 21.95 -13.86
N SER C 263 -5.17 22.22 -12.79
CA SER C 263 -3.72 22.02 -12.80
C SER C 263 -3.18 22.16 -11.38
N ASN C 264 -2.09 21.46 -11.04
CA ASN C 264 -1.30 21.80 -9.86
C ASN C 264 0.12 22.21 -10.26
N HIS C 265 0.26 22.71 -11.47
CA HIS C 265 1.55 23.24 -11.93
C HIS C 265 2.59 22.12 -11.95
N GLY C 266 2.16 20.91 -12.31
CA GLY C 266 3.09 19.80 -12.39
C GLY C 266 3.75 19.45 -11.08
N ALA C 267 3.04 19.74 -10.02
CA ALA C 267 3.51 19.52 -8.65
C ALA C 267 4.65 20.44 -8.20
N ARG C 268 4.88 21.54 -8.95
CA ARG C 268 5.96 22.51 -8.64
C ARG C 268 5.53 23.60 -7.68
N GLN C 269 4.26 23.55 -7.24
CA GLN C 269 3.73 24.57 -6.35
C GLN C 269 3.33 23.97 -4.99
N LEU C 270 2.07 24.00 -4.58
CA LEU C 270 1.78 23.54 -3.21
C LEU C 270 2.08 22.03 -3.04
N TYR C 271 2.84 21.73 -2.00
CA TYR C 271 3.25 20.38 -1.61
C TYR C 271 2.17 19.72 -0.72
N GLU C 272 2.09 18.38 -0.78
CA GLU C 272 1.18 17.65 0.17
C GLU C 272 -0.28 17.96 -0.13
N ALA C 273 -0.51 18.12 -1.44
CA ALA C 273 -1.80 18.35 -2.06
C ALA C 273 -2.17 17.11 -2.89
N PRO C 274 -3.42 17.01 -3.37
CA PRO C 274 -3.81 15.84 -4.12
C PRO C 274 -3.15 15.72 -5.47
N GLY C 275 -3.11 14.50 -5.99
CA GLY C 275 -2.80 14.34 -7.44
C GLY C 275 -3.87 15.03 -8.26
N SER C 276 -3.44 15.75 -9.27
CA SER C 276 -4.34 16.63 -10.00
C SER C 276 -5.58 15.90 -10.56
N PHE C 277 -5.39 14.71 -11.14
CA PHE C 277 -6.51 13.98 -11.70
C PHE C 277 -7.59 13.70 -10.64
N ASP C 278 -7.21 13.45 -9.39
CA ASP C 278 -8.22 13.16 -8.37
C ASP C 278 -9.16 14.36 -8.14
N THR C 279 -8.71 15.58 -8.43
CA THR C 279 -9.51 16.79 -8.18
C THR C 279 -10.48 17.12 -9.32
N LEU C 280 -10.30 16.48 -10.47
CA LEU C 280 -10.98 16.87 -11.70
C LEU C 280 -12.51 16.67 -11.63
N PRO C 281 -12.98 15.47 -11.24
CA PRO C 281 -14.44 15.28 -11.26
C PRO C 281 -15.21 16.33 -10.47
N ALA C 282 -14.75 16.67 -9.28
CA ALA C 282 -15.51 17.64 -8.46
C ALA C 282 -15.56 19.03 -9.14
N ILE C 283 -14.46 19.40 -9.82
CA ILE C 283 -14.42 20.65 -10.50
C ILE C 283 -15.34 20.61 -11.73
N ALA C 284 -15.28 19.53 -12.47
CA ALA C 284 -16.14 19.40 -13.69
C ALA C 284 -17.62 19.40 -13.27
N GLU C 285 -17.94 18.79 -12.14
CA GLU C 285 -19.35 18.79 -11.63
C GLU C 285 -19.78 20.23 -11.39
N ARG C 286 -18.93 21.02 -10.76
CA ARG C 286 -19.27 22.38 -10.41
C ARG C 286 -19.37 23.26 -11.68
N VAL C 287 -18.42 23.11 -12.60
CA VAL C 287 -18.47 23.82 -13.90
C VAL C 287 -19.76 23.52 -14.64
N ASN C 288 -20.16 22.26 -14.62
CA ASN C 288 -21.43 21.83 -15.21
C ASN C 288 -21.54 22.30 -16.67
N LYS C 289 -20.45 22.15 -17.43
CA LYS C 289 -20.40 22.46 -18.87
C LYS C 289 -20.57 23.92 -19.23
N ARG C 290 -20.49 24.82 -18.25
CA ARG C 290 -20.63 26.23 -18.56
C ARG C 290 -19.52 26.80 -19.47
N VAL C 291 -18.30 26.30 -19.26
CA VAL C 291 -17.16 26.70 -20.05
C VAL C 291 -16.27 25.46 -20.29
N PRO C 292 -15.40 25.54 -21.28
CA PRO C 292 -14.48 24.41 -21.48
C PRO C 292 -13.55 24.23 -20.31
N ILE C 293 -13.05 23.00 -20.17
CA ILE C 293 -12.07 22.65 -19.16
C ILE C 293 -10.84 22.09 -19.83
N VAL C 294 -9.69 22.66 -19.48
CA VAL C 294 -8.37 22.13 -19.80
C VAL C 294 -7.91 21.46 -18.52
N PHE C 295 -7.35 20.26 -18.66
CA PHE C 295 -6.71 19.52 -17.51
C PHE C 295 -5.24 19.32 -17.76
N ASP C 296 -4.42 19.54 -16.73
CA ASP C 296 -3.04 19.11 -16.78
C ASP C 296 -2.54 18.63 -15.45
N SER C 297 -1.29 18.16 -15.48
CA SER C 297 -0.42 17.78 -14.37
C SER C 297 -0.38 16.27 -14.21
N GLY C 298 0.50 15.64 -14.99
CA GLY C 298 0.73 14.20 -14.92
C GLY C 298 0.38 13.43 -16.17
N VAL C 299 -0.10 14.11 -17.24
CA VAL C 299 -0.44 13.35 -18.44
C VAL C 299 0.82 12.77 -19.14
N ARG C 300 0.83 11.43 -19.30
CA ARG C 300 1.97 10.72 -19.90
C ARG C 300 1.59 9.68 -20.93
N ARG C 301 0.31 9.33 -21.02
CA ARG C 301 -0.14 8.25 -21.91
C ARG C 301 -1.45 8.66 -22.55
N GLY C 302 -1.74 8.02 -23.69
CA GLY C 302 -3.07 8.13 -24.29
C GLY C 302 -4.18 7.75 -23.34
N GLU C 303 -3.93 6.76 -22.48
CA GLU C 303 -4.92 6.35 -21.46
C GLU C 303 -5.30 7.52 -20.53
N HIS C 304 -4.33 8.39 -20.26
CA HIS C 304 -4.53 9.54 -19.38
C HIS C 304 -5.39 10.60 -20.05
N VAL C 305 -5.16 10.80 -21.34
CA VAL C 305 -5.99 11.69 -22.12
C VAL C 305 -7.42 11.21 -22.04
N ALA C 306 -7.63 9.93 -22.32
CA ALA C 306 -8.98 9.35 -22.29
C ALA C 306 -9.64 9.50 -20.92
N LYS C 307 -8.90 9.18 -19.85
CA LYS C 307 -9.45 9.28 -18.54
C LYS C 307 -9.81 10.69 -18.14
N ALA C 308 -8.95 11.65 -18.49
CA ALA C 308 -9.27 13.05 -18.22
C ALA C 308 -10.57 13.44 -18.91
N LEU C 309 -10.67 13.16 -20.21
CA LEU C 309 -11.94 13.48 -20.94
C LEU C 309 -13.14 12.79 -20.34
N ALA C 310 -12.98 11.52 -19.97
CA ALA C 310 -14.10 10.76 -19.36
C ALA C 310 -14.53 11.32 -17.99
N SER C 311 -13.63 12.10 -17.38
CA SER C 311 -13.83 12.69 -16.07
C SER C 311 -14.20 14.17 -16.10
N GLY C 312 -14.44 14.73 -17.30
CA GLY C 312 -14.99 16.07 -17.40
C GLY C 312 -14.11 17.08 -18.12
N ALA C 313 -12.88 16.71 -18.46
CA ALA C 313 -12.05 17.62 -19.25
C ALA C 313 -12.50 17.67 -20.69
N ASP C 314 -12.24 18.79 -21.37
CA ASP C 314 -12.44 18.87 -22.82
C ASP C 314 -11.16 18.60 -23.61
N VAL C 315 -10.05 19.09 -23.10
CA VAL C 315 -8.72 18.80 -23.62
C VAL C 315 -7.78 18.70 -22.42
N VAL C 316 -6.60 18.14 -22.69
CA VAL C 316 -5.52 18.17 -21.71
C VAL C 316 -4.39 19.03 -22.24
N ALA C 317 -3.50 19.42 -21.35
CA ALA C 317 -2.27 20.10 -21.75
C ALA C 317 -1.06 19.26 -21.40
N LEU C 318 -0.11 19.23 -22.34
CA LEU C 318 1.13 18.46 -22.19
C LEU C 318 2.29 19.37 -21.79
N GLY C 319 3.15 18.85 -20.91
CA GLY C 319 4.28 19.60 -20.43
C GLY C 319 5.62 18.90 -20.49
N ARG C 320 6.01 18.29 -19.37
CA ARG C 320 7.36 17.69 -19.29
C ARG C 320 7.72 16.76 -20.43
N PRO C 321 6.81 15.85 -20.84
CA PRO C 321 7.26 14.93 -21.89
C PRO C 321 7.64 15.67 -23.17
N VAL C 322 6.97 16.79 -23.44
CA VAL C 322 7.29 17.53 -24.67
C VAL C 322 8.67 18.16 -24.55
N LEU C 323 8.95 18.71 -23.35
CA LEU C 323 10.24 19.32 -23.10
C LEU C 323 11.38 18.30 -23.14
N PHE C 324 11.12 17.10 -22.61
CA PHE C 324 12.11 16.02 -22.71
C PHE C 324 12.35 15.65 -24.20
N GLY C 325 11.28 15.61 -24.99
CA GLY C 325 11.41 15.42 -26.42
C GLY C 325 12.20 16.50 -27.13
N LEU C 326 11.96 17.76 -26.75
CA LEU C 326 12.72 18.87 -27.30
C LEU C 326 14.18 18.72 -26.95
N ALA C 327 14.48 18.30 -25.73
CA ALA C 327 15.90 18.07 -25.36
C ALA C 327 16.55 17.04 -26.24
N LEU C 328 15.81 16.00 -26.56
CA LEU C 328 16.36 14.84 -27.26
C LEU C 328 16.45 15.04 -28.75
N GLY C 329 15.70 15.98 -29.29
CA GLY C 329 15.62 16.14 -30.76
C GLY C 329 15.12 17.46 -31.31
N GLY C 330 15.15 18.53 -30.51
CA GLY C 330 14.65 19.79 -31.01
C GLY C 330 13.19 19.66 -31.43
N TRP C 331 12.79 20.43 -32.43
CA TRP C 331 11.36 20.51 -32.78
C TRP C 331 10.91 19.14 -33.24
N GLN C 332 11.77 18.41 -33.93
CA GLN C 332 11.38 17.10 -34.40
C GLN C 332 11.18 16.10 -33.24
N GLY C 333 12.04 16.19 -32.25
CA GLY C 333 11.91 15.44 -31.00
C GLY C 333 10.59 15.70 -30.30
N ALA C 334 10.29 16.97 -30.13
CA ALA C 334 9.03 17.41 -29.52
C ALA C 334 7.84 16.92 -30.37
N TYR C 335 7.92 17.08 -31.69
CA TYR C 335 6.92 16.53 -32.61
C TYR C 335 6.71 15.02 -32.38
N SER C 336 7.77 14.25 -32.30
CA SER C 336 7.65 12.79 -31.99
C SER C 336 6.79 12.53 -30.76
N VAL C 337 6.94 13.37 -29.75
CA VAL C 337 6.14 13.22 -28.54
C VAL C 337 4.66 13.50 -28.82
N LEU C 338 4.37 14.55 -29.57
CA LEU C 338 2.96 14.87 -29.88
C LEU C 338 2.34 13.73 -30.71
N ASP C 339 3.07 13.31 -31.73
CA ASP C 339 2.67 12.19 -32.56
C ASP C 339 2.45 10.92 -31.75
N TYR C 340 3.34 10.66 -30.79
CA TYR C 340 3.17 9.53 -29.89
C TYR C 340 1.83 9.59 -29.17
N PHE C 341 1.55 10.76 -28.58
CA PHE C 341 0.31 10.90 -27.85
C PHE C 341 -0.92 10.69 -28.74
N GLN C 342 -0.87 11.15 -29.99
CA GLN C 342 -2.00 10.97 -30.88
C GLN C 342 -2.19 9.49 -31.22
N LYS C 343 -1.08 8.81 -31.54
CA LYS C 343 -1.17 7.36 -31.86
C LYS C 343 -1.60 6.54 -30.63
N ASP C 344 -1.12 6.96 -29.47
CA ASP C 344 -1.40 6.26 -28.21
C ASP C 344 -2.91 6.41 -27.97
N LEU C 345 -3.43 7.61 -28.11
CA LEU C 345 -4.86 7.84 -27.92
C LEU C 345 -5.70 7.07 -28.94
N THR C 346 -5.25 6.99 -30.19
CA THR C 346 -5.99 6.28 -31.23
C THR C 346 -6.19 4.81 -30.84
N ARG C 347 -5.14 4.17 -30.32
CA ARG C 347 -5.26 2.78 -29.84
C ARG C 347 -6.29 2.71 -28.72
N VAL C 348 -6.19 3.63 -27.76
CA VAL C 348 -7.08 3.59 -26.62
C VAL C 348 -8.53 3.76 -27.07
N MET C 349 -8.77 4.65 -28.03
CA MET C 349 -10.13 4.91 -28.51
C MET C 349 -10.67 3.61 -29.10
N GLN C 350 -9.85 2.95 -29.90
CA GLN C 350 -10.31 1.74 -30.58
C GLN C 350 -10.69 0.68 -29.53
N LEU C 351 -9.84 0.50 -28.53
CA LEU C 351 -10.04 -0.57 -27.58
C LEU C 351 -11.15 -0.26 -26.57
N THR C 352 -11.41 1.02 -26.33
CA THR C 352 -12.46 1.42 -25.39
C THR C 352 -13.82 1.59 -26.05
N GLY C 353 -13.85 1.52 -27.38
CA GLY C 353 -15.11 1.68 -28.13
C GLY C 353 -15.49 3.12 -28.46
N SER C 354 -14.50 4.03 -28.50
CA SER C 354 -14.71 5.45 -28.75
C SER C 354 -14.44 5.77 -30.22
N GLN C 355 -15.48 6.15 -30.96
CA GLN C 355 -15.27 6.55 -32.38
C GLN C 355 -14.69 7.95 -32.52
N ASN C 356 -15.06 8.80 -31.57
CA ASN C 356 -14.70 10.19 -31.62
C ASN C 356 -14.50 10.74 -30.21
N VAL C 357 -14.11 11.99 -30.12
CA VAL C 357 -13.70 12.59 -28.85
C VAL C 357 -14.89 12.74 -27.91
N GLU C 358 -16.06 12.99 -28.46
CA GLU C 358 -17.24 13.07 -27.60
C GLU C 358 -17.53 11.72 -26.92
N ASP C 359 -17.29 10.61 -27.61
CA ASP C 359 -17.45 9.29 -27.00
C ASP C 359 -16.51 9.10 -25.80
N LEU C 360 -15.28 9.61 -25.90
CA LEU C 360 -14.33 9.54 -24.77
C LEU C 360 -14.92 10.17 -23.53
N LYS C 361 -15.62 11.29 -23.71
CA LYS C 361 -16.19 12.03 -22.60
C LYS C 361 -17.29 11.28 -21.85
N GLY C 362 -17.85 10.24 -22.47
CA GLY C 362 -18.89 9.46 -21.86
C GLY C 362 -18.49 8.10 -21.33
N LEU C 363 -17.19 7.78 -21.33
CA LEU C 363 -16.77 6.45 -20.89
C LEU C 363 -17.00 6.19 -19.42
N ASP C 364 -17.43 4.97 -19.13
CA ASP C 364 -17.46 4.44 -17.79
C ASP C 364 -16.03 4.20 -17.37
N LEU C 365 -15.75 4.38 -16.08
CA LEU C 365 -14.45 4.02 -15.52
C LEU C 365 -14.66 3.10 -14.35
N PHE C 366 -13.74 2.18 -14.17
CA PHE C 366 -13.75 1.22 -13.08
C PHE C 366 -13.02 1.83 -11.89
N ASP C 367 -13.67 1.83 -10.71
CA ASP C 367 -13.03 2.36 -9.48
C ASP C 367 -12.09 1.36 -8.87
N ASN C 368 -10.85 1.80 -8.65
CA ASN C 368 -9.85 1.03 -7.96
C ASN C 368 -9.59 1.57 -6.58
N PRO C 369 -10.24 1.01 -5.55
CA PRO C 369 -10.09 1.48 -4.18
C PRO C 369 -8.77 1.06 -3.57
N TYR C 370 -8.06 0.13 -4.19
CA TYR C 370 -6.83 -0.39 -3.61
C TYR C 370 -5.63 0.49 -3.90
N GLY C 371 -5.70 1.35 -4.91
CA GLY C 371 -4.59 2.24 -5.18
C GLY C 371 -3.49 1.56 -5.96
N TYR C 372 -2.30 2.12 -5.88
CA TYR C 372 -1.26 1.78 -6.85
C TYR C 372 -0.76 0.35 -6.69
N GLU C 373 -0.64 -0.14 -5.45
CA GLU C 373 -0.08 -1.45 -5.26
C GLU C 373 -1.15 -2.52 -5.44
N TYR C 374 -2.40 -2.10 -5.61
CA TYR C 374 -3.50 -3.00 -5.97
C TYR C 374 -3.71 -4.11 -4.91
N TYR D 8 21.30 -35.38 12.10
CA TYR D 8 20.61 -34.04 12.39
C TYR D 8 21.22 -33.34 13.60
N ASN D 9 21.95 -32.27 13.34
CA ASN D 9 22.74 -31.62 14.35
C ASN D 9 21.92 -30.51 15.03
N ALA D 10 20.97 -30.86 15.87
CA ALA D 10 20.15 -29.84 16.55
C ALA D 10 20.99 -29.06 17.52
N PRO D 11 20.63 -27.79 17.72
CA PRO D 11 21.31 -26.99 18.72
C PRO D 11 21.25 -27.61 20.09
N SER D 12 22.25 -27.28 20.90
CA SER D 12 22.35 -27.88 22.22
C SER D 12 22.71 -26.86 23.33
N GLU D 13 22.85 -25.58 23.02
CA GLU D 13 23.16 -24.55 24.05
C GLU D 13 21.94 -24.38 24.97
N ILE D 14 22.17 -24.27 26.27
CA ILE D 14 21.11 -23.98 27.24
C ILE D 14 21.48 -22.71 28.00
N LYS D 15 20.69 -21.66 27.82
CA LYS D 15 21.03 -20.34 28.37
C LYS D 15 19.85 -19.45 28.27
N TYR D 16 19.76 -18.49 29.18
CA TYR D 16 18.75 -17.44 29.05
C TYR D 16 19.21 -16.50 27.93
N ILE D 17 18.25 -15.81 27.32
CA ILE D 17 18.54 -14.87 26.24
C ILE D 17 17.86 -13.53 26.54
N ASP D 18 18.53 -12.45 26.14
CA ASP D 18 17.99 -11.11 26.43
C ASP D 18 17.11 -10.69 25.26
N VAL D 19 15.79 -10.95 25.32
CA VAL D 19 14.94 -10.71 24.16
C VAL D 19 14.57 -9.22 24.02
N VAL D 20 14.96 -8.59 22.92
CA VAL D 20 14.58 -7.20 22.68
C VAL D 20 13.21 -7.20 21.97
N ASN D 21 13.07 -8.10 21.01
CA ASN D 21 11.81 -8.32 20.33
C ASN D 21 11.91 -9.76 19.78
N THR D 22 10.79 -10.37 19.48
CA THR D 22 10.79 -11.77 19.03
C THR D 22 11.12 -11.92 17.56
N TYR D 23 10.98 -10.86 16.79
CA TYR D 23 11.25 -10.95 15.35
C TYR D 23 12.70 -11.26 15.09
N ASP D 24 13.60 -10.68 15.87
CA ASP D 24 15.00 -10.87 15.58
C ASP D 24 15.45 -12.34 15.87
N LEU D 25 14.66 -13.05 16.67
CA LEU D 25 14.99 -14.44 17.01
C LEU D 25 14.98 -15.36 15.82
N GLU D 26 14.25 -15.00 14.77
CA GLU D 26 14.15 -15.85 13.59
C GLU D 26 15.52 -15.96 12.87
N GLU D 27 16.12 -14.80 12.57
CA GLU D 27 17.41 -14.78 11.86
C GLU D 27 18.47 -15.35 12.79
N GLU D 28 18.36 -15.04 14.09
CA GLU D 28 19.34 -15.60 15.03
C GLU D 28 19.26 -17.14 15.01
N ALA D 29 18.06 -17.70 15.05
CA ALA D 29 17.93 -19.16 15.09
C ALA D 29 18.40 -19.79 13.78
N SER D 30 18.32 -19.03 12.68
CA SER D 30 18.74 -19.56 11.38
C SER D 30 20.19 -19.92 11.35
N LYS D 31 20.97 -19.35 12.27
CA LYS D 31 22.41 -19.58 12.28
C LYS D 31 22.77 -20.83 13.07
N VAL D 32 21.85 -21.36 13.86
CA VAL D 32 22.13 -22.56 14.69
C VAL D 32 21.31 -23.79 14.36
N VAL D 33 20.17 -23.62 13.71
CA VAL D 33 19.33 -24.75 13.36
C VAL D 33 19.70 -25.26 11.96
N PRO D 34 19.78 -26.59 11.78
CA PRO D 34 20.06 -27.09 10.43
C PRO D 34 19.07 -26.57 9.40
N HIS D 35 19.59 -26.32 8.21
CA HIS D 35 18.87 -25.67 7.13
C HIS D 35 17.47 -26.25 6.90
N GLY D 36 17.39 -27.56 6.66
CA GLY D 36 16.07 -28.16 6.43
C GLY D 36 15.09 -27.91 7.56
N GLY D 37 15.52 -28.21 8.78
CA GLY D 37 14.67 -28.08 9.95
C GLY D 37 14.25 -26.64 10.20
N PHE D 38 15.20 -25.75 10.04
CA PHE D 38 14.94 -24.35 10.25
C PHE D 38 13.86 -23.88 9.30
N ASN D 39 14.01 -24.20 8.03
CA ASN D 39 12.98 -23.82 7.05
C ASN D 39 11.60 -24.50 7.23
N TYR D 40 11.60 -25.71 7.76
CA TYR D 40 10.37 -26.37 8.16
C TYR D 40 9.69 -25.52 9.23
N ILE D 41 10.45 -25.04 10.22
CA ILE D 41 9.85 -24.27 11.30
C ILE D 41 9.37 -22.89 10.81
N ALA D 42 10.23 -22.21 10.04
CA ALA D 42 9.97 -20.82 9.70
C ALA D 42 8.97 -20.67 8.57
N GLY D 43 8.93 -21.64 7.68
CA GLY D 43 8.23 -21.50 6.42
C GLY D 43 6.70 -21.64 6.52
N ALA D 44 6.06 -21.33 5.41
CA ALA D 44 4.61 -21.35 5.33
C ALA D 44 4.19 -21.63 3.90
N SER D 45 2.89 -21.63 3.65
CA SER D 45 2.44 -22.04 2.33
C SER D 45 2.67 -21.01 1.21
N GLY D 46 2.86 -21.52 0.02
CA GLY D 46 2.98 -20.70 -1.16
C GLY D 46 4.22 -19.80 -1.06
N ASP D 47 4.05 -18.53 -1.40
CA ASP D 47 5.10 -17.51 -1.23
C ASP D 47 4.98 -16.81 0.10
N GLU D 48 4.20 -17.37 1.03
CA GLU D 48 4.11 -16.94 2.40
C GLU D 48 3.34 -15.63 2.60
N TRP D 49 2.59 -15.20 1.58
CA TRP D 49 1.76 -14.01 1.70
C TRP D 49 0.80 -14.07 2.90
N THR D 50 0.21 -15.24 3.20
CA THR D 50 -0.70 -15.31 4.32
C THR D 50 0.04 -15.28 5.66
N LYS D 51 1.31 -15.74 5.71
CA LYS D 51 2.10 -15.55 6.92
C LYS D 51 2.37 -14.08 7.13
N ARG D 52 2.62 -13.35 6.04
CA ARG D 52 2.82 -11.89 6.14
C ARG D 52 1.50 -11.24 6.57
N ALA D 53 0.40 -11.78 6.05
CA ALA D 53 -0.92 -11.25 6.41
C ALA D 53 -1.20 -11.45 7.89
N ASN D 54 -0.82 -12.61 8.43
CA ASN D 54 -0.96 -12.79 9.88
C ASN D 54 -0.22 -11.67 10.66
N ASP D 55 0.97 -11.30 10.21
CA ASP D 55 1.72 -10.28 10.89
C ASP D 55 1.15 -8.87 10.69
N ARG D 56 0.78 -8.56 9.45
CA ARG D 56 0.35 -7.21 9.11
C ARG D 56 -1.08 -6.96 9.60
N ALA D 57 -1.81 -8.04 9.86
CA ALA D 57 -3.17 -7.88 10.40
C ALA D 57 -3.19 -7.05 11.69
N TRP D 58 -2.12 -7.14 12.48
CA TRP D 58 -2.04 -6.39 13.76
C TRP D 58 -2.09 -4.89 13.55
N LYS D 59 -1.75 -4.40 12.38
CA LYS D 59 -1.80 -2.94 12.14
C LYS D 59 -3.18 -2.48 11.67
N HIS D 60 -4.12 -3.42 11.52
CA HIS D 60 -5.49 -3.04 11.15
C HIS D 60 -6.27 -2.40 12.27
N LYS D 61 -5.95 -2.81 13.48
CA LYS D 61 -6.62 -2.32 14.69
C LYS D 61 -5.52 -1.84 15.62
N LEU D 62 -5.57 -0.59 16.01
CA LEU D 62 -4.47 0.01 16.74
C LEU D 62 -4.90 0.34 18.18
N LEU D 63 -4.00 0.18 19.12
CA LEU D 63 -4.27 0.48 20.51
C LEU D 63 -4.20 1.97 20.80
N TYR D 64 -5.02 2.42 21.74
CA TYR D 64 -4.92 3.79 22.24
C TYR D 64 -4.16 3.83 23.55
N PRO D 65 -3.25 4.81 23.71
CA PRO D 65 -2.78 5.07 25.07
C PRO D 65 -3.93 5.73 25.79
N ARG D 66 -4.10 5.43 27.08
CA ARG D 66 -5.09 6.10 27.90
C ARG D 66 -4.46 6.65 29.16
N LEU D 67 -4.94 7.80 29.56
CA LEU D 67 -4.30 8.62 30.57
C LEU D 67 -5.14 8.80 31.82
N ALA D 68 -4.44 8.99 32.94
CA ALA D 68 -5.09 9.20 34.27
C ALA D 68 -6.12 8.11 34.55
N GLN D 69 -5.70 6.88 34.29
CA GLN D 69 -6.61 5.74 34.38
C GLN D 69 -6.62 5.08 35.76
N ASP D 70 -5.84 5.61 36.69
CA ASP D 70 -5.77 5.06 38.07
C ASP D 70 -5.33 3.61 38.10
N VAL D 71 -4.27 3.33 37.36
CA VAL D 71 -3.75 2.00 37.16
C VAL D 71 -2.30 1.96 37.59
N GLU D 72 -1.94 0.87 38.26
CA GLU D 72 -0.56 0.61 38.70
C GLU D 72 -0.43 -0.89 38.91
N ALA D 73 0.76 -1.42 38.61
CA ALA D 73 1.04 -2.86 38.83
C ALA D 73 -0.02 -3.77 38.20
N PRO D 74 -0.16 -3.71 36.86
CA PRO D 74 -1.17 -4.55 36.21
C PRO D 74 -1.01 -6.05 36.49
N ASP D 75 -2.13 -6.74 36.55
CA ASP D 75 -2.14 -8.18 36.86
C ASP D 75 -2.37 -8.89 35.55
N THR D 76 -1.37 -9.59 35.05
CA THR D 76 -1.51 -10.39 33.81
C THR D 76 -2.20 -11.73 33.99
N SER D 77 -2.51 -12.16 35.22
CA SER D 77 -2.97 -13.54 35.40
C SER D 77 -4.41 -13.72 34.93
N THR D 78 -4.74 -14.95 34.56
CA THR D 78 -6.11 -15.25 34.19
C THR D 78 -6.40 -16.72 34.53
N GLU D 79 -7.59 -17.18 34.16
CA GLU D 79 -8.02 -18.58 34.40
C GLU D 79 -8.69 -19.06 33.13
N ILE D 80 -8.42 -20.30 32.74
CA ILE D 80 -9.12 -20.90 31.61
C ILE D 80 -9.34 -22.39 31.90
N LEU D 81 -10.60 -22.79 31.75
CA LEU D 81 -11.07 -24.13 32.05
C LEU D 81 -10.53 -24.60 33.41
N GLY D 82 -10.58 -23.69 34.38
CA GLY D 82 -10.17 -24.00 35.76
C GLY D 82 -8.70 -23.81 36.08
N HIS D 83 -7.85 -23.68 35.07
CA HIS D 83 -6.43 -23.49 35.28
C HIS D 83 -6.04 -22.05 35.51
N LYS D 84 -5.39 -21.74 36.63
CA LYS D 84 -4.88 -20.38 36.89
C LYS D 84 -3.53 -20.27 36.19
N ILE D 85 -3.36 -19.27 35.31
CA ILE D 85 -2.11 -19.16 34.56
C ILE D 85 -1.56 -17.75 34.72
N LYS D 86 -0.26 -17.61 34.55
CA LYS D 86 0.44 -16.39 34.93
C LYS D 86 0.15 -15.20 34.04
N ALA D 87 -0.19 -15.52 32.79
CA ALA D 87 -0.50 -14.54 31.75
C ALA D 87 -1.43 -15.18 30.77
N PRO D 88 -2.13 -14.38 29.94
CA PRO D 88 -3.17 -14.95 29.09
C PRO D 88 -2.61 -15.52 27.80
N PHE D 89 -1.61 -16.38 27.94
CA PHE D 89 -1.10 -17.12 26.81
C PHE D 89 -0.67 -18.49 27.24
N ILE D 90 -0.79 -19.42 26.30
CA ILE D 90 -0.37 -20.80 26.48
C ILE D 90 0.58 -21.21 25.36
N MET D 91 1.21 -22.39 25.47
CA MET D 91 2.03 -22.91 24.40
C MET D 91 1.19 -23.60 23.36
N ALA D 92 1.32 -23.20 22.10
CA ALA D 92 0.61 -23.88 21.02
C ALA D 92 1.16 -25.28 20.83
N PRO D 93 0.30 -26.20 20.35
CA PRO D 93 0.76 -27.54 19.98
C PRO D 93 1.59 -27.55 18.71
N ILE D 94 2.84 -28.00 18.83
CA ILE D 94 3.85 -28.02 17.76
C ILE D 94 4.56 -29.36 17.91
N GLY D 95 4.63 -30.12 16.83
CA GLY D 95 5.38 -31.39 16.87
C GLY D 95 6.86 -31.18 16.61
N ALA D 96 7.61 -32.26 16.77
CA ALA D 96 9.00 -32.27 16.36
C ALA D 96 9.84 -31.09 16.89
N HIS D 97 9.75 -30.78 18.18
CA HIS D 97 10.62 -29.73 18.77
C HIS D 97 12.07 -30.07 18.68
N GLY D 98 12.39 -31.36 18.48
CA GLY D 98 13.74 -31.80 18.25
C GLY D 98 14.41 -31.19 17.03
N LEU D 99 13.62 -30.64 16.10
CA LEU D 99 14.19 -29.87 15.01
C LEU D 99 14.85 -28.59 15.47
N ALA D 100 14.32 -28.04 16.56
CA ALA D 100 14.80 -26.79 17.12
C ALA D 100 15.93 -26.97 18.15
N HIS D 101 15.82 -27.98 19.00
CA HIS D 101 16.81 -28.18 20.08
C HIS D 101 16.89 -29.65 20.47
N ALA D 102 18.09 -30.13 20.80
CA ALA D 102 18.25 -31.54 21.25
C ALA D 102 17.35 -31.96 22.42
N THR D 103 17.05 -31.03 23.32
CA THR D 103 16.20 -31.31 24.46
C THR D 103 14.69 -31.38 24.11
N LYS D 104 14.36 -31.03 22.87
CA LYS D 104 13.03 -31.24 22.30
C LYS D 104 11.87 -30.84 23.20
N GLU D 105 10.77 -31.59 23.19
CA GLU D 105 9.57 -31.18 23.87
C GLU D 105 9.79 -31.11 25.38
N ALA D 106 10.76 -31.85 25.89
CA ALA D 106 10.96 -31.83 27.33
C ALA D 106 11.53 -30.47 27.74
N GLY D 107 12.30 -29.86 26.85
CA GLY D 107 12.84 -28.52 27.09
C GLY D 107 11.74 -27.50 27.11
N THR D 108 10.92 -27.50 26.07
CA THR D 108 9.81 -26.56 26.04
C THR D 108 8.86 -26.74 27.24
N ALA D 109 8.60 -28.00 27.60
CA ALA D 109 7.75 -28.30 28.71
C ALA D 109 8.29 -27.69 30.01
N ARG D 110 9.61 -27.77 30.21
CA ARG D 110 10.21 -27.25 31.42
C ARG D 110 10.01 -25.72 31.45
N ALA D 111 10.20 -25.05 30.31
CA ALA D 111 10.00 -23.59 30.27
C ALA D 111 8.56 -23.18 30.58
N VAL D 112 7.63 -23.89 30.00
CA VAL D 112 6.22 -23.58 30.13
C VAL D 112 5.73 -23.82 31.55
N SER D 113 6.13 -24.94 32.14
CA SER D 113 5.74 -25.22 33.52
C SER D 113 6.40 -24.30 34.53
N GLU D 114 7.68 -23.99 34.36
CA GLU D 114 8.38 -23.05 35.26
C GLU D 114 7.79 -21.67 35.16
N PHE D 115 7.39 -21.30 33.95
CA PHE D 115 6.81 -19.97 33.76
C PHE D 115 5.47 -19.88 34.45
N GLY D 116 4.66 -20.93 34.28
CA GLY D 116 3.33 -21.04 34.88
C GLY D 116 2.19 -20.89 33.91
N THR D 117 2.32 -21.56 32.77
CA THR D 117 1.13 -21.66 31.90
C THR D 117 0.94 -23.13 31.47
N ILE D 118 0.11 -23.32 30.46
CA ILE D 118 -0.33 -24.62 30.01
C ILE D 118 0.50 -25.04 28.79
N MET D 119 0.96 -26.29 28.81
CA MET D 119 1.68 -26.89 27.69
C MET D 119 0.70 -27.65 26.79
N SER D 120 0.68 -27.37 25.49
CA SER D 120 -0.10 -28.20 24.53
C SER D 120 0.84 -29.17 23.85
N ILE D 121 0.50 -30.47 23.93
CA ILE D 121 1.35 -31.53 23.45
C ILE D 121 0.83 -31.98 22.11
N SER D 122 1.66 -31.85 21.08
CA SER D 122 1.26 -32.33 19.75
C SER D 122 1.33 -33.85 19.68
N ALA D 123 0.35 -34.43 19.02
CA ALA D 123 0.43 -35.83 18.67
C ALA D 123 1.66 -36.20 17.86
N TYR D 124 2.25 -35.22 17.14
CA TYR D 124 3.43 -35.40 16.31
C TYR D 124 4.69 -35.00 17.08
N SER D 125 4.59 -34.98 18.40
CA SER D 125 5.79 -34.76 19.22
C SER D 125 6.87 -35.81 18.91
N GLY D 126 8.14 -35.42 18.99
CA GLY D 126 9.24 -36.36 18.90
C GLY D 126 9.62 -37.00 20.25
N ALA D 127 9.00 -36.53 21.31
CA ALA D 127 9.20 -37.06 22.66
C ALA D 127 7.99 -37.96 23.05
N THR D 128 8.19 -38.92 23.95
CA THR D 128 7.11 -39.71 24.49
C THR D 128 6.38 -38.92 25.58
N PHE D 129 5.18 -39.34 25.96
CA PHE D 129 4.50 -38.76 27.09
C PHE D 129 5.40 -38.76 28.31
N GLU D 130 6.13 -39.85 28.53
CA GLU D 130 6.96 -39.94 29.74
C GLU D 130 8.06 -38.87 29.73
N GLU D 131 8.74 -38.73 28.58
CA GLU D 131 9.77 -37.68 28.47
C GLU D 131 9.25 -36.25 28.71
N ILE D 132 8.12 -35.94 28.09
CA ILE D 132 7.51 -34.62 28.27
C ILE D 132 7.09 -34.41 29.74
N SER D 133 6.44 -35.43 30.34
CA SER D 133 5.97 -35.35 31.73
C SER D 133 7.12 -35.07 32.72
N GLU D 134 8.27 -35.65 32.43
CA GLU D 134 9.48 -35.37 33.20
C GLU D 134 9.81 -33.86 33.15
N GLY D 135 9.67 -33.25 31.98
CA GLY D 135 9.92 -31.82 31.85
C GLY D 135 8.87 -30.95 32.51
N LEU D 136 7.61 -31.37 32.46
CA LEU D 136 6.51 -30.62 33.09
C LEU D 136 6.51 -30.65 34.58
N ASN D 137 7.05 -31.73 35.14
CA ASN D 137 7.10 -31.85 36.58
C ASN D 137 5.81 -31.46 37.27
N GLY D 138 4.68 -32.00 36.82
CA GLY D 138 3.40 -31.74 37.47
C GLY D 138 2.56 -30.65 36.83
N GLY D 139 3.16 -29.89 35.92
CA GLY D 139 2.48 -28.78 35.28
C GLY D 139 1.29 -29.19 34.43
N PRO D 140 0.34 -28.27 34.21
CA PRO D 140 -0.86 -28.59 33.42
C PRO D 140 -0.56 -28.77 31.94
N ARG D 141 -1.34 -29.65 31.31
CA ARG D 141 -1.13 -29.93 29.92
C ARG D 141 -2.42 -30.29 29.23
N TRP D 142 -2.49 -29.93 27.95
CA TRP D 142 -3.59 -30.26 27.04
C TRP D 142 -2.97 -31.07 25.91
N PHE D 143 -3.75 -32.03 25.34
CA PHE D 143 -3.22 -32.89 24.33
C PHE D 143 -3.93 -32.62 23.00
N GLN D 144 -3.12 -32.41 21.97
CA GLN D 144 -3.60 -32.13 20.61
C GLN D 144 -3.52 -33.38 19.75
N ILE D 145 -4.69 -33.85 19.37
CA ILE D 145 -4.81 -35.05 18.54
C ILE D 145 -4.87 -34.71 17.06
N TYR D 146 -4.07 -35.48 16.31
CA TYR D 146 -4.29 -35.64 14.90
C TYR D 146 -4.89 -37.04 14.82
N MET D 147 -6.12 -37.07 14.33
CA MET D 147 -6.89 -38.32 14.37
C MET D 147 -6.37 -39.40 13.44
N ALA D 148 -6.31 -40.61 13.97
CA ALA D 148 -6.19 -41.85 13.17
C ALA D 148 -7.46 -42.07 12.38
N LYS D 149 -7.36 -42.82 11.27
CA LYS D 149 -8.56 -43.33 10.59
C LYS D 149 -9.27 -44.38 11.44
N ASP D 150 -8.51 -45.18 12.18
CA ASP D 150 -9.05 -46.29 12.98
C ASP D 150 -9.59 -45.80 14.32
N ASP D 151 -10.87 -46.07 14.60
CA ASP D 151 -11.47 -45.60 15.84
C ASP D 151 -10.71 -46.10 17.08
N GLN D 152 -10.30 -47.37 17.10
CA GLN D 152 -9.65 -47.91 18.31
C GLN D 152 -8.35 -47.17 18.61
N GLN D 153 -7.60 -46.86 17.57
CA GLN D 153 -6.36 -46.13 17.76
C GLN D 153 -6.61 -44.73 18.36
N ASN D 154 -7.69 -44.08 17.97
CA ASN D 154 -8.07 -42.77 18.58
C ASN D 154 -8.44 -42.96 20.06
N ARG D 155 -9.14 -44.05 20.34
CA ARG D 155 -9.50 -44.37 21.73
C ARG D 155 -8.23 -44.55 22.57
N ASP D 156 -7.27 -45.30 22.03
CA ASP D 156 -5.99 -45.58 22.70
C ASP D 156 -5.16 -44.30 22.96
N ILE D 157 -5.03 -43.49 21.92
CA ILE D 157 -4.25 -42.23 22.04
C ILE D 157 -4.88 -41.31 23.07
N LEU D 158 -6.20 -41.19 23.04
CA LEU D 158 -6.90 -40.35 23.96
C LEU D 158 -6.75 -40.88 25.41
N ASP D 159 -6.83 -42.19 25.56
CA ASP D 159 -6.66 -42.80 26.89
C ASP D 159 -5.24 -42.57 27.40
N GLU D 160 -4.23 -42.71 26.54
CA GLU D 160 -2.87 -42.47 26.97
C GLU D 160 -2.64 -41.00 27.35
N ALA D 161 -3.24 -40.09 26.57
CA ALA D 161 -3.16 -38.65 26.87
C ALA D 161 -3.77 -38.30 28.22
N LYS D 162 -4.97 -38.80 28.46
CA LYS D 162 -5.69 -38.54 29.68
C LYS D 162 -4.92 -39.17 30.85
N GLY D 163 -4.43 -40.40 30.67
CA GLY D 163 -3.64 -41.06 31.71
C GLY D 163 -2.35 -40.34 32.05
N ASP D 164 -1.80 -39.63 31.07
CA ASP D 164 -0.64 -38.80 31.31
C ASP D 164 -1.01 -37.53 32.08
N GLY D 165 -2.29 -37.19 32.15
CA GLY D 165 -2.74 -36.00 32.85
C GLY D 165 -3.35 -34.88 32.03
N ALA D 166 -3.62 -35.09 30.75
CA ALA D 166 -4.28 -34.04 29.99
C ALA D 166 -5.64 -33.67 30.59
N THR D 167 -5.89 -32.36 30.67
CA THR D 167 -7.15 -31.80 31.17
C THR D 167 -8.03 -31.19 30.05
N ALA D 168 -7.53 -31.23 28.82
CA ALA D 168 -8.37 -30.89 27.66
C ALA D 168 -7.79 -31.56 26.46
N ILE D 169 -8.62 -31.75 25.43
CA ILE D 169 -8.20 -32.30 24.16
C ILE D 169 -8.40 -31.22 23.10
N ILE D 170 -7.40 -31.08 22.26
CA ILE D 170 -7.42 -30.17 21.10
C ILE D 170 -7.48 -30.98 19.82
N LEU D 171 -8.55 -30.83 19.08
CA LEU D 171 -8.69 -31.48 17.78
C LEU D 171 -8.26 -30.53 16.69
N THR D 172 -7.10 -30.78 16.09
CA THR D 172 -6.66 -29.96 14.96
C THR D 172 -7.25 -30.52 13.70
N ALA D 173 -8.13 -29.72 13.08
CA ALA D 173 -8.92 -30.17 11.94
C ALA D 173 -8.61 -29.45 10.66
N ASP D 174 -7.60 -28.57 10.69
CA ASP D 174 -7.25 -27.81 9.48
C ASP D 174 -6.08 -28.38 8.66
N SER D 175 -5.70 -29.64 8.91
CA SER D 175 -4.57 -30.25 8.29
C SER D 175 -4.96 -31.64 7.74
N THR D 176 -6.19 -31.78 7.24
CA THR D 176 -6.61 -33.05 6.64
C THR D 176 -5.72 -33.45 5.47
N VAL D 177 -5.21 -32.47 4.74
CA VAL D 177 -4.07 -32.61 3.85
C VAL D 177 -3.06 -31.50 4.16
N SER D 178 -1.83 -31.65 3.71
CA SER D 178 -0.77 -30.63 3.92
C SER D 178 -1.02 -29.36 3.16
N GLY D 179 -0.62 -28.24 3.74
CA GLY D 179 -0.47 -27.04 2.96
C GLY D 179 0.62 -27.19 1.93
N ASN D 180 0.61 -26.26 0.98
CA ASN D 180 1.63 -26.20 -0.08
C ASN D 180 2.87 -25.47 0.37
N ARG D 181 3.71 -26.18 1.13
CA ARG D 181 4.84 -25.54 1.81
C ARG D 181 6.07 -25.61 0.91
N ASP D 182 6.25 -24.59 0.08
CA ASP D 182 7.27 -24.64 -0.97
C ASP D 182 8.69 -24.82 -0.39
N ARG D 183 8.99 -24.23 0.76
CA ARG D 183 10.36 -24.42 1.31
C ARG D 183 10.63 -25.91 1.50
N ASP D 184 9.67 -26.62 2.08
CA ASP D 184 9.83 -28.05 2.44
C ASP D 184 9.93 -28.88 1.17
N VAL D 185 9.18 -28.49 0.13
CA VAL D 185 9.25 -29.19 -1.17
C VAL D 185 10.64 -29.02 -1.76
N LYS D 186 11.13 -27.78 -1.82
CA LYS D 186 12.40 -27.46 -2.42
C LYS D 186 13.57 -28.06 -1.63
N ASN D 187 13.42 -28.17 -0.32
CA ASN D 187 14.49 -28.77 0.50
C ASN D 187 14.36 -30.28 0.64
N LYS D 188 13.30 -30.85 0.06
CA LYS D 188 12.97 -32.26 0.20
C LYS D 188 12.95 -32.67 1.66
N PHE D 189 12.28 -31.88 2.48
CA PHE D 189 12.32 -32.12 3.90
C PHE D 189 11.60 -33.40 4.33
N VAL D 190 12.27 -34.12 5.20
CA VAL D 190 11.75 -35.32 5.82
C VAL D 190 12.17 -35.33 7.31
N TYR D 191 11.38 -35.95 8.17
CA TYR D 191 11.70 -35.94 9.61
C TYR D 191 12.91 -36.81 9.89
N PRO D 192 13.85 -36.32 10.74
CA PRO D 192 15.06 -37.08 11.04
C PRO D 192 14.89 -37.99 12.26
N PHE D 193 13.69 -38.07 12.80
CA PHE D 193 13.36 -38.91 13.93
C PHE D 193 11.87 -39.31 13.98
N GLY D 194 11.54 -40.22 14.89
CA GLY D 194 10.20 -40.76 14.98
C GLY D 194 9.21 -39.92 15.75
N MET D 195 7.94 -40.29 15.63
CA MET D 195 6.82 -39.71 16.35
C MET D 195 6.15 -40.82 17.18
N PRO D 196 6.62 -41.03 18.41
CA PRO D 196 6.15 -42.20 19.18
C PRO D 196 4.65 -42.29 19.46
N ILE D 197 3.94 -41.15 19.58
CA ILE D 197 2.54 -41.16 19.93
C ILE D 197 1.62 -41.62 18.75
N VAL D 198 2.01 -41.31 17.52
CA VAL D 198 1.17 -41.68 16.35
C VAL D 198 1.76 -42.81 15.51
N GLN D 199 2.94 -43.28 15.89
CA GLN D 199 3.62 -44.35 15.16
C GLN D 199 2.69 -45.50 14.86
N ARG D 200 1.77 -45.79 15.79
CA ARG D 200 0.82 -46.92 15.62
C ARG D 200 0.08 -46.91 14.27
N TYR D 201 -0.13 -45.74 13.68
CA TYR D 201 -0.86 -45.68 12.41
C TYR D 201 -0.04 -45.21 11.18
N LEU D 202 1.29 -45.22 11.28
CA LEU D 202 2.18 -44.80 10.15
C LEU D 202 2.82 -45.95 9.37
N THR D 205 8.07 -45.95 10.71
CA THR D 205 7.86 -44.77 11.54
C THR D 205 7.93 -43.46 10.75
N ALA D 206 7.71 -42.36 11.47
CA ALA D 206 7.82 -41.01 10.91
C ALA D 206 9.23 -40.68 10.41
N GLU D 207 10.26 -41.31 10.98
CA GLU D 207 11.61 -41.02 10.50
C GLU D 207 11.74 -41.33 9.01
N GLY D 208 12.15 -40.34 8.24
CA GLY D 208 12.25 -40.50 6.78
C GLY D 208 10.96 -40.22 6.01
N MET D 209 9.85 -39.99 6.70
CA MET D 209 8.58 -39.63 6.05
C MET D 209 8.46 -38.13 5.84
N SER D 210 7.75 -37.76 4.77
CA SER D 210 7.35 -36.37 4.58
C SER D 210 6.09 -36.06 5.39
N LEU D 211 5.91 -34.79 5.77
CA LEU D 211 4.67 -34.43 6.45
C LEU D 211 3.42 -34.69 5.60
N ASN D 212 3.50 -34.52 4.28
CA ASN D 212 2.28 -34.79 3.51
C ASN D 212 1.80 -36.24 3.66
N ASN D 213 2.73 -37.18 3.82
CA ASN D 213 2.35 -38.58 4.02
C ASN D 213 1.94 -38.90 5.46
N ILE D 214 2.45 -38.12 6.41
CA ILE D 214 2.06 -38.25 7.79
C ILE D 214 0.62 -37.74 7.97
N TYR D 215 0.33 -36.50 7.54
CA TYR D 215 -1.06 -36.00 7.49
C TYR D 215 -1.96 -36.95 6.67
N GLY D 216 -1.36 -37.53 5.63
CA GLY D 216 -2.04 -38.51 4.78
C GLY D 216 -2.53 -39.75 5.52
N ALA D 217 -1.81 -40.16 6.58
CA ALA D 217 -2.22 -41.33 7.39
C ALA D 217 -3.31 -40.96 8.42
N SER D 218 -3.24 -39.73 8.92
CA SER D 218 -4.29 -39.22 9.75
C SER D 218 -5.62 -39.12 8.97
N LYS D 219 -6.67 -38.78 9.69
CA LYS D 219 -8.03 -38.86 9.16
C LYS D 219 -8.31 -37.64 8.25
N GLN D 220 -8.73 -37.88 7.02
CA GLN D 220 -9.22 -36.82 6.12
C GLN D 220 -10.68 -36.46 6.30
N LYS D 221 -11.51 -37.47 6.47
CA LYS D 221 -12.96 -37.27 6.50
C LYS D 221 -13.48 -36.94 7.90
N ILE D 222 -12.83 -36.00 8.56
CA ILE D 222 -13.30 -35.52 9.83
C ILE D 222 -14.66 -34.87 9.64
N SER D 223 -15.58 -35.16 10.55
CA SER D 223 -16.93 -34.65 10.51
C SER D 223 -17.34 -34.16 11.91
N PRO D 224 -18.51 -33.54 12.03
CA PRO D 224 -18.91 -33.11 13.36
C PRO D 224 -19.04 -34.27 14.37
N ARG D 225 -19.38 -35.46 13.89
CA ARG D 225 -19.43 -36.68 14.70
C ARG D 225 -18.10 -36.95 15.43
N ASP D 226 -16.96 -36.65 14.79
CA ASP D 226 -15.68 -36.80 15.48
C ASP D 226 -15.54 -35.93 16.72
N ILE D 227 -16.03 -34.71 16.66
CA ILE D 227 -15.98 -33.83 17.81
C ILE D 227 -16.82 -34.44 18.93
N GLU D 228 -18.07 -34.84 18.59
CA GLU D 228 -18.97 -35.47 19.59
C GLU D 228 -18.31 -36.73 20.19
N GLU D 229 -17.70 -37.55 19.33
CA GLU D 229 -17.11 -38.81 19.78
C GLU D 229 -15.88 -38.61 20.66
N ILE D 230 -15.07 -37.60 20.37
CA ILE D 230 -13.89 -37.33 21.22
C ILE D 230 -14.34 -36.82 22.60
N ALA D 231 -15.36 -35.98 22.59
CA ALA D 231 -15.95 -35.40 23.81
C ALA D 231 -16.54 -36.49 24.71
N ALA D 232 -17.34 -37.37 24.10
CA ALA D 232 -17.97 -38.48 24.85
C ALA D 232 -16.94 -39.48 25.35
N HIS D 233 -15.99 -39.83 24.51
CA HIS D 233 -15.01 -40.82 24.94
C HIS D 233 -14.04 -40.31 26.01
N SER D 234 -13.56 -39.08 25.85
CA SER D 234 -12.50 -38.60 26.73
C SER D 234 -13.08 -38.07 28.04
N GLY D 235 -14.28 -37.54 28.00
CA GLY D 235 -14.86 -36.88 29.16
C GLY D 235 -14.12 -35.61 29.54
N LEU D 236 -13.35 -35.06 28.59
CA LEU D 236 -12.56 -33.84 28.77
C LEU D 236 -13.09 -32.76 27.83
N PRO D 237 -12.94 -31.48 28.21
CA PRO D 237 -13.31 -30.40 27.28
C PRO D 237 -12.51 -30.48 26.01
N VAL D 238 -13.19 -30.34 24.88
CA VAL D 238 -12.55 -30.42 23.57
C VAL D 238 -12.54 -29.06 22.88
N PHE D 239 -11.36 -28.65 22.46
CA PHE D 239 -11.18 -27.49 21.60
C PHE D 239 -11.15 -27.93 20.16
N VAL D 240 -11.79 -27.17 19.29
CA VAL D 240 -11.63 -27.41 17.82
C VAL D 240 -10.72 -26.32 17.29
N LYS D 241 -9.60 -26.74 16.69
CA LYS D 241 -8.51 -25.86 16.31
C LYS D 241 -8.33 -25.77 14.81
N GLY D 242 -8.13 -24.52 14.35
CA GLY D 242 -7.99 -24.14 12.94
C GLY D 242 -9.17 -23.33 12.37
N ILE D 243 -10.08 -22.90 13.25
CA ILE D 243 -11.27 -22.17 12.85
C ILE D 243 -10.91 -20.77 12.37
N GLN D 244 -11.44 -20.42 11.20
CA GLN D 244 -11.36 -19.09 10.63
C GLN D 244 -12.71 -18.54 10.15
N HIS D 245 -13.75 -19.36 10.11
CA HIS D 245 -15.06 -18.97 9.59
C HIS D 245 -16.04 -19.16 10.73
N PRO D 246 -16.88 -18.16 10.99
CA PRO D 246 -17.80 -18.25 12.14
C PRO D 246 -18.75 -19.44 12.16
N GLU D 247 -19.16 -19.88 10.99
CA GLU D 247 -20.05 -21.04 10.90
C GLU D 247 -19.44 -22.26 11.55
N ASP D 248 -18.12 -22.45 11.46
CA ASP D 248 -17.48 -23.59 12.12
C ASP D 248 -17.50 -23.52 13.65
N ALA D 249 -17.53 -22.31 14.21
CA ALA D 249 -17.68 -22.16 15.64
C ALA D 249 -19.07 -22.66 16.05
N ASP D 250 -20.10 -22.26 15.29
CA ASP D 250 -21.45 -22.76 15.59
C ASP D 250 -21.46 -24.27 15.46
N MET D 251 -20.85 -24.79 14.42
CA MET D 251 -20.81 -26.24 14.18
C MET D 251 -20.10 -26.96 15.35
N ALA D 252 -18.94 -26.44 15.78
CA ALA D 252 -18.17 -27.08 16.84
C ALA D 252 -18.92 -27.09 18.16
N ILE D 253 -19.56 -25.98 18.52
CA ILE D 253 -20.28 -25.85 19.79
C ILE D 253 -21.51 -26.82 19.79
N LYS D 254 -22.18 -26.88 18.66
CA LYS D 254 -23.33 -27.77 18.50
C LYS D 254 -22.92 -29.22 18.66
N ALA D 255 -21.70 -29.56 18.21
CA ALA D 255 -21.15 -30.91 18.25
C ALA D 255 -20.49 -31.23 19.57
N GLY D 256 -20.60 -30.34 20.56
CA GLY D 256 -20.17 -30.59 21.92
C GLY D 256 -18.79 -30.07 22.28
N ALA D 257 -18.23 -29.20 21.46
CA ALA D 257 -16.93 -28.61 21.84
C ALA D 257 -17.04 -27.70 23.04
N SER D 258 -15.99 -27.66 23.85
CA SER D 258 -15.93 -26.84 25.05
C SER D 258 -15.02 -25.61 24.83
N GLY D 259 -14.53 -25.42 23.62
CA GLY D 259 -13.73 -24.26 23.27
C GLY D 259 -13.50 -24.16 21.77
N ILE D 260 -13.24 -22.93 21.33
CA ILE D 260 -12.92 -22.61 19.96
C ILE D 260 -11.49 -22.11 19.86
N TRP D 261 -10.70 -22.68 18.95
CA TRP D 261 -9.32 -22.27 18.80
C TRP D 261 -9.11 -21.72 17.39
N VAL D 262 -9.13 -20.41 17.35
CA VAL D 262 -9.05 -19.63 16.13
C VAL D 262 -7.61 -19.64 15.68
N SER D 263 -7.38 -20.08 14.44
CA SER D 263 -6.01 -20.32 13.97
C SER D 263 -6.03 -20.57 12.49
N ASN D 264 -4.93 -20.22 11.81
CA ASN D 264 -4.69 -20.75 10.49
C ASN D 264 -3.41 -21.56 10.44
N HIS D 265 -3.02 -22.14 11.57
CA HIS D 265 -1.88 -23.02 11.62
C HIS D 265 -0.60 -22.30 11.24
N GLY D 266 -0.50 -21.05 11.65
CA GLY D 266 0.68 -20.27 11.36
C GLY D 266 0.93 -20.09 9.87
N ALA D 267 -0.16 -20.04 9.11
CA ALA D 267 -0.13 -19.92 7.67
C ALA D 267 0.52 -21.12 6.94
N ARG D 268 0.63 -22.26 7.62
CA ARG D 268 1.26 -23.45 7.08
C ARG D 268 0.28 -24.33 6.33
N GLN D 269 -0.99 -23.93 6.32
CA GLN D 269 -2.02 -24.73 5.69
C GLN D 269 -2.65 -23.96 4.51
N LEU D 270 -3.91 -23.57 4.54
CA LEU D 270 -4.50 -22.95 3.34
C LEU D 270 -3.84 -21.59 2.99
N TYR D 271 -3.43 -21.48 1.75
CA TYR D 271 -2.79 -20.30 1.15
C TYR D 271 -3.83 -19.33 0.59
N GLU D 272 -3.49 -18.03 0.58
CA GLU D 272 -4.36 -16.99 -0.04
C GLU D 272 -5.67 -16.88 0.73
N ALA D 273 -5.49 -17.00 2.04
CA ALA D 273 -6.51 -16.92 3.04
C ALA D 273 -6.22 -15.64 3.88
N PRO D 274 -7.18 -15.20 4.73
CA PRO D 274 -6.91 -13.99 5.52
C PRO D 274 -5.85 -14.19 6.57
N GLY D 275 -5.27 -13.08 7.03
CA GLY D 275 -4.55 -13.09 8.29
C GLY D 275 -5.45 -13.47 9.43
N SER D 276 -4.95 -14.32 10.31
CA SER D 276 -5.84 -14.92 11.31
C SER D 276 -6.54 -13.89 12.19
N PHE D 277 -5.83 -12.82 12.59
CA PHE D 277 -6.43 -11.82 13.45
C PHE D 277 -7.66 -11.16 12.81
N ASP D 278 -7.65 -10.99 11.48
CA ASP D 278 -8.78 -10.36 10.80
C ASP D 278 -10.06 -11.18 10.94
N THR D 279 -9.90 -12.48 11.18
CA THR D 279 -11.06 -13.40 11.22
C THR D 279 -11.70 -13.44 12.62
N LEU D 280 -10.96 -12.97 13.62
CA LEU D 280 -11.31 -13.20 15.01
C LEU D 280 -12.64 -12.55 15.43
N PRO D 281 -12.86 -11.27 15.08
CA PRO D 281 -14.09 -10.63 15.57
C PRO D 281 -15.39 -11.30 15.15
N ALA D 282 -15.47 -11.74 13.90
CA ALA D 282 -16.67 -12.40 13.42
C ALA D 282 -16.91 -13.72 14.16
N ILE D 283 -15.83 -14.41 14.46
CA ILE D 283 -15.89 -15.69 15.18
C ILE D 283 -16.35 -15.42 16.61
N ALA D 284 -15.74 -14.42 17.26
CA ALA D 284 -16.10 -14.11 18.62
C ALA D 284 -17.56 -13.65 18.74
N GLU D 285 -18.05 -12.91 17.75
CA GLU D 285 -19.44 -12.49 17.75
C GLU D 285 -20.37 -13.69 17.66
N ARG D 286 -20.01 -14.67 16.82
CA ARG D 286 -20.82 -15.91 16.69
C ARG D 286 -20.77 -16.76 17.95
N VAL D 287 -19.59 -16.92 18.50
CA VAL D 287 -19.43 -17.71 19.73
C VAL D 287 -20.19 -17.10 20.88
N ASN D 288 -20.10 -15.78 21.01
CA ASN D 288 -20.81 -15.02 22.02
C ASN D 288 -20.63 -15.49 23.45
N LYS D 289 -19.37 -15.76 23.80
CA LYS D 289 -18.94 -16.24 25.10
C LYS D 289 -19.57 -17.59 25.53
N ARG D 290 -20.12 -18.36 24.60
CA ARG D 290 -20.68 -19.66 24.97
C ARG D 290 -19.56 -20.60 25.50
N VAL D 291 -18.36 -20.48 24.93
CA VAL D 291 -17.19 -21.27 25.32
C VAL D 291 -15.98 -20.35 25.22
N PRO D 292 -14.87 -20.75 25.85
CA PRO D 292 -13.62 -19.99 25.71
C PRO D 292 -13.03 -19.99 24.32
N ILE D 293 -12.38 -18.90 23.99
CA ILE D 293 -11.69 -18.78 22.71
C ILE D 293 -10.18 -18.65 22.92
N VAL D 294 -9.44 -19.54 22.26
CA VAL D 294 -7.98 -19.42 22.15
C VAL D 294 -7.68 -18.85 20.76
N PHE D 295 -6.82 -17.86 20.70
CA PHE D 295 -6.44 -17.27 19.40
C PHE D 295 -4.96 -17.57 19.11
N ASP D 296 -4.67 -17.99 17.90
CA ASP D 296 -3.28 -17.96 17.43
C ASP D 296 -3.09 -17.61 15.96
N SER D 297 -1.79 -17.53 15.60
CA SER D 297 -1.21 -17.42 14.27
C SER D 297 -0.79 -15.99 14.04
N GLY D 298 0.44 -15.70 14.50
CA GLY D 298 1.07 -14.41 14.30
C GLY D 298 1.41 -13.60 15.53
N VAL D 299 1.15 -14.11 16.72
CA VAL D 299 1.40 -13.34 17.94
C VAL D 299 2.90 -13.22 18.19
N ARG D 300 3.39 -11.97 18.18
CA ARG D 300 4.83 -11.70 18.37
C ARG D 300 5.14 -10.64 19.45
N ARG D 301 4.12 -9.96 19.94
CA ARG D 301 4.28 -8.84 20.85
C ARG D 301 3.21 -8.84 21.92
N GLY D 302 3.48 -8.14 23.00
CA GLY D 302 2.49 -7.89 24.04
C GLY D 302 1.28 -7.14 23.49
N GLU D 303 1.52 -6.26 22.52
CA GLU D 303 0.42 -5.51 21.88
C GLU D 303 -0.53 -6.45 21.17
N HIS D 304 0.01 -7.55 20.65
CA HIS D 304 -0.79 -8.55 19.93
C HIS D 304 -1.66 -9.34 20.89
N VAL D 305 -1.07 -9.73 22.03
CA VAL D 305 -1.88 -10.32 23.08
C VAL D 305 -3.05 -9.44 23.46
N ALA D 306 -2.78 -8.17 23.74
CA ALA D 306 -3.83 -7.24 24.09
C ALA D 306 -4.88 -7.12 23.00
N LYS D 307 -4.47 -6.96 21.76
CA LYS D 307 -5.44 -6.77 20.67
C LYS D 307 -6.30 -8.01 20.45
N ALA D 308 -5.69 -9.18 20.58
CA ALA D 308 -6.47 -10.42 20.48
C ALA D 308 -7.59 -10.48 21.56
N LEU D 309 -7.23 -10.22 22.82
CA LEU D 309 -8.19 -10.25 23.92
C LEU D 309 -9.26 -9.20 23.70
N ALA D 310 -8.85 -8.02 23.26
CA ALA D 310 -9.80 -6.92 23.04
C ALA D 310 -10.79 -7.27 21.94
N SER D 311 -10.40 -8.21 21.08
CA SER D 311 -11.18 -8.57 19.89
C SER D 311 -11.97 -9.87 20.09
N GLY D 312 -11.95 -10.42 21.30
CA GLY D 312 -12.80 -11.57 21.61
C GLY D 312 -12.11 -12.84 22.03
N ALA D 313 -10.77 -12.87 22.02
CA ALA D 313 -10.06 -14.02 22.56
C ALA D 313 -9.99 -13.98 24.09
N ASP D 314 -9.91 -15.17 24.70
CA ASP D 314 -9.69 -15.27 26.15
C ASP D 314 -8.21 -15.45 26.48
N VAL D 315 -7.52 -16.21 25.64
CA VAL D 315 -6.05 -16.36 25.71
C VAL D 315 -5.52 -16.50 24.30
N VAL D 316 -4.22 -16.29 24.13
CA VAL D 316 -3.56 -16.61 22.88
C VAL D 316 -2.63 -17.79 23.05
N ALA D 317 -2.29 -18.41 21.94
CA ALA D 317 -1.27 -19.44 21.96
C ALA D 317 -0.02 -18.96 21.20
N LEU D 318 1.15 -19.25 21.77
CA LEU D 318 2.46 -18.90 21.17
C LEU D 318 3.14 -20.08 20.49
N GLY D 319 3.77 -19.83 19.36
CA GLY D 319 4.42 -20.86 18.58
C GLY D 319 5.83 -20.55 18.19
N ARG D 320 6.03 -20.05 16.98
CA ARG D 320 7.36 -19.86 16.43
C ARG D 320 8.30 -19.10 17.35
N PRO D 321 7.87 -17.97 17.96
CA PRO D 321 8.85 -17.30 18.83
C PRO D 321 9.36 -18.18 19.97
N VAL D 322 8.53 -19.01 20.55
CA VAL D 322 9.00 -19.92 21.65
C VAL D 322 9.98 -20.96 21.09
N LEU D 323 9.67 -21.50 19.92
CA LEU D 323 10.51 -22.45 19.27
C LEU D 323 11.88 -21.87 18.89
N PHE D 324 11.92 -20.61 18.43
CA PHE D 324 13.18 -19.95 18.14
C PHE D 324 13.98 -19.73 19.45
N GLY D 325 13.28 -19.37 20.53
CA GLY D 325 13.91 -19.28 21.86
C GLY D 325 14.52 -20.59 22.30
N LEU D 326 13.77 -21.68 22.08
CA LEU D 326 14.30 -23.04 22.36
C LEU D 326 15.56 -23.33 21.54
N ALA D 327 15.54 -22.98 20.27
CA ALA D 327 16.72 -23.20 19.42
C ALA D 327 17.94 -22.51 19.95
N LEU D 328 17.77 -21.28 20.40
CA LEU D 328 18.88 -20.43 20.83
C LEU D 328 19.38 -20.70 22.24
N GLY D 329 18.52 -21.20 23.12
CA GLY D 329 18.89 -21.45 24.52
C GLY D 329 18.23 -22.59 25.24
N GLY D 330 17.65 -23.54 24.51
CA GLY D 330 16.97 -24.61 25.21
C GLY D 330 15.86 -24.16 26.13
N TRP D 331 15.68 -24.81 27.27
CA TRP D 331 14.52 -24.47 28.10
C TRP D 331 14.60 -23.05 28.62
N GLN D 332 15.82 -22.61 28.88
CA GLN D 332 16.01 -21.28 29.42
C GLN D 332 15.75 -20.24 28.33
N GLY D 333 16.13 -20.52 27.09
CA GLY D 333 15.82 -19.64 25.97
C GLY D 333 14.30 -19.52 25.77
N ALA D 334 13.62 -20.66 25.76
CA ALA D 334 12.16 -20.65 25.66
C ALA D 334 11.53 -19.88 26.81
N TYR D 335 12.04 -20.08 28.03
CA TYR D 335 11.51 -19.38 29.18
C TYR D 335 11.71 -17.87 29.00
N SER D 336 12.89 -17.49 28.53
CA SER D 336 13.16 -16.07 28.21
C SER D 336 12.10 -15.46 27.30
N VAL D 337 11.66 -16.21 26.32
CA VAL D 337 10.58 -15.74 25.42
C VAL D 337 9.22 -15.59 26.15
N LEU D 338 8.89 -16.52 27.03
CA LEU D 338 7.64 -16.44 27.79
C LEU D 338 7.70 -15.24 28.73
N ASP D 339 8.82 -15.09 29.40
CA ASP D 339 9.04 -13.96 30.32
C ASP D 339 8.92 -12.64 29.55
N TYR D 340 9.54 -12.57 28.38
CA TYR D 340 9.42 -11.39 27.49
C TYR D 340 7.97 -11.05 27.24
N PHE D 341 7.20 -12.02 26.83
CA PHE D 341 5.80 -11.74 26.55
C PHE D 341 5.03 -11.19 27.78
N GLN D 342 5.32 -11.76 28.95
CA GLN D 342 4.69 -11.28 30.19
C GLN D 342 5.06 -9.85 30.48
N LYS D 343 6.33 -9.52 30.36
CA LYS D 343 6.76 -8.16 30.62
C LYS D 343 6.26 -7.16 29.57
N ASP D 344 6.22 -7.63 28.34
CA ASP D 344 5.75 -6.83 27.19
C ASP D 344 4.29 -6.48 27.43
N LEU D 345 3.51 -7.49 27.77
CA LEU D 345 2.09 -7.31 28.06
C LEU D 345 1.91 -6.37 29.25
N THR D 346 2.75 -6.48 30.30
CA THR D 346 2.61 -5.61 31.47
C THR D 346 2.70 -4.15 31.07
N ARG D 347 3.68 -3.83 30.23
CA ARG D 347 3.81 -2.46 29.76
C ARG D 347 2.54 -2.00 29.02
N VAL D 348 2.11 -2.84 28.09
CA VAL D 348 0.96 -2.48 27.27
C VAL D 348 -0.28 -2.27 28.17
N MET D 349 -0.42 -3.12 29.21
CA MET D 349 -1.57 -2.95 30.12
C MET D 349 -1.50 -1.59 30.81
N GLN D 350 -0.32 -1.24 31.31
CA GLN D 350 -0.20 0.04 31.99
C GLN D 350 -0.55 1.20 31.05
N LEU D 351 -0.02 1.15 29.84
CA LEU D 351 -0.14 2.29 28.95
C LEU D 351 -1.55 2.40 28.36
N THR D 352 -2.26 1.27 28.27
CA THR D 352 -3.64 1.25 27.73
C THR D 352 -4.69 1.45 28.80
N GLY D 353 -4.28 1.45 30.07
CA GLY D 353 -5.21 1.68 31.18
C GLY D 353 -5.87 0.41 31.65
N SER D 354 -5.20 -0.72 31.47
CA SER D 354 -5.75 -2.02 31.82
C SER D 354 -5.17 -2.55 33.14
N GLN D 355 -5.99 -2.61 34.18
CA GLN D 355 -5.51 -3.12 35.46
C GLN D 355 -5.39 -4.64 35.48
N ASN D 356 -6.27 -5.30 34.75
CA ASN D 356 -6.34 -6.75 34.74
C ASN D 356 -6.72 -7.27 33.37
N VAL D 357 -6.75 -8.59 33.24
CA VAL D 357 -6.96 -9.22 31.93
C VAL D 357 -8.37 -8.93 31.41
N GLU D 358 -9.35 -8.87 32.28
CA GLU D 358 -10.69 -8.57 31.79
C GLU D 358 -10.76 -7.15 31.20
N ASP D 359 -9.97 -6.21 31.75
CA ASP D 359 -9.91 -4.85 31.18
C ASP D 359 -9.39 -4.90 29.74
N LEU D 360 -8.40 -5.75 29.46
CA LEU D 360 -7.89 -5.88 28.08
C LEU D 360 -9.04 -6.24 27.15
N LYS D 361 -9.94 -7.12 27.61
CA LYS D 361 -11.00 -7.60 26.76
C LYS D 361 -11.99 -6.52 26.37
N GLY D 362 -12.03 -5.42 27.12
CA GLY D 362 -12.94 -4.29 26.83
C GLY D 362 -12.37 -3.08 26.16
N LEU D 363 -11.09 -3.13 25.78
CA LEU D 363 -10.46 -1.99 25.14
C LEU D 363 -11.09 -1.60 23.80
N ASP D 364 -11.28 -0.30 23.62
CA ASP D 364 -11.51 0.30 22.30
C ASP D 364 -10.27 0.13 21.44
N LEU D 365 -10.48 -0.14 20.16
CA LEU D 365 -9.39 -0.18 19.17
C LEU D 365 -9.66 0.82 18.06
N PHE D 366 -8.58 1.41 17.56
CA PHE D 366 -8.64 2.39 16.47
C PHE D 366 -8.63 1.65 15.15
N ASP D 367 -9.62 1.86 14.28
CA ASP D 367 -9.62 1.19 12.97
C ASP D 367 -8.69 1.92 12.01
N ASN D 368 -7.73 1.19 11.43
CA ASN D 368 -6.80 1.70 10.45
C ASN D 368 -7.13 1.21 9.05
N PRO D 369 -7.89 2.01 8.27
CA PRO D 369 -8.26 1.55 6.92
C PRO D 369 -7.13 1.59 5.86
N TYR D 370 -6.02 2.22 6.19
CA TYR D 370 -4.92 2.34 5.28
C TYR D 370 -3.99 1.14 5.23
N GLY D 371 -4.05 0.26 6.22
CA GLY D 371 -3.24 -0.93 6.21
C GLY D 371 -1.82 -0.63 6.57
N TYR D 372 -0.93 -1.50 6.09
CA TYR D 372 0.41 -1.55 6.66
C TYR D 372 1.27 -0.36 6.29
N GLU D 373 1.14 0.14 5.05
CA GLU D 373 1.96 1.24 4.63
C GLU D 373 1.37 2.59 5.06
N TYR D 374 0.14 2.58 5.57
CA TYR D 374 -0.42 3.76 6.25
C TYR D 374 -0.60 4.94 5.29
C9A FNR E . 10.32 13.78 24.23
N10 FNR E . 9.06 13.98 24.76
CAA FNR E . 8.95 14.36 26.07
N1 FNR E . 7.72 14.79 26.52
C2 FNR E . 7.54 15.36 27.78
O2 FNR E . 6.42 15.71 28.16
N3 FNR E . 8.64 15.45 28.58
C4 FNR E . 9.90 14.99 28.17
O4 FNR E . 10.86 15.12 28.93
C4A FNR E . 10.05 14.46 26.89
N5 FNR E . 11.25 13.96 26.47
C5A FNR E . 11.40 13.74 25.12
C6 FNR E . 12.70 13.56 24.65
C7 FNR E . 12.92 13.44 23.27
C7M FNR E . 14.27 13.27 22.79
C8 FNR E . 11.85 13.47 22.37
C8M FNR E . 12.05 13.36 20.95
C9 FNR E . 10.55 13.65 22.84
C1' FNR E . 7.88 14.16 23.86
C2' FNR E . 7.82 15.52 23.17
O2' FNR E . 7.32 16.50 24.09
C3' FNR E . 6.86 15.57 21.96
O3' FNR E . 5.59 14.93 22.27
C4' FNR E . 7.49 14.90 20.71
O4' FNR E . 8.83 15.38 20.57
C5' FNR E . 6.73 15.22 19.43
O5' FNR E . 7.14 14.28 18.42
P FNR E . 8.17 14.84 17.27
O1P FNR E . 8.55 13.54 16.46
O2P FNR E . 7.38 15.78 16.30
O3P FNR E . 9.30 15.55 17.91
C PYR F . 11.44 10.83 26.68
O PYR F . 10.55 10.69 25.82
OXT PYR F . 12.64 10.49 26.42
CA PYR F . 11.05 11.43 27.98
O3 PYR F . 9.90 11.64 28.26
CB PYR F . 12.07 11.83 28.99
C1 EDO G . 11.57 10.61 10.04
O1 EDO G . 12.54 9.74 10.72
C2 EDO G . 10.15 10.37 10.56
O2 EDO G . 10.04 10.55 12.01
C9A FNR H . -2.53 -14.87 -25.92
N10 FNR H . -3.88 -14.69 -25.94
CAA FNR H . -4.53 -14.94 -27.12
N1 FNR H . -5.92 -14.94 -27.12
C2 FNR H . -6.66 -15.30 -28.24
O2 FNR H . -7.92 -15.30 -28.18
N3 FNR H . -5.96 -15.72 -29.37
C4 FNR H . -4.58 -15.67 -29.42
O4 FNR H . -3.99 -16.02 -30.45
C4A FNR H . -3.87 -15.28 -28.26
N5 FNR H . -2.50 -15.22 -28.28
C5A FNR H . -1.84 -15.12 -27.09
C6 FNR H . -0.46 -15.28 -27.08
C7 FNR H . 0.26 -15.28 -25.87
C7M FNR H . 1.68 -15.52 -25.91
C8 FNR H . -0.45 -15.06 -24.68
C8M FNR H . 0.18 -15.04 -23.38
C9 FNR H . -1.82 -14.88 -24.71
C1' FNR H . -4.67 -14.50 -24.66
C2' FNR H . -5.00 -15.84 -23.99
O2' FNR H . -6.07 -16.50 -24.73
C3' FNR H . -5.46 -15.65 -22.53
O3' FNR H . -6.50 -14.66 -22.49
C4' FNR H . -4.29 -15.24 -21.62
O4' FNR H . -3.19 -16.14 -21.90
C5' FNR H . -4.67 -15.35 -20.13
O5' FNR H . -3.68 -14.67 -19.35
P FNR H . -2.60 -15.57 -18.53
O1P FNR H . -1.64 -14.49 -17.93
O2P FNR H . -3.33 -16.28 -17.36
O3P FNR H . -1.95 -16.57 -19.48
C PYR I . -1.39 -12.29 -28.80
O PYR I . -1.84 -11.88 -27.70
OXT PYR I . -0.13 -12.43 -29.00
CA PYR I . -2.39 -12.60 -29.86
O3 PYR I . -3.56 -12.35 -29.67
CB PYR I . -2.04 -13.25 -31.14
C1 EDO J . 3.95 -13.04 -12.91
O1 EDO J . 4.93 -12.48 -13.84
C2 EDO J . 2.56 -12.37 -13.03
O2 EDO J . 2.04 -12.38 -14.37
C9A FNR K . 5.79 24.72 -15.66
N10 FNR K . 4.52 25.22 -15.54
CAA FNR K . 4.34 26.54 -15.85
N1 FNR K . 3.03 27.02 -15.89
C2 FNR K . 2.77 28.30 -16.30
O2 FNR K . 1.61 28.69 -16.37
N3 FNR K . 3.80 29.12 -16.66
C4 FNR K . 5.13 28.69 -16.61
O4 FNR K . 6.02 29.47 -16.95
C4A FNR K . 5.41 27.38 -16.18
N5 FNR K . 6.68 26.93 -16.06
C5A FNR K . 6.86 25.58 -15.93
C6 FNR K . 8.15 25.10 -16.04
C7 FNR K . 8.39 23.73 -15.97
C7M FNR K . 9.74 23.28 -16.14
C8 FNR K . 7.33 22.84 -15.77
C8M FNR K . 7.56 21.43 -15.72
C9 FNR K . 6.04 23.32 -15.63
C1' FNR K . 3.31 24.32 -15.33
C2' FNR K . 2.86 23.72 -16.67
O2' FNR K . 2.07 24.67 -17.38
C3' FNR K . 1.98 22.47 -16.48
O3' FNR K . 0.94 22.80 -15.50
C4' FNR K . 2.76 21.22 -16.01
O4' FNR K . 3.95 21.10 -16.86
C5' FNR K . 1.93 19.94 -16.11
O5' FNR K . 2.64 18.94 -15.41
P FNR K . 3.37 17.77 -16.26
O1P FNR K . 4.12 16.94 -15.17
O2P FNR K . 2.29 16.89 -16.93
O3P FNR K . 4.27 18.46 -17.26
C PYR L . 7.86 27.10 -13.13
O PYR L . 7.03 26.24 -12.74
OXT PYR L . 9.10 26.81 -13.19
CA PYR L . 7.31 28.42 -13.53
O3 PYR L . 6.14 28.67 -13.37
CB PYR L . 8.13 29.50 -14.16
C1 EDO M . 6.55 10.98 -12.84
O1 EDO M . 6.41 12.40 -12.88
C2 EDO M . 7.89 10.47 -13.40
O2 EDO M . 9.08 11.13 -12.89
C9A FNR N . 2.72 -25.95 13.99
N10 FNR N . 1.37 -26.03 14.21
CAA FNR N . 0.89 -27.22 14.64
N1 FNR N . -0.40 -27.26 15.11
C2 FNR N . -0.93 -28.43 15.68
O2 FNR N . -2.11 -28.44 16.10
N3 FNR N . -0.09 -29.51 15.77
C4 FNR N . 1.19 -29.55 15.30
O4 FNR N . 1.90 -30.60 15.44
C4A FNR N . 1.70 -28.37 14.72
N5 FNR N . 2.97 -28.33 14.20
C5A FNR N . 3.49 -27.11 13.94
C6 FNR N . 4.86 -27.02 13.70
C7 FNR N . 5.49 -25.77 13.55
C7M FNR N . 6.89 -25.75 13.35
C8 FNR N . 4.74 -24.61 13.58
C8M FNR N . 5.33 -23.30 13.41
C9 FNR N . 3.37 -24.70 13.82
C1' FNR N . 0.54 -24.79 14.38
C2' FNR N . 0.67 -24.18 15.78
O2' FNR N . -0.14 -24.85 16.76
C3' FNR N . 0.18 -22.68 15.78
O3' FNR N . -1.12 -22.60 15.17
C4' FNR N . 1.13 -21.73 15.04
O4' FNR N . 2.50 -22.01 15.50
C5' FNR N . 0.75 -20.25 15.33
O5' FNR N . 1.43 -19.48 14.38
P FNR N . 2.78 -18.64 14.85
O1P FNR N . 2.31 -17.50 15.79
O2P FNR N . 3.69 -19.63 15.62
O3P FNR N . 3.36 -18.05 13.61
C PYR O . 3.01 -28.71 11.12
O PYR O . 2.46 -27.63 10.90
OXT PYR O . 4.25 -28.84 10.79
CA PYR O . 2.23 -29.77 11.80
O3 PYR O . 1.02 -29.65 12.08
CB PYR O . 2.92 -31.02 12.20
#